data_7XLV
# 
_entry.id   7XLV 
# 
_audit_conform.dict_name       mmcif_pdbx.dic 
_audit_conform.dict_version    5.380 
_audit_conform.dict_location   http://mmcif.pdb.org/dictionaries/ascii/mmcif_pdbx.dic 
# 
loop_
_database_2.database_id 
_database_2.database_code 
_database_2.pdbx_database_accession 
_database_2.pdbx_DOI 
PDB   7XLV         pdb_00007xlv 10.2210/pdb7xlv/pdb 
WWPDB D_1300029134 ?            ?                   
# 
_pdbx_database_status.status_code                     REL 
_pdbx_database_status.status_code_sf                  REL 
_pdbx_database_status.status_code_mr                  ? 
_pdbx_database_status.entry_id                        7XLV 
_pdbx_database_status.recvd_initial_deposition_date   2022-04-23 
_pdbx_database_status.SG_entry                        N 
_pdbx_database_status.deposit_site                    PDBJ 
_pdbx_database_status.process_site                    PDBJ 
_pdbx_database_status.status_code_cs                  ? 
_pdbx_database_status.status_code_nmr_data            ? 
_pdbx_database_status.methods_development_category    ? 
_pdbx_database_status.pdb_format_compatible           Y 
# 
loop_
_audit_author.name 
_audit_author.pdbx_ordinal 
_audit_author.identifier_ORCID 
'Kondo, J.'     1 0000-0002-5682-3685 
'Cerretani, C.' 2 ?                   
'Vosch, T.'     3 ?                   
# 
_citation.abstract                  ? 
_citation.abstract_id_CAS           ? 
_citation.book_id_ISBN              ? 
_citation.book_publisher            ? 
_citation.book_publisher_city       ? 
_citation.book_title                ? 
_citation.coordinate_linkage        ? 
_citation.country                   UK 
_citation.database_id_Medline       ? 
_citation.details                   ? 
_citation.id                        primary 
_citation.journal_abbrev            'Nanoscale Adv' 
_citation.journal_id_ASTM           ? 
_citation.journal_id_CSD            ? 
_citation.journal_id_ISSN           2516-0230 
_citation.journal_full              ? 
_citation.journal_issue             ? 
_citation.journal_volume            4 
_citation.language                  ? 
_citation.page_first                3212 
_citation.page_last                 3217 
_citation.title                     
'The effect of inosine on the spectroscopic properties and crystal structure of a NIR-emitting DNA-stabilized silver nanocluster.' 
_citation.year                      2022 
_citation.database_id_CSD           ? 
_citation.pdbx_database_id_DOI      10.1039/d2na00325b 
_citation.pdbx_database_id_PubMed   36132821 
_citation.pdbx_database_id_patent   ? 
_citation.unpublished_flag          ? 
# 
loop_
_citation_author.citation_id 
_citation_author.name 
_citation_author.ordinal 
_citation_author.identifier_ORCID 
primary 'Cerretani, C.'  1 0000-0002-3048-5438 
primary 'Liisberg, M.B.' 2 0000-0001-7623-5453 
primary 'Ruck, V.'       3 0000-0002-7403-3118 
primary 'Kondo, J.'      4 0000-0002-5682-3685 
primary 'Vosch, T.'      5 0000-0001-5435-2181 
# 
_cell.angle_alpha                  90.000 
_cell.angle_alpha_esd              ? 
_cell.angle_beta                   90.000 
_cell.angle_beta_esd               ? 
_cell.angle_gamma                  90.000 
_cell.angle_gamma_esd              ? 
_cell.entry_id                     7XLV 
_cell.details                      ? 
_cell.formula_units_Z              ? 
_cell.length_a                     24.212 
_cell.length_a_esd                 ? 
_cell.length_b                     41.474 
_cell.length_b_esd                 ? 
_cell.length_c                     45.301 
_cell.length_c_esd                 ? 
_cell.volume                       ? 
_cell.volume_esd                   ? 
_cell.Z_PDB                        8 
_cell.reciprocal_angle_alpha       ? 
_cell.reciprocal_angle_beta        ? 
_cell.reciprocal_angle_gamma       ? 
_cell.reciprocal_angle_alpha_esd   ? 
_cell.reciprocal_angle_beta_esd    ? 
_cell.reciprocal_angle_gamma_esd   ? 
_cell.reciprocal_length_a          ? 
_cell.reciprocal_length_b          ? 
_cell.reciprocal_length_c          ? 
_cell.reciprocal_length_a_esd      ? 
_cell.reciprocal_length_b_esd      ? 
_cell.reciprocal_length_c_esd      ? 
_cell.pdbx_unique_axis             ? 
# 
_symmetry.entry_id                         7XLV 
_symmetry.cell_setting                     ? 
_symmetry.Int_Tables_number                19 
_symmetry.space_group_name_Hall            ? 
_symmetry.space_group_name_H-M             'P 21 21 21' 
_symmetry.pdbx_full_space_group_name_H-M   ? 
# 
loop_
_entity.id 
_entity.type 
_entity.src_method 
_entity.pdbx_description 
_entity.formula_weight 
_entity.pdbx_number_of_molecules 
_entity.pdbx_ec 
_entity.pdbx_mutation 
_entity.pdbx_fragment 
_entity.details 
1 polymer     syn 
;DNA (5'-D(*CP*AP*CP*CP*TP*AP*IP*CP*GP*A)-3')
;
2998.980 2  ? ? ? ? 
2 non-polymer syn '(4S)-2-METHYL-2,4-PENTANEDIOL'                118.174  1  ? ? ? ? 
3 non-polymer syn 'SILVER ION'                                   107.868  19 ? ? ? ? 
4 water       nat water                                          18.015   57 ? ? ? ? 
# 
_entity_poly.entity_id                      1 
_entity_poly.type                           polydeoxyribonucleotide 
_entity_poly.nstd_linkage                   no 
_entity_poly.nstd_monomer                   no 
_entity_poly.pdbx_seq_one_letter_code       '(DC)(DA)(DC)(DC)(DT)(DA)(DI)(DC)(DG)(DA)' 
_entity_poly.pdbx_seq_one_letter_code_can   CACCTAICGA 
_entity_poly.pdbx_strand_id                 A,B 
_entity_poly.pdbx_target_identifier         ? 
# 
loop_
_entity_poly_seq.entity_id 
_entity_poly_seq.num 
_entity_poly_seq.mon_id 
_entity_poly_seq.hetero 
1 1  DC n 
1 2  DA n 
1 3  DC n 
1 4  DC n 
1 5  DT n 
1 6  DA n 
1 7  DI n 
1 8  DC n 
1 9  DG n 
1 10 DA n 
# 
_pdbx_entity_src_syn.entity_id              1 
_pdbx_entity_src_syn.pdbx_src_id            1 
_pdbx_entity_src_syn.pdbx_alt_source_flag   sample 
_pdbx_entity_src_syn.pdbx_beg_seq_num       1 
_pdbx_entity_src_syn.pdbx_end_seq_num       10 
_pdbx_entity_src_syn.organism_scientific    'synthetic construct' 
_pdbx_entity_src_syn.organism_common_name   ? 
_pdbx_entity_src_syn.ncbi_taxonomy_id       32630 
_pdbx_entity_src_syn.details                ? 
# 
_struct_ref.id                         1 
_struct_ref.db_name                    PDB 
_struct_ref.db_code                    7XLV 
_struct_ref.pdbx_db_accession          7XLV 
_struct_ref.pdbx_db_isoform            ? 
_struct_ref.entity_id                  1 
_struct_ref.pdbx_seq_one_letter_code   ? 
_struct_ref.pdbx_align_begin           1 
# 
loop_
_struct_ref_seq.align_id 
_struct_ref_seq.ref_id 
_struct_ref_seq.pdbx_PDB_id_code 
_struct_ref_seq.pdbx_strand_id 
_struct_ref_seq.seq_align_beg 
_struct_ref_seq.pdbx_seq_align_beg_ins_code 
_struct_ref_seq.seq_align_end 
_struct_ref_seq.pdbx_seq_align_end_ins_code 
_struct_ref_seq.pdbx_db_accession 
_struct_ref_seq.db_align_beg 
_struct_ref_seq.pdbx_db_align_beg_ins_code 
_struct_ref_seq.db_align_end 
_struct_ref_seq.pdbx_db_align_end_ins_code 
_struct_ref_seq.pdbx_auth_seq_align_beg 
_struct_ref_seq.pdbx_auth_seq_align_end 
1 1 7XLV A 1 ? 10 ? 7XLV 1 ? 10 ? 1 10 
2 1 7XLV B 1 ? 10 ? 7XLV 1 ? 10 ? 1 10 
# 
loop_
_chem_comp.id 
_chem_comp.type 
_chem_comp.mon_nstd_flag 
_chem_comp.name 
_chem_comp.pdbx_synonyms 
_chem_comp.formula 
_chem_comp.formula_weight 
AG  non-polymer   . 'SILVER ION'                         ? 'Ag 1'            107.868 
DA  'DNA linking' y "2'-DEOXYADENOSINE-5'-MONOPHOSPHATE" ? 'C10 H14 N5 O6 P' 331.222 
DC  'DNA linking' y "2'-DEOXYCYTIDINE-5'-MONOPHOSPHATE"  ? 'C9 H14 N3 O7 P'  307.197 
DG  'DNA linking' y "2'-DEOXYGUANOSINE-5'-MONOPHOSPHATE" ? 'C10 H14 N5 O7 P' 347.221 
DI  'DNA linking' y "2'-DEOXYINOSINE-5'-MONOPHOSPHATE"   ? 'C10 H13 N4 O7 P' 332.207 
DT  'DNA linking' y "THYMIDINE-5'-MONOPHOSPHATE"         ? 'C10 H15 N2 O8 P' 322.208 
HOH non-polymer   . WATER                                ? 'H2 O'            18.015  
MPD non-polymer   . '(4S)-2-METHYL-2,4-PENTANEDIOL'      ? 'C6 H14 O2'       118.174 
# 
_exptl.absorpt_coefficient_mu     ? 
_exptl.absorpt_correction_T_max   ? 
_exptl.absorpt_correction_T_min   ? 
_exptl.absorpt_correction_type    ? 
_exptl.absorpt_process_details    ? 
_exptl.entry_id                   7XLV 
_exptl.crystals_number            1 
_exptl.details                    ? 
_exptl.method                     'X-RAY DIFFRACTION' 
_exptl.method_details             ? 
# 
_exptl_crystal.colour                      ? 
_exptl_crystal.density_diffrn              ? 
_exptl_crystal.density_Matthews            1.90 
_exptl_crystal.density_method              ? 
_exptl_crystal.density_percent_sol         35.13 
_exptl_crystal.description                 ? 
_exptl_crystal.F_000                       ? 
_exptl_crystal.id                          1 
_exptl_crystal.preparation                 ? 
_exptl_crystal.size_max                    ? 
_exptl_crystal.size_mid                    ? 
_exptl_crystal.size_min                    ? 
_exptl_crystal.size_rad                    ? 
_exptl_crystal.colour_lustre               ? 
_exptl_crystal.colour_modifier             ? 
_exptl_crystal.colour_primary              ? 
_exptl_crystal.density_meas                ? 
_exptl_crystal.density_meas_esd            ? 
_exptl_crystal.density_meas_gt             ? 
_exptl_crystal.density_meas_lt             ? 
_exptl_crystal.density_meas_temp           ? 
_exptl_crystal.density_meas_temp_esd       ? 
_exptl_crystal.density_meas_temp_gt        ? 
_exptl_crystal.density_meas_temp_lt        ? 
_exptl_crystal.pdbx_crystal_image_url      ? 
_exptl_crystal.pdbx_crystal_image_format   ? 
_exptl_crystal.pdbx_mosaicity              ? 
_exptl_crystal.pdbx_mosaicity_esd          ? 
# 
_exptl_crystal_grow.apparatus       ? 
_exptl_crystal_grow.atmosphere      ? 
_exptl_crystal_grow.crystal_id      1 
_exptl_crystal_grow.details         ? 
_exptl_crystal_grow.method          'VAPOR DIFFUSION, HANGING DROP' 
_exptl_crystal_grow.method_ref      ? 
_exptl_crystal_grow.pH              ? 
_exptl_crystal_grow.pressure        ? 
_exptl_crystal_grow.pressure_esd    ? 
_exptl_crystal_grow.seeding         ? 
_exptl_crystal_grow.seeding_ref     ? 
_exptl_crystal_grow.temp            293 
_exptl_crystal_grow.temp_details    ? 
_exptl_crystal_grow.temp_esd        ? 
_exptl_crystal_grow.time            ? 
_exptl_crystal_grow.pdbx_details    'MPD, spermine, lithium chloride, MOPS' 
_exptl_crystal_grow.pdbx_pH_range   ? 
# 
_diffrn.ambient_environment              ? 
_diffrn.ambient_temp                     100 
_diffrn.ambient_temp_details             ? 
_diffrn.ambient_temp_esd                 ? 
_diffrn.crystal_id                       1 
_diffrn.crystal_support                  ? 
_diffrn.crystal_treatment                ? 
_diffrn.details                          ? 
_diffrn.id                               1 
_diffrn.ambient_pressure                 ? 
_diffrn.ambient_pressure_esd             ? 
_diffrn.ambient_pressure_gt              ? 
_diffrn.ambient_pressure_lt              ? 
_diffrn.ambient_temp_gt                  ? 
_diffrn.ambient_temp_lt                  ? 
_diffrn.pdbx_serial_crystal_experiment   N 
# 
_diffrn_detector.details                      ? 
_diffrn_detector.detector                     PIXEL 
_diffrn_detector.diffrn_id                    1 
_diffrn_detector.type                         'DECTRIS EIGER X 16M' 
_diffrn_detector.area_resol_mean              ? 
_diffrn_detector.dtime                        ? 
_diffrn_detector.pdbx_frames_total            ? 
_diffrn_detector.pdbx_collection_time_total   ? 
_diffrn_detector.pdbx_collection_date         2022-02-23 
_diffrn_detector.pdbx_frequency               ? 
# 
_diffrn_radiation.collimation                      ? 
_diffrn_radiation.diffrn_id                        1 
_diffrn_radiation.filter_edge                      ? 
_diffrn_radiation.inhomogeneity                    ? 
_diffrn_radiation.monochromator                    ? 
_diffrn_radiation.polarisn_norm                    ? 
_diffrn_radiation.polarisn_ratio                   ? 
_diffrn_radiation.probe                            ? 
_diffrn_radiation.type                             ? 
_diffrn_radiation.xray_symbol                      ? 
_diffrn_radiation.wavelength_id                    1 
_diffrn_radiation.pdbx_monochromatic_or_laue_m_l   M 
_diffrn_radiation.pdbx_wavelength_list             ? 
_diffrn_radiation.pdbx_wavelength                  ? 
_diffrn_radiation.pdbx_diffrn_protocol             'SINGLE WAVELENGTH' 
_diffrn_radiation.pdbx_analyzer                    ? 
_diffrn_radiation.pdbx_scattering_type             x-ray 
# 
_diffrn_radiation_wavelength.id           1 
_diffrn_radiation_wavelength.wavelength   0.98 
_diffrn_radiation_wavelength.wt           1.0 
# 
_diffrn_source.current                     ? 
_diffrn_source.details                     ? 
_diffrn_source.diffrn_id                   1 
_diffrn_source.power                       ? 
_diffrn_source.size                        ? 
_diffrn_source.source                      SYNCHROTRON 
_diffrn_source.target                      ? 
_diffrn_source.type                        'PHOTON FACTORY BEAMLINE BL-17A' 
_diffrn_source.voltage                     ? 
_diffrn_source.take-off_angle              ? 
_diffrn_source.pdbx_wavelength_list        0.98 
_diffrn_source.pdbx_wavelength             ? 
_diffrn_source.pdbx_synchrotron_beamline   BL-17A 
_diffrn_source.pdbx_synchrotron_site       'Photon Factory' 
# 
_reflns.B_iso_Wilson_estimate                          9.379 
_reflns.entry_id                                       7XLV 
_reflns.data_reduction_details                         ? 
_reflns.data_reduction_method                          ? 
_reflns.d_resolution_high                              1.100 
_reflns.d_resolution_low                               30.590 
_reflns.details                                        ? 
_reflns.limit_h_max                                    ? 
_reflns.limit_h_min                                    ? 
_reflns.limit_k_max                                    ? 
_reflns.limit_k_min                                    ? 
_reflns.limit_l_max                                    ? 
_reflns.limit_l_min                                    ? 
_reflns.number_all                                     ? 
_reflns.number_obs                                     35080 
_reflns.observed_criterion                             ? 
_reflns.observed_criterion_F_max                       ? 
_reflns.observed_criterion_F_min                       ? 
_reflns.observed_criterion_I_max                       ? 
_reflns.observed_criterion_I_min                       ? 
_reflns.observed_criterion_sigma_F                     ? 
_reflns.observed_criterion_sigma_I                     ? 
_reflns.percent_possible_obs                           97.500 
_reflns.R_free_details                                 ? 
_reflns.Rmerge_F_all                                   ? 
_reflns.Rmerge_F_obs                                   ? 
_reflns.Friedel_coverage                               ? 
_reflns.number_gt                                      ? 
_reflns.threshold_expression                           ? 
_reflns.pdbx_redundancy                                3.428 
_reflns.pdbx_Rmerge_I_obs                              0.084 
_reflns.pdbx_Rmerge_I_all                              ? 
_reflns.pdbx_Rsym_value                                ? 
_reflns.pdbx_netI_over_av_sigmaI                       ? 
_reflns.pdbx_netI_over_sigmaI                          9.850 
_reflns.pdbx_res_netI_over_av_sigmaI_2                 ? 
_reflns.pdbx_res_netI_over_sigmaI_2                    ? 
_reflns.pdbx_chi_squared                               1.011 
_reflns.pdbx_scaling_rejects                           4 
_reflns.pdbx_d_res_high_opt                            ? 
_reflns.pdbx_d_res_low_opt                             ? 
_reflns.pdbx_d_res_opt_method                          ? 
_reflns.phase_calculation_details                      ? 
_reflns.pdbx_Rrim_I_all                                0.100 
_reflns.pdbx_Rpim_I_all                                ? 
_reflns.pdbx_d_opt                                     ? 
_reflns.pdbx_number_measured_all                       120254 
_reflns.pdbx_diffrn_id                                 1 
_reflns.pdbx_ordinal                                   1 
_reflns.pdbx_CC_half                                   0.995 
_reflns.pdbx_CC_star                                   ? 
_reflns.pdbx_R_split                                   ? 
_reflns.pdbx_aniso_diffraction_limit_axis_1_ortho[1]   ? 
_reflns.pdbx_aniso_diffraction_limit_axis_1_ortho[2]   ? 
_reflns.pdbx_aniso_diffraction_limit_axis_1_ortho[3]   ? 
_reflns.pdbx_aniso_diffraction_limit_axis_2_ortho[1]   ? 
_reflns.pdbx_aniso_diffraction_limit_axis_2_ortho[2]   ? 
_reflns.pdbx_aniso_diffraction_limit_axis_2_ortho[3]   ? 
_reflns.pdbx_aniso_diffraction_limit_axis_3_ortho[1]   ? 
_reflns.pdbx_aniso_diffraction_limit_axis_3_ortho[2]   ? 
_reflns.pdbx_aniso_diffraction_limit_axis_3_ortho[3]   ? 
_reflns.pdbx_aniso_diffraction_limit_1                 ? 
_reflns.pdbx_aniso_diffraction_limit_2                 ? 
_reflns.pdbx_aniso_diffraction_limit_3                 ? 
_reflns.pdbx_aniso_B_tensor_eigenvector_1_ortho[1]     ? 
_reflns.pdbx_aniso_B_tensor_eigenvector_1_ortho[2]     ? 
_reflns.pdbx_aniso_B_tensor_eigenvector_1_ortho[3]     ? 
_reflns.pdbx_aniso_B_tensor_eigenvector_2_ortho[1]     ? 
_reflns.pdbx_aniso_B_tensor_eigenvector_2_ortho[2]     ? 
_reflns.pdbx_aniso_B_tensor_eigenvector_2_ortho[3]     ? 
_reflns.pdbx_aniso_B_tensor_eigenvector_3_ortho[1]     ? 
_reflns.pdbx_aniso_B_tensor_eigenvector_3_ortho[2]     ? 
_reflns.pdbx_aniso_B_tensor_eigenvector_3_ortho[3]     ? 
_reflns.pdbx_aniso_B_tensor_eigenvalue_1               ? 
_reflns.pdbx_aniso_B_tensor_eigenvalue_2               ? 
_reflns.pdbx_aniso_B_tensor_eigenvalue_3               ? 
_reflns.pdbx_orthogonalization_convention              ? 
_reflns.pdbx_percent_possible_ellipsoidal              ? 
_reflns.pdbx_percent_possible_spherical                ? 
_reflns.pdbx_percent_possible_ellipsoidal_anomalous    ? 
_reflns.pdbx_percent_possible_spherical_anomalous      ? 
_reflns.pdbx_redundancy_anomalous                      ? 
_reflns.pdbx_CC_half_anomalous                         ? 
_reflns.pdbx_absDiff_over_sigma_anomalous              ? 
_reflns.pdbx_percent_possible_anomalous                ? 
_reflns.pdbx_observed_signal_threshold                 ? 
_reflns.pdbx_signal_type                               ? 
_reflns.pdbx_signal_details                            ? 
_reflns.pdbx_signal_software_id                        ? 
# 
loop_
_reflns_shell.d_res_high 
_reflns_shell.d_res_low 
_reflns_shell.meanI_over_sigI_all 
_reflns_shell.meanI_over_sigI_obs 
_reflns_shell.number_measured_all 
_reflns_shell.number_measured_obs 
_reflns_shell.number_possible 
_reflns_shell.number_unique_all 
_reflns_shell.number_unique_obs 
_reflns_shell.percent_possible_all 
_reflns_shell.percent_possible_obs 
_reflns_shell.Rmerge_F_all 
_reflns_shell.Rmerge_F_obs 
_reflns_shell.Rmerge_I_all 
_reflns_shell.Rmerge_I_obs 
_reflns_shell.meanI_over_sigI_gt 
_reflns_shell.meanI_over_uI_all 
_reflns_shell.meanI_over_uI_gt 
_reflns_shell.number_measured_gt 
_reflns_shell.number_unique_gt 
_reflns_shell.percent_possible_gt 
_reflns_shell.Rmerge_F_gt 
_reflns_shell.Rmerge_I_gt 
_reflns_shell.pdbx_redundancy 
_reflns_shell.pdbx_Rsym_value 
_reflns_shell.pdbx_chi_squared 
_reflns_shell.pdbx_netI_over_sigmaI_all 
_reflns_shell.pdbx_netI_over_sigmaI_obs 
_reflns_shell.pdbx_Rrim_I_all 
_reflns_shell.pdbx_Rpim_I_all 
_reflns_shell.pdbx_rejects 
_reflns_shell.pdbx_ordinal 
_reflns_shell.pdbx_diffrn_id 
_reflns_shell.pdbx_CC_half 
_reflns_shell.pdbx_CC_star 
_reflns_shell.pdbx_R_split 
_reflns_shell.pdbx_percent_possible_ellipsoidal 
_reflns_shell.pdbx_percent_possible_spherical 
_reflns_shell.pdbx_percent_possible_ellipsoidal_anomalous 
_reflns_shell.pdbx_percent_possible_spherical_anomalous 
_reflns_shell.pdbx_redundancy_anomalous 
_reflns_shell.pdbx_CC_half_anomalous 
_reflns_shell.pdbx_absDiff_over_sigma_anomalous 
_reflns_shell.pdbx_percent_possible_anomalous 
1.100 1.130  ? 3.000  ? 7785 2644 ? 2509 94.900  ? ? ? ? 0.397 ? ? ? ? ? ? ? ? 3.103 ? ? ? ? 0.477 ? ? 1  1 0.828 ? ? ? ? ? ? ? ? 
? ? 
1.130 1.160  ? 3.780  ? 8100 2629 ? 2500 95.100  ? ? ? ? 0.321 ? ? ? ? ? ? ? ? 3.240 ? ? ? ? 0.381 ? ? 2  1 0.894 ? ? ? ? ? ? ? ? 
? ? 
1.160 1.190  ? 5.060  ? 8599 2512 ? 2428 96.700  ? ? ? ? 0.248 ? ? ? ? ? ? ? ? 3.542 ? ? ? ? 0.291 ? ? 3  1 0.941 ? ? ? ? ? ? ? ? 
? ? 
1.190 1.230  ? 6.050  ? 8309 2447 ? 2366 96.700  ? ? ? ? 0.203 ? ? ? ? ? ? ? ? 3.512 ? ? ? ? 0.239 ? ? 4  1 0.961 ? ? ? ? ? ? ? ? 
? ? 
1.230 1.270  ? 6.860  ? 7980 2391 ? 2298 96.100  ? ? ? ? 0.171 ? ? ? ? ? ? ? ? 3.473 ? ? ? ? 0.201 ? ? 5  1 0.973 ? ? ? ? ? ? ? ? 
? ? 
1.270 1.310  ? 7.780  ? 7645 2251 ? 2221 98.700  ? ? ? ? 0.146 ? ? ? ? ? ? ? ? 3.442 ? ? ? ? 0.173 ? ? 6  1 0.976 ? ? ? ? ? ? ? ? 
? ? 
1.310 1.360  ? 8.370  ? 7270 2230 ? 2144 96.100  ? ? ? ? 0.135 ? ? ? ? ? ? ? ? 3.391 ? ? ? ? 0.160 ? ? 7  1 0.979 ? ? ? ? ? ? ? ? 
? ? 
1.360 1.420  ? 8.190  ? 6728 2159 ? 2097 97.100  ? ? ? ? 0.130 ? ? ? ? ? ? ? ? 3.208 ? ? ? ? 0.156 ? ? 8  1 0.980 ? ? ? ? ? ? ? ? 
? ? 
1.420 1.480  ? 8.430  ? 6150 2018 ? 1968 97.500  ? ? ? ? 0.118 ? ? ? ? ? ? ? ? 3.125 ? ? ? ? 0.142 ? ? 9  1 0.986 ? ? ? ? ? ? ? ? 
? ? 
1.480 1.550  ? 10.070 ? 7005 1961 ? 1921 98.000  ? ? ? ? 0.109 ? ? ? ? ? ? ? ? 3.647 ? ? ? ? 0.127 ? ? 10 1 0.991 ? ? ? ? ? ? ? ? 
? ? 
1.550 1.640  ? 10.950 ? 6674 1861 ? 1835 98.600  ? ? ? ? 0.101 ? ? ? ? ? ? ? ? 3.637 ? ? ? ? 0.118 ? ? 11 1 0.992 ? ? ? ? ? ? ? ? 
? ? 
1.640 1.740  ? 11.920 ? 6406 1793 ? 1779 99.200  ? ? ? ? 0.093 ? ? ? ? ? ? ? ? 3.601 ? ? ? ? 0.109 ? ? 12 1 0.991 ? ? ? ? ? ? ? ? 
? ? 
1.740 1.860  ? 13.740 ? 5817 1629 ? 1626 99.800  ? ? ? ? 0.079 ? ? ? ? ? ? ? ? 3.577 ? ? ? ? 0.093 ? ? 13 1 0.991 ? ? ? ? ? ? ? ? 
? ? 
1.860 2.000  ? 15.620 ? 5424 1540 ? 1532 99.500  ? ? ? ? 0.069 ? ? ? ? ? ? ? ? 3.540 ? ? ? ? 0.082 ? ? 14 1 0.992 ? ? ? ? ? ? ? ? 
? ? 
2.000 2.200  ? 17.370 ? 4849 1422 ? 1417 99.600  ? ? ? ? 0.059 ? ? ? ? ? ? ? ? 3.422 ? ? ? ? 0.070 ? ? 15 1 0.994 ? ? ? ? ? ? ? ? 
? ? 
2.200 2.460  ? 17.890 ? 3949 1277 ? 1256 98.400  ? ? ? ? 0.054 ? ? ? ? ? ? ? ? 3.144 ? ? ? ? 0.066 ? ? 16 1 0.990 ? ? ? ? ? ? ? ? 
? ? 
2.460 2.840  ? 19.270 ? 3738 1110 ? 1096 98.700  ? ? ? ? 0.053 ? ? ? ? ? ? ? ? 3.411 ? ? ? ? 0.063 ? ? 17 1 0.992 ? ? ? ? ? ? ? ? 
? ? 
2.840 3.470  ? 19.490 ? 3623 967  ? 965  99.800  ? ? ? ? 0.057 ? ? ? ? ? ? ? ? 3.754 ? ? ? ? 0.067 ? ? 18 1 0.994 ? ? ? ? ? ? ? ? 
? ? 
3.470 4.910  ? 20.960 ? 2772 729  ? 729  100.000 ? ? ? ? 0.055 ? ? ? ? ? ? ? ? 3.802 ? ? ? ? 0.064 ? ? 19 1 0.992 ? ? ? ? ? ? ? ? 
? ? 
4.910 30.590 ? 20.310 ? 1431 399  ? 393  98.500  ? ? ? ? 0.051 ? ? ? ? ? ? ? ? 3.641 ? ? ? ? 0.061 ? ? 20 1 0.995 ? ? ? ? ? ? ? ? 
? ? 
# 
_refine.aniso_B[1][1]                            ? 
_refine.aniso_B[1][2]                            ? 
_refine.aniso_B[1][3]                            ? 
_refine.aniso_B[2][2]                            ? 
_refine.aniso_B[2][3]                            ? 
_refine.aniso_B[3][3]                            ? 
_refine.B_iso_max                                24.350 
_refine.B_iso_mean                               12.0448 
_refine.B_iso_min                                6.130 
_refine.correlation_coeff_Fo_to_Fc               ? 
_refine.correlation_coeff_Fo_to_Fc_free          ? 
_refine.details                                  ? 
_refine.diff_density_max                         ? 
_refine.diff_density_max_esd                     ? 
_refine.diff_density_min                         ? 
_refine.diff_density_min_esd                     ? 
_refine.diff_density_rms                         ? 
_refine.diff_density_rms_esd                     ? 
_refine.entry_id                                 7XLV 
_refine.pdbx_refine_id                           'X-RAY DIFFRACTION' 
_refine.ls_abs_structure_details                 ? 
_refine.ls_abs_structure_Flack                   ? 
_refine.ls_abs_structure_Flack_esd               ? 
_refine.ls_abs_structure_Rogers                  ? 
_refine.ls_abs_structure_Rogers_esd              ? 
_refine.ls_d_res_high                            1.1000 
_refine.ls_d_res_low                             30.5900 
_refine.ls_extinction_coef                       ? 
_refine.ls_extinction_coef_esd                   ? 
_refine.ls_extinction_expression                 ? 
_refine.ls_extinction_method                     ? 
_refine.ls_goodness_of_fit_all                   ? 
_refine.ls_goodness_of_fit_all_esd               ? 
_refine.ls_goodness_of_fit_obs                   ? 
_refine.ls_goodness_of_fit_obs_esd               ? 
_refine.ls_hydrogen_treatment                    ? 
_refine.ls_matrix_type                           ? 
_refine.ls_number_constraints                    ? 
_refine.ls_number_parameters                     ? 
_refine.ls_number_reflns_all                     ? 
_refine.ls_number_reflns_obs                     35042 
_refine.ls_number_reflns_R_free                  1873 
_refine.ls_number_reflns_R_work                  31527 
_refine.ls_number_restraints                     ? 
_refine.ls_percent_reflns_obs                    97.3500 
_refine.ls_percent_reflns_R_free                 10.0300 
_refine.ls_R_factor_all                          ? 
_refine.ls_R_factor_obs                          0.1030 
_refine.ls_R_factor_R_free                       0.1098 
_refine.ls_R_factor_R_free_error                 ? 
_refine.ls_R_factor_R_free_error_details         ? 
_refine.ls_R_factor_R_work                       0.1022 
_refine.ls_R_Fsqd_factor_obs                     ? 
_refine.ls_R_I_factor_obs                        ? 
_refine.ls_redundancy_reflns_all                 ? 
_refine.ls_redundancy_reflns_obs                 ? 
_refine.ls_restrained_S_all                      ? 
_refine.ls_restrained_S_obs                      ? 
_refine.ls_shift_over_esd_max                    ? 
_refine.ls_shift_over_esd_mean                   ? 
_refine.ls_structure_factor_coef                 ? 
_refine.ls_weighting_details                     ? 
_refine.ls_weighting_scheme                      ? 
_refine.ls_wR_factor_all                         ? 
_refine.ls_wR_factor_obs                         ? 
_refine.ls_wR_factor_R_free                      ? 
_refine.ls_wR_factor_R_work                      ? 
_refine.occupancy_max                            ? 
_refine.occupancy_min                            ? 
_refine.solvent_model_details                    'FLAT BULK SOLVENT MODEL' 
_refine.solvent_model_param_bsol                 ? 
_refine.solvent_model_param_ksol                 ? 
_refine.pdbx_R_complete                          ? 
_refine.ls_R_factor_gt                           ? 
_refine.ls_goodness_of_fit_gt                    ? 
_refine.ls_goodness_of_fit_ref                   ? 
_refine.ls_shift_over_su_max                     ? 
_refine.ls_shift_over_su_max_lt                  ? 
_refine.ls_shift_over_su_mean                    ? 
_refine.ls_shift_over_su_mean_lt                 ? 
_refine.pdbx_ls_sigma_I                          ? 
_refine.pdbx_ls_sigma_F                          1.380 
_refine.pdbx_ls_sigma_Fsqd                       ? 
_refine.pdbx_data_cutoff_high_absF               ? 
_refine.pdbx_data_cutoff_high_rms_absF           ? 
_refine.pdbx_data_cutoff_low_absF                ? 
_refine.pdbx_isotropic_thermal_model             ? 
_refine.pdbx_ls_cross_valid_method               THROUGHOUT 
_refine.pdbx_method_to_determine_struct          'MOLECULAR REPLACEMENT' 
_refine.pdbx_starting_model                      6JR4 
_refine.pdbx_stereochemistry_target_values       ML 
_refine.pdbx_R_Free_selection_details            ? 
_refine.pdbx_stereochem_target_val_spec_case     ? 
_refine.pdbx_overall_ESU_R                       ? 
_refine.pdbx_overall_ESU_R_Free                  ? 
_refine.pdbx_solvent_vdw_probe_radii             1.1100 
_refine.pdbx_solvent_ion_probe_radii             ? 
_refine.pdbx_solvent_shrinkage_radii             0.9000 
_refine.pdbx_real_space_R                        ? 
_refine.pdbx_density_correlation                 ? 
_refine.pdbx_pd_number_of_powder_patterns        ? 
_refine.pdbx_pd_number_of_points                 ? 
_refine.pdbx_pd_meas_number_of_points            ? 
_refine.pdbx_pd_proc_ls_prof_R_factor            ? 
_refine.pdbx_pd_proc_ls_prof_wR_factor           ? 
_refine.pdbx_pd_Marquardt_correlation_coeff      ? 
_refine.pdbx_pd_Fsqrd_R_factor                   ? 
_refine.pdbx_pd_ls_matrix_band_width             ? 
_refine.pdbx_overall_phase_error                 8.8100 
_refine.pdbx_overall_SU_R_free_Cruickshank_DPI   ? 
_refine.pdbx_overall_SU_R_free_Blow_DPI          ? 
_refine.pdbx_overall_SU_R_Blow_DPI               ? 
_refine.pdbx_TLS_residual_ADP_flag               ? 
_refine.pdbx_diffrn_id                           1 
_refine.overall_SU_B                             ? 
_refine.overall_SU_ML                            0.0700 
_refine.overall_SU_R_Cruickshank_DPI             ? 
_refine.overall_SU_R_free                        ? 
_refine.overall_FOM_free_R_set                   ? 
_refine.overall_FOM_work_R_set                   ? 
_refine.pdbx_average_fsc_overall                 ? 
_refine.pdbx_average_fsc_work                    ? 
_refine.pdbx_average_fsc_free                    ? 
# 
_refine_hist.pdbx_refine_id                   'X-RAY DIFFRACTION' 
_refine_hist.cycle_id                         final 
_refine_hist.details                          ? 
_refine_hist.d_res_high                       1.1000 
_refine_hist.d_res_low                        30.5900 
_refine_hist.number_atoms_solvent             59 
_refine_hist.number_atoms_total               498 
_refine_hist.number_reflns_all                ? 
_refine_hist.number_reflns_obs                ? 
_refine_hist.number_reflns_R_free             ? 
_refine_hist.number_reflns_R_work             ? 
_refine_hist.R_factor_all                     ? 
_refine_hist.R_factor_obs                     ? 
_refine_hist.R_factor_R_free                  ? 
_refine_hist.R_factor_R_work                  ? 
_refine_hist.pdbx_number_residues_total       20 
_refine_hist.pdbx_B_iso_mean_ligand           11.65 
_refine_hist.pdbx_B_iso_mean_solvent          18.31 
_refine_hist.pdbx_number_atoms_protein        0 
_refine_hist.pdbx_number_atoms_nucleic_acid   398 
_refine_hist.pdbx_number_atoms_ligand         41 
_refine_hist.pdbx_number_atoms_lipid          ? 
_refine_hist.pdbx_number_atoms_carb           ? 
_refine_hist.pdbx_pseudo_atom_details         ? 
# 
loop_
_refine_ls_shell.pdbx_refine_id 
_refine_ls_shell.d_res_high 
_refine_ls_shell.d_res_low 
_refine_ls_shell.number_reflns_all 
_refine_ls_shell.number_reflns_obs 
_refine_ls_shell.number_reflns_R_free 
_refine_ls_shell.number_reflns_R_work 
_refine_ls_shell.percent_reflns_obs 
_refine_ls_shell.percent_reflns_R_free 
_refine_ls_shell.R_factor_all 
_refine_ls_shell.R_factor_obs 
_refine_ls_shell.R_factor_R_free 
_refine_ls_shell.R_factor_R_free_error 
_refine_ls_shell.R_factor_R_work 
_refine_ls_shell.redundancy_reflns_all 
_refine_ls_shell.redundancy_reflns_obs 
_refine_ls_shell.wR_factor_all 
_refine_ls_shell.wR_factor_obs 
_refine_ls_shell.wR_factor_R_free 
_refine_ls_shell.wR_factor_R_work 
_refine_ls_shell.pdbx_R_complete 
_refine_ls_shell.pdbx_total_number_of_bins_used 
_refine_ls_shell.pdbx_phase_error 
_refine_ls_shell.pdbx_fsc_work 
_refine_ls_shell.pdbx_fsc_free 
'X-RAY DIFFRACTION' 1.1000 1.1100  1343 . 132 1211 93.0000  . . . 0.2006 0.0000 0.1936 . . . . . . . 25 . . . 
'X-RAY DIFFRACTION' 1.1100 1.1300  1353 . 135 1218 95.0000  . . . 0.1826 0.0000 0.1930 . . . . . . . 25 . . . 
'X-RAY DIFFRACTION' 1.1300 1.1500  1369 . 139 1230 94.0000  . . . 0.1753 0.0000 0.1840 . . . . . . . 25 . . . 
'X-RAY DIFFRACTION' 1.1500 1.1600  1395 . 136 1259 97.0000  . . . 0.1345 0.0000 0.1484 . . . . . . . 25 . . . 
'X-RAY DIFFRACTION' 1.1600 1.1800  1401 . 140 1261 97.0000  . . . 0.1282 0.0000 0.1316 . . . . . . . 25 . . . 
'X-RAY DIFFRACTION' 1.1800 1.2000  1380 . 142 1238 94.0000  . . . 0.1447 0.0000 0.1247 . . . . . . . 25 . . . 
'X-RAY DIFFRACTION' 1.2000 1.2200  1393 . 139 1254 98.0000  . . . 0.1305 0.0000 0.1181 . . . . . . . 25 . . . 
'X-RAY DIFFRACTION' 1.2200 1.2500  1397 . 139 1258 98.0000  . . . 0.1302 0.0000 0.1113 . . . . . . . 25 . . . 
'X-RAY DIFFRACTION' 1.2500 1.2700  1360 . 137 1223 94.0000  . . . 0.1116 0.0000 0.1077 . . . . . . . 25 . . . 
'X-RAY DIFFRACTION' 1.2700 1.3000  1431 . 143 1288 100.0000 . . . 0.1047 0.0000 0.1033 . . . . . . . 25 . . . 
'X-RAY DIFFRACTION' 1.3000 1.3300  1405 . 141 1264 96.0000  . . . 0.1076 0.0000 0.0996 . . . . . . . 25 . . . 
'X-RAY DIFFRACTION' 1.3300 1.3700  1379 . 140 1239 97.0000  . . . 0.1002 0.0000 0.0957 . . . . . . . 25 . . . 
'X-RAY DIFFRACTION' 1.3700 1.4000  1415 . 142 1273 99.0000  . . . 0.0993 0.0000 0.1066 . . . . . . . 25 . . . 
'X-RAY DIFFRACTION' 1.4000 1.4400  1363 . 142 1221 95.0000  . . . 0.0881 0.0000 0.1047 . . . . . . . 25 . . . 
'X-RAY DIFFRACTION' 1.4400 1.4900  1412 . 134 1278 98.0000  . . . 0.1012 0.0000 0.0984 . . . . . . . 25 . . . 
'X-RAY DIFFRACTION' 1.4900 1.5400  1389 . 143 1246 96.0000  . . . 0.1052 0.0000 0.0988 . . . . . . . 25 . . . 
'X-RAY DIFFRACTION' 1.5400 1.6000  1453 . 145 1308 99.0000  . . . 0.1215 0.0000 0.1025 . . . . . . . 25 . . . 
'X-RAY DIFFRACTION' 1.6100 1.6800  1395 . 136 1259 99.0000  . . . 0.0982 0.0000 0.1011 . . . . . . . 25 . . . 
'X-RAY DIFFRACTION' 1.6800 1.7700  1429 . 141 1288 99.0000  . . . 0.0996 0.0000 0.0943 . . . . . . . 25 . . . 
'X-RAY DIFFRACTION' 1.7700 1.8800  1442 . 144 1298 100.0000 . . . 0.1199 0.0000 0.0915 . . . . . . . 25 . . . 
'X-RAY DIFFRACTION' 1.8800 2.0200  1423 . 144 1279 100.0000 . . . 0.0931 0.0000 0.0818 . . . . . . . 25 . . . 
'X-RAY DIFFRACTION' 2.0200 2.2300  1437 . 146 1291 100.0000 . . . 0.0732 0.0000 0.0665 . . . . . . . 25 . . . 
'X-RAY DIFFRACTION' 2.2300 2.5500  1410 . 143 1267 98.0000  . . . 0.0739 0.0000 0.0713 . . . . . . . 25 . . . 
'X-RAY DIFFRACTION' 2.5500 3.2100  1446 . 147 1299 100.0000 . . . 0.1244 0.0000 0.0971 . . . . . . . 25 . . . 
'X-RAY DIFFRACTION' 3.2100 30.5900 1422 . 145 1277 99.0000  . . . 0.1316 0.0000 0.1200 . . . . . . . 25 . . . 
# 
_struct.entry_id                     7XLV 
_struct.title                        'Crystal structure of a NIR-emitting DNA-stabilized Ag16 nanocluster (G7I mutant)' 
_struct.pdbx_model_details           ? 
_struct.pdbx_formula_weight          ? 
_struct.pdbx_formula_weight_method   ? 
_struct.pdbx_model_type_details      ? 
_struct.pdbx_CASP_flag               N 
# 
_struct_keywords.entry_id        7XLV 
_struct_keywords.text            'Silver, nanocluster, DNA' 
_struct_keywords.pdbx_keywords   DNA 
# 
loop_
_struct_asym.id 
_struct_asym.pdbx_blank_PDB_chainid_flag 
_struct_asym.pdbx_modified 
_struct_asym.entity_id 
_struct_asym.details 
A N N 1 ? 
B N N 1 ? 
C N N 2 ? 
D N N 3 ? 
E N N 3 ? 
F N N 3 ? 
G N N 3 ? 
H N N 3 ? 
I N N 3 ? 
J N N 3 ? 
K N N 3 ? 
L N N 3 ? 
M N N 3 ? 
N N N 3 ? 
O N N 3 ? 
P N N 3 ? 
Q N N 3 ? 
R N N 3 ? 
S N N 3 ? 
T N N 3 ? 
U N N 3 ? 
V N N 3 ? 
W N N 4 ? 
X N N 4 ? 
# 
loop_
_struct_conn.id 
_struct_conn.conn_type_id 
_struct_conn.pdbx_leaving_atom_flag 
_struct_conn.pdbx_PDB_id 
_struct_conn.ptnr1_label_asym_id 
_struct_conn.ptnr1_label_comp_id 
_struct_conn.ptnr1_label_seq_id 
_struct_conn.ptnr1_label_atom_id 
_struct_conn.pdbx_ptnr1_label_alt_id 
_struct_conn.pdbx_ptnr1_PDB_ins_code 
_struct_conn.pdbx_ptnr1_standard_comp_id 
_struct_conn.ptnr1_symmetry 
_struct_conn.ptnr2_label_asym_id 
_struct_conn.ptnr2_label_comp_id 
_struct_conn.ptnr2_label_seq_id 
_struct_conn.ptnr2_label_atom_id 
_struct_conn.pdbx_ptnr2_label_alt_id 
_struct_conn.pdbx_ptnr2_PDB_ins_code 
_struct_conn.ptnr1_auth_asym_id 
_struct_conn.ptnr1_auth_comp_id 
_struct_conn.ptnr1_auth_seq_id 
_struct_conn.ptnr2_auth_asym_id 
_struct_conn.ptnr2_auth_comp_id 
_struct_conn.ptnr2_auth_seq_id 
_struct_conn.ptnr2_symmetry 
_struct_conn.pdbx_ptnr3_label_atom_id 
_struct_conn.pdbx_ptnr3_label_seq_id 
_struct_conn.pdbx_ptnr3_label_comp_id 
_struct_conn.pdbx_ptnr3_label_asym_id 
_struct_conn.pdbx_ptnr3_label_alt_id 
_struct_conn.pdbx_ptnr3_PDB_ins_code 
_struct_conn.details 
_struct_conn.pdbx_dist_value 
_struct_conn.pdbx_value_order 
_struct_conn.pdbx_role 
metalc1  metalc ? ? A DC 1 O2  ? ? ? 1_555 D AG . AG  ? ? A DC 1   A AG 102 1_555 ? ? ? ? ? ? ?               2.470 ? ? 
metalc2  metalc ? ? A DC 1 N3  ? ? ? 1_555 H AG . AG  ? ? A DC 1   A AG 106 1_555 ? ? ? ? ? ? ?               2.294 ? ? 
metalc3  metalc ? ? A DC 3 N3  ? ? ? 1_555 D AG . AG  ? ? A DC 3   A AG 102 1_555 ? ? ? ? ? ? ?               2.309 ? ? 
metalc4  metalc ? ? A DC 4 N3  ? ? ? 1_555 E AG . AG  ? ? A DC 4   A AG 103 1_555 ? ? ? ? ? ? ?               2.384 ? ? 
metalc5  metalc ? ? A DC 4 O2  ? ? ? 1_555 N AG . AG  ? ? A DC 4   B AG 102 1_555 ? ? ? ? ? ? ?               2.454 ? ? 
metalc6  metalc ? ? A DC 4 O2  ? ? ? 1_555 O AG . AG  ? ? A DC 4   B AG 103 1_555 ? ? ? ? ? ? ?               2.689 ? ? 
metalc7  metalc ? ? A DA 6 OP1 ? ? ? 1_555 G AG . AG  ? ? A DA 6   A AG 105 1_555 ? ? ? ? ? ? ?               2.368 ? ? 
metalc8  metalc ? ? A DA 6 N7  ? ? ? 1_555 K AG . AG  ? ? A DA 6   A AG 109 1_555 ? ? ? ? ? ? ?               2.261 ? ? 
metalc9  metalc ? ? A DA 6 OP2 ? ? ? 1_555 P AG . AG  ? ? A DA 6   B AG 104 1_555 ? ? ? ? ? ? ?               2.359 ? ? 
metalc10 metalc ? ? A DI 7 N7  ? ? ? 1_555 G AG . AG  ? ? A DI 7   A AG 105 1_555 ? ? ? ? ? ? ?               2.365 ? ? 
metalc11 metalc ? ? A DI 7 O6  ? ? ? 1_555 J AG . AG  ? ? A DI 7   A AG 108 1_555 ? ? ? ? ? ? ?               2.578 ? ? 
metalc12 metalc ? ? A DI 7 O6  ? ? ? 1_555 K AG . AG  ? ? A DI 7   A AG 109 1_555 ? ? ? ? ? ? ?               2.526 ? ? 
metalc13 metalc ? ? A DC 8 N3  ? ? ? 1_555 F AG . AG  ? ? A DC 8   A AG 104 1_555 ? ? ? ? ? ? ?               2.262 ? ? 
metalc14 metalc ? ? A DC 8 O2  ? ? ? 1_555 J AG . AG  ? ? A DC 8   A AG 108 1_555 ? ? ? ? ? ? ?               2.667 ? ? 
metalc15 metalc ? ? A DG 9 O6  ? ? ? 1_555 E AG . AG  ? ? A DG 9   A AG 103 1_555 ? ? ? ? ? ? ?               2.389 ? ? 
metalc16 metalc ? ? A DG 9 N1  ? ? ? 1_555 I AG . AG  ? ? A DG 9   A AG 107 1_555 ? ? ? ? ? ? ?               2.268 ? ? 
metalc17 metalc ? ? D AG . AG  ? ? ? 1_555 B DA 2 N1  ? ? A AG 102 B DA 2   1_555 ? ? ? ? ? ? ?               2.411 ? ? 
metalc18 metalc ? ? H AG . AG  ? ? ? 1_555 B DC 3 O2  ? ? A AG 106 B DC 3   1_555 ? ? ? ? ? ? ?               2.634 ? ? 
metalc19 metalc ? ? H AG . AG  ? ? ? 1_555 B DC 4 O2  ? ? A AG 106 B DC 4   1_555 ? ? ? ? ? ? ?               2.491 ? ? 
metalc20 metalc ? ? I AG . AG  ? ? ? 1_555 B DC 4 O2  ? ? A AG 107 B DC 4   1_555 ? ? ? ? ? ? ?               2.540 ? ? 
metalc21 metalc ? ? K AG . AG  ? ? ? 1_555 B DA 6 OP2 ? ? A AG 109 B DA 6   1_555 ? ? ? ? ? ? ?               2.327 ? ? 
metalc22 metalc ? ? B DC 1 O2  ? ? ? 1_555 M AG . AG  ? ? B DC 1   B AG 101 1_555 ? ? ? ? ? ? ?               2.401 ? ? 
metalc23 metalc ? ? B DC 1 N3  ? ? ? 1_555 N AG . AG  ? ? B DC 1   B AG 102 1_555 ? ? ? ? ? ? ?               2.281 ? ? 
metalc24 metalc ? ? B DC 3 N3  ? ? ? 1_555 M AG . AG  ? ? B DC 3   B AG 101 1_555 ? ? ? ? ? ? ?               2.247 ? ? 
metalc25 metalc ? ? B DC 4 N3  ? ? ? 1_555 Q AG . AG  ? ? B DC 4   B AG 105 1_555 ? ? ? ? ? ? ?               2.383 ? ? 
metalc26 metalc ? ? B DA 6 N7  ? ? ? 1_555 P AG . AG  ? ? B DA 6   B AG 104 1_555 ? ? ? ? ? ? ?               2.289 ? ? 
metalc27 metalc ? ? B DA 6 OP1 ? ? ? 1_555 S AG . AG  ? ? B DA 6   B AG 107 1_555 ? ? ? ? ? ? ?               2.345 ? ? 
metalc28 metalc ? ? B DI 7 O6  ? ? ? 1_555 P AG . AG  ? ? B DI 7   B AG 104 1_555 ? ? ? ? ? ? ?               2.589 ? ? 
metalc29 metalc ? ? B DI 7 N7  ? ? ? 1_555 S AG . AG  ? ? B DI 7   B AG 107 1_555 ? ? ? ? ? ? ?               2.361 ? ? 
metalc30 metalc ? ? B DI 7 O6  ? ? ? 1_555 T AG . AG  ? ? B DI 7   B AG 108 1_555 ? ? ? ? ? ? ?               2.454 ? ? 
metalc31 metalc ? ? B DI 7 N1  ? ? ? 1_555 V AG . AG  ? ? B DI 7   B AG 110 1_555 ? ? ? ? ? ? ?               2.038 ? ? 
metalc32 metalc ? ? B DC 8 N3  ? ? ? 1_555 R AG . AG  ? ? B DC 8   B AG 106 1_555 ? ? ? ? ? ? ?               2.230 ? ? 
metalc33 metalc ? ? B DG 9 N1  ? ? ? 1_555 O AG . AG  ? ? B DG 9   B AG 103 1_555 ? ? ? ? ? ? ?               2.291 ? ? 
metalc34 metalc ? ? B DG 9 O6  ? ? ? 1_555 Q AG . AG  ? ? B DG 9   B AG 105 1_555 ? ? ? ? ? ? ?               2.353 ? ? 
hydrog1  hydrog ? ? A DC 1 O2  ? ? ? 1_555 A DC 3 N4  ? ? A DC 1   A DC 3   1_555 ? ? ? ? ? ? 'DC-DC MISPAIR' ?     ? ? 
hydrog2  hydrog ? ? A DC 1 N4  ? ? ? 1_555 B DC 3 O2  ? ? A DC 1   B DC 3   1_555 ? ? ? ? ? ? 'DC-DC MISPAIR' ?     ? ? 
hydrog3  hydrog ? ? A DC 1 N4  ? ? ? 1_555 B DC 4 O2  ? ? A DC 1   B DC 4   1_555 ? ? ? ? ? ? 'DC-DC MISPAIR' ?     ? ? 
hydrog4  hydrog ? ? A DC 3 O2  ? ? ? 1_555 B DA 2 N6  ? ? A DC 3   B DA 2   1_555 ? ? ? ? ? ? 'DC-DA MISPAIR' ?     ? ? 
hydrog5  hydrog ? ? A DC 4 N4  ? ? ? 1_555 A DG 9 O6  ? ? A DC 4   A DG 9   1_555 ? ? ? ? ? ? 'DC-DG PAIR'    ?     ? ? 
hydrog6  hydrog ? ? A DC 4 O2  ? ? ? 1_555 B DC 1 N4  ? ? A DC 4   B DC 1   1_555 ? ? ? ? ? ? 'DC-DC MISPAIR' ?     ? ? 
hydrog7  hydrog ? ? A DT 5 O2  ? ? ? 1_555 B DA 6 N6  ? ? A DT 5   B DA 6   1_555 ? ? ? ? ? ? 'DT-DA PAIR'    ?     ? ? 
hydrog8  hydrog ? ? A DT 5 O2  ? ? ? 1_555 B DI 7 N1  ? ? A DT 5   B DI 7   1_555 ? ? ? ? ? ? 'DT-DI MISPAIR' ?     ? ? 
hydrog9  hydrog ? ? A DA 6 N6  ? ? ? 1_555 B DT 5 O2  ? ? A DA 6   B DT 5   1_555 ? ? ? ? ? ? 'DA-DT PAIR'    ?     ? ? 
hydrog10 hydrog ? ? A DG 9 N2  ? ? ? 1_555 B DC 4 O2  ? ? A DG 9   B DC 4   1_555 ? ? ? ? ? ? 'DG-DC PAIR'    ?     ? ? 
hydrog11 hydrog ? ? B DC 1 O2  ? ? ? 1_555 B DC 3 N4  ? ? B DC 1   B DC 3   1_555 ? ? ? ? ? ? 'DC-DC MISPAIR' ?     ? ? 
hydrog12 hydrog ? ? B DC 4 N4  ? ? ? 1_555 B DG 9 O6  ? ? B DC 4   B DG 9   1_555 ? ? ? ? ? ? 'DC-DG PAIR'    ?     ? ? 
# 
loop_
_struct_conn_type.id 
_struct_conn_type.criteria 
_struct_conn_type.reference 
metalc ? ? 
hydrog ? ? 
# 
_atom_sites.entry_id                    7XLV 
_atom_sites.Cartn_transf_matrix[1][1]   ? 
_atom_sites.Cartn_transf_matrix[1][2]   ? 
_atom_sites.Cartn_transf_matrix[1][3]   ? 
_atom_sites.Cartn_transf_matrix[2][1]   ? 
_atom_sites.Cartn_transf_matrix[2][2]   ? 
_atom_sites.Cartn_transf_matrix[2][3]   ? 
_atom_sites.Cartn_transf_matrix[3][1]   ? 
_atom_sites.Cartn_transf_matrix[3][2]   ? 
_atom_sites.Cartn_transf_matrix[3][3]   ? 
_atom_sites.Cartn_transf_vector[1]      ? 
_atom_sites.Cartn_transf_vector[2]      ? 
_atom_sites.Cartn_transf_vector[3]      ? 
_atom_sites.fract_transf_matrix[1][1]   0.00687533 
_atom_sites.fract_transf_matrix[1][2]   -0.00179497 
_atom_sites.fract_transf_matrix[1][3]   0.04068615 
_atom_sites.fract_transf_matrix[2][1]   -0.00833597 
_atom_sites.fract_transf_matrix[2][2]   0.02249637 
_atom_sites.fract_transf_matrix[2][3]   0.00240113 
_atom_sites.fract_transf_matrix[3][1]   -0.02038514 
_atom_sites.fract_transf_matrix[3][2]   -0.00788421 
_atom_sites.fract_transf_matrix[3][3]   0.00309694 
_atom_sites.fract_transf_vector[1]      0.270721 
_atom_sites.fract_transf_vector[2]      -0.005978 
_atom_sites.fract_transf_vector[3]      0.115573 
_atom_sites.solution_primary            ? 
_atom_sites.solution_secondary          ? 
_atom_sites.solution_hydrogens          ? 
_atom_sites.special_details             ? 
# 
loop_
_atom_type.symbol 
AG 
C  
H  
N  
O  
P  
# 
loop_
_atom_site.group_PDB 
_atom_site.id 
_atom_site.type_symbol 
_atom_site.label_atom_id 
_atom_site.label_alt_id 
_atom_site.label_comp_id 
_atom_site.label_asym_id 
_atom_site.label_entity_id 
_atom_site.label_seq_id 
_atom_site.pdbx_PDB_ins_code 
_atom_site.Cartn_x 
_atom_site.Cartn_y 
_atom_site.Cartn_z 
_atom_site.occupancy 
_atom_site.B_iso_or_equiv 
_atom_site.pdbx_formal_charge 
_atom_site.auth_seq_id 
_atom_site.auth_comp_id 
_atom_site.auth_asym_id 
_atom_site.auth_atom_id 
_atom_site.pdbx_PDB_model_num 
ATOM   1   O  "O5'"  . DC  A 1 1  ? 7.266   0.730   -8.340  1.00 15.87 ? 1   DC  A "O5'"  1 
ATOM   2   C  "C5'"  . DC  A 1 1  ? 8.534   1.100   -7.852  1.00 13.10 ? 1   DC  A "C5'"  1 
ATOM   3   C  "C4'"  . DC  A 1 1  ? 8.646   0.811   -6.374  1.00 10.52 ? 1   DC  A "C4'"  1 
ATOM   4   O  "O4'"  . DC  A 1 1  ? 7.722   1.666   -5.637  1.00 8.62  ? 1   DC  A "O4'"  1 
ATOM   5   C  "C3'"  . DC  A 1 1  ? 8.292   -0.606  -5.954  1.00 8.60  ? 1   DC  A "C3'"  1 
ATOM   6   O  "O3'"  . DC  A 1 1  ? 9.123   -0.998  -4.894  1.00 9.02  ? 1   DC  A "O3'"  1 
ATOM   7   C  "C2'"  . DC  A 1 1  ? 6.831   -0.481  -5.542  1.00 9.07  ? 1   DC  A "C2'"  1 
ATOM   8   C  "C1'"  . DC  A 1 1  ? 6.831   0.863   -4.875  1.00 8.86  ? 1   DC  A "C1'"  1 
ATOM   9   N  N1     . DC  A 1 1  ? 5.521   1.537   -4.818  1.00 6.84  ? 1   DC  A N1     1 
ATOM   10  C  C2     . DC  A 1 1  ? 4.772   1.453   -3.654  1.00 6.60  ? 1   DC  A C2     1 
ATOM   11  O  O2     . DC  A 1 1  ? 5.190   0.752   -2.735  1.00 6.92  ? 1   DC  A O2     1 
ATOM   12  N  N3     . DC  A 1 1  ? 3.597   2.124   -3.569  1.00 6.45  ? 1   DC  A N3     1 
ATOM   13  C  C4     . DC  A 1 1  ? 3.183   2.863   -4.601  1.00 7.32  ? 1   DC  A C4     1 
ATOM   14  N  N4     . DC  A 1 1  ? 2.032   3.521   -4.478  1.00 7.65  ? 1   DC  A N4     1 
ATOM   15  C  C5     . DC  A 1 1  ? 3.952   2.971   -5.803  1.00 7.63  ? 1   DC  A C5     1 
ATOM   16  C  C6     . DC  A 1 1  ? 5.102   2.298   -5.867  1.00 8.81  ? 1   DC  A C6     1 
ATOM   17  H  "H5'"  . DC  A 1 1  ? 8.672   2.048   -8.004  1.00 15.72 ? 1   DC  A "H5'"  1 
ATOM   18  H  "H5''" . DC  A 1 1  ? 9.217   0.601   -8.327  1.00 15.72 ? 1   DC  A "H5''" 1 
ATOM   19  H  "H4'"  . DC  A 1 1  ? 9.554   1.004   -6.092  1.00 12.63 ? 1   DC  A "H4'"  1 
ATOM   20  H  "H3'"  . DC  A 1 1  ? 8.370   -1.225  -6.697  1.00 10.32 ? 1   DC  A "H3'"  1 
ATOM   21  H  "H2'"  . DC  A 1 1  ? 6.240   -0.499  -6.311  1.00 10.89 ? 1   DC  A "H2'"  1 
ATOM   22  H  "H2''" . DC  A 1 1  ? 6.571   -1.186  -4.928  1.00 10.89 ? 1   DC  A "H2''" 1 
ATOM   23  H  "H1'"  . DC  A 1 1  ? 7.156   0.762   -3.967  1.00 10.64 ? 1   DC  A "H1'"  1 
ATOM   24  H  H41    . DC  A 1 1  ? 1.742   4.005   -5.127  1.00 9.18  ? 1   DC  A H41    1 
ATOM   25  H  H42    . DC  A 1 1  ? 1.579   3.463   -3.749  1.00 9.18  ? 1   DC  A H42    1 
ATOM   26  H  H5     . DC  A 1 1  ? 3.659   3.492   -6.515  1.00 9.15  ? 1   DC  A H5     1 
ATOM   27  H  H6     . DC  A 1 1  ? 5.624   2.350   -6.635  1.00 10.57 ? 1   DC  A H6     1 
ATOM   28  H  "HO5'" . DC  A 1 1  ? 7.087   0.817   -9.156  1.00 19.05 ? 1   DC  A "HO5'" 1 
ATOM   29  P  P      . DA  A 1 2  ? 9.930   -2.383  -4.967  1.00 9.97  ? 2   DA  A P      1 
ATOM   30  O  OP1    . DA  A 1 2  ? 11.053  -2.289  -5.922  1.00 11.31 ? 2   DA  A OP1    1 
ATOM   31  O  OP2    . DA  A 1 2  ? 8.942   -3.459  -5.181  1.00 11.32 ? 2   DA  A OP2    1 
ATOM   32  O  "O5'"  . DA  A 1 2  ? 10.541  -2.520  -3.512  1.00 10.38 ? 2   DA  A "O5'"  1 
ATOM   33  C  "C5'"  . DA  A 1 2  ? 9.693   -2.734  -2.396  1.00 8.86  ? 2   DA  A "C5'"  1 
ATOM   34  C  "C4'"  . DA  A 1 2  ? 10.474  -2.578  -1.110  1.00 8.68  ? 2   DA  A "C4'"  1 
ATOM   35  O  "O4'"  . DA  A 1 2  ? 10.876  -1.192  -0.938  1.00 8.48  ? 2   DA  A "O4'"  1 
ATOM   36  C  "C3'"  . DA  A 1 2  ? 9.711   -2.918  0.149   1.00 9.74  ? 2   DA  A "C3'"  1 
ATOM   37  O  "O3'"  . DA  A 1 2  ? 10.608  -3.418  1.122   1.00 10.01 ? 2   DA  A "O3'"  1 
ATOM   38  C  "C2'"  . DA  A 1 2  ? 9.101   -1.575  0.549   1.00 9.66  ? 2   DA  A "C2'"  1 
ATOM   39  C  "C1'"  . DA  A 1 2  ? 10.214  -0.617  0.194   1.00 9.33  ? 2   DA  A "C1'"  1 
ATOM   40  N  N9     . DA  A 1 2  ? 9.835   0.724   -0.211  1.00 7.69  ? 2   DA  A N9     1 
ATOM   41  C  C8     . DA  A 1 2  ? 9.019   1.082   -1.247  1.00 8.59  ? 2   DA  A C8     1 
ATOM   42  N  N7     . DA  A 1 2  ? 8.962   2.374   -1.461  1.00 9.31  ? 2   DA  A N7     1 
ATOM   43  C  C5     . DA  A 1 2  ? 9.830   2.896   -0.524  1.00 9.03  ? 2   DA  A C5     1 
ATOM   44  C  C6     . DA  A 1 2  ? 10.238  4.212   -0.246  1.00 7.57  ? 2   DA  A C6     1 
ATOM   45  N  N6     . DA  A 1 2  ? 9.780   5.269   -0.910  1.00 9.29  ? 2   DA  A N6     1 
ATOM   46  N  N1     . DA  A 1 2  ? 11.121  4.404   0.755   1.00 8.81  ? 2   DA  A N1     1 
ATOM   47  C  C2     . DA  A 1 2  ? 11.581  3.337   1.417   1.00 9.57  ? 2   DA  A C2     1 
ATOM   48  N  N3     . DA  A 1 2  ? 11.284  2.042   1.236   1.00 9.17  ? 2   DA  A N3     1 
ATOM   49  C  C4     . DA  A 1 2  ? 10.394  1.895   0.241   1.00 7.64  ? 2   DA  A C4     1 
ATOM   50  H  "H5'"  . DA  A 1 2  ? 9.322   -3.630  -2.441  1.00 10.63 ? 2   DA  A "H5'"  1 
ATOM   51  H  "H5''" . DA  A 1 2  ? 8.968   -2.091  -2.413  1.00 10.63 ? 2   DA  A "H5''" 1 
ATOM   52  H  "H4'"  . DA  A 1 2  ? 11.268  -3.132  -1.165  1.00 10.42 ? 2   DA  A "H4'"  1 
ATOM   53  H  "H3'"  . DA  A 1 2  ? 9.005   -3.558  -0.029  1.00 11.69 ? 2   DA  A "H3'"  1 
ATOM   54  H  "H2'"  . DA  A 1 2  ? 8.294   -1.386  0.044   1.00 11.59 ? 2   DA  A "H2'"  1 
ATOM   55  H  "H2''" . DA  A 1 2  ? 8.894   -1.546  1.497   1.00 11.59 ? 2   DA  A "H2''" 1 
ATOM   56  H  "H1'"  . DA  A 1 2  ? 10.783  -0.555  0.977   1.00 11.20 ? 2   DA  A "H1'"  1 
ATOM   57  H  H8     . DA  A 1 2  ? 8.545   0.462   -1.755  1.00 10.31 ? 2   DA  A H8     1 
ATOM   58  H  H61    . DA  A 1 2  ? 10.047  6.059   -0.699  1.00 11.15 ? 2   DA  A H61    1 
ATOM   59  H  H62    . DA  A 1 2  ? 9.216   5.163   -1.552  1.00 11.15 ? 2   DA  A H62    1 
ATOM   60  H  H2     . DA  A 1 2  ? 12.190  3.518   2.096   1.00 11.48 ? 2   DA  A H2     1 
ATOM   61  P  P      . DC  A 1 3  ? 10.845  -5.000  1.265   1.00 10.86 ? 3   DC  A P      1 
ATOM   62  O  OP1    . DC  A 1 3  ? 12.062  -5.210  2.082   1.00 13.45 ? 3   DC  A OP1    1 
ATOM   63  O  OP2    . DC  A 1 3  ? 10.709  -5.593  -0.076  1.00 12.33 ? 3   DC  A OP2    1 
ATOM   64  O  "O5'"  . DC  A 1 3  ? 9.582   -5.493  2.080   1.00 9.35  ? 3   DC  A "O5'"  1 
ATOM   65  C  "C5'"  . DC  A 1 3  ? 9.446   -5.177  3.442   1.00 10.88 ? 3   DC  A "C5'"  1 
ATOM   66  C  "C4'"  . DC  A 1 3  ? 8.003   -4.832  3.756   1.00 10.76 ? 3   DC  A "C4'"  1 
ATOM   67  O  "O4'"  . DC  A 1 3  ? 7.637   -3.620  3.067   1.00 9.81  ? 3   DC  A "O4'"  1 
ATOM   68  C  "C3'"  . DC  A 1 3  ? 6.985   -5.854  3.286   1.00 10.30 ? 3   DC  A "C3'"  1 
ATOM   69  O  "O3'"  . DC  A 1 3  ? 6.818   -6.885  4.235   1.00 12.47 ? 3   DC  A "O3'"  1 
ATOM   70  C  "C2'"  . DC  A 1 3  ? 5.722   -5.029  3.111   1.00 9.86  ? 3   DC  A "C2'"  1 
ATOM   71  C  "C1'"  . DC  A 1 3  ? 6.254   -3.634  2.772   1.00 8.66  ? 3   DC  A "C1'"  1 
ATOM   72  N  N1     . DC  A 1 3  ? 6.081   -3.255  1.356   1.00 6.96  ? 3   DC  A N1     1 
ATOM   73  C  C2     . DC  A 1 3  ? 5.715   -1.947  1.059   1.00 8.29  ? 3   DC  A C2     1 
ATOM   74  O  O2     . DC  A 1 3  ? 5.553   -1.145  1.989   1.00 8.29  ? 3   DC  A O2     1 
ATOM   75  N  N3     . DC  A 1 3  ? 5.541   -1.598  -0.238  1.00 7.14  ? 3   DC  A N3     1 
ATOM   76  C  C4     . DC  A 1 3  ? 5.750   -2.488  -1.211  1.00 7.28  ? 3   DC  A C4     1 
ATOM   77  N  N4     . DC  A 1 3  ? 5.571   -2.099  -2.475  1.00 8.69  ? 3   DC  A N4     1 
ATOM   78  C  C5     . DC  A 1 3  ? 6.127   -3.831  -0.926  1.00 8.07  ? 3   DC  A C5     1 
ATOM   79  C  C6     . DC  A 1 3  ? 6.290   -4.164  0.359   1.00 8.47  ? 3   DC  A C6     1 
ATOM   80  H  "H5'"  . DC  A 1 3  ? 10.013  -4.418  3.655   1.00 13.05 ? 3   DC  A "H5'"  1 
ATOM   81  H  "H5''" . DC  A 1 3  ? 9.720   -5.936  3.979   1.00 13.05 ? 3   DC  A "H5''" 1 
ATOM   82  H  "H4'"  . DC  A 1 3  ? 7.916   -4.702  4.714   1.00 12.91 ? 3   DC  A "H4'"  1 
ATOM   83  H  "H3'"  . DC  A 1 3  ? 7.267   -6.228  2.436   1.00 12.36 ? 3   DC  A "H3'"  1 
ATOM   84  H  "H2'"  . DC  A 1 3  ? 5.175   -5.379  2.390   1.00 11.83 ? 3   DC  A "H2'"  1 
ATOM   85  H  "H2''" . DC  A 1 3  ? 5.198   -5.015  3.927   1.00 11.83 ? 3   DC  A "H2''" 1 
ATOM   86  H  "H1'"  . DC  A 1 3  ? 5.804   -2.990  3.341   1.00 10.39 ? 3   DC  A "H1'"  1 
ATOM   87  H  H41    . DC  A 1 3  ? 5.699   -2.655  -3.119  1.00 10.43 ? 3   DC  A H41    1 
ATOM   88  H  H42    . DC  A 1 3  ? 5.327   -1.292  -2.647  1.00 10.43 ? 3   DC  A H42    1 
ATOM   89  H  H5     . DC  A 1 3  ? 6.256   -4.452  -1.607  1.00 9.69  ? 3   DC  A H5     1 
ATOM   90  H  H6     . DC  A 1 3  ? 6.548   -5.030  0.577   1.00 10.16 ? 3   DC  A H6     1 
ATOM   91  P  P      . DC  A 1 4  ? 5.845   -8.126  3.925   1.00 14.24 ? 4   DC  A P      1 
ATOM   92  O  OP1    . DC  A 1 4  ? 6.033   -9.065  5.050   1.00 17.22 ? 4   DC  A OP1    1 
ATOM   93  O  OP2    . DC  A 1 4  ? 6.029   -8.609  2.555   1.00 15.53 ? 4   DC  A OP2    1 
ATOM   94  O  "O5'"  . DC  A 1 4  ? 4.389   -7.481  4.000   1.00 11.45 ? 4   DC  A "O5'"  1 
ATOM   95  C  "C5'"  . DC  A 1 4  ? 3.881   -6.999  5.209   1.00 11.63 ? 4   DC  A "C5'"  1 
ATOM   96  C  "C4'"  . DC  A 1 4  ? 2.631   -6.210  4.928   1.00 11.51 ? 4   DC  A "C4'"  1 
ATOM   97  O  "O4'"  . DC  A 1 4  ? 2.954   -5.037  4.147   1.00 9.52  ? 4   DC  A "O4'"  1 
ATOM   98  C  "C3'"  . DC  A 1 4  ? 1.630   -6.955  4.087   1.00 11.74 ? 4   DC  A "C3'"  1 
ATOM   99  O  "O3'"  . DC  A 1 4  ? 0.916   -7.876  4.900   1.00 11.13 ? 4   DC  A "O3'"  1 
ATOM   100 C  "C2'"  . DC  A 1 4  ? 0.783   -5.820  3.530   1.00 10.42 ? 4   DC  A "C2'"  1 
ATOM   101 C  "C1'"  . DC  A 1 4  ? 1.832   -4.677  3.378   1.00 8.27  ? 4   DC  A "C1'"  1 
ATOM   102 N  N1     . DC  A 1 4  ? 2.209   -4.428  1.959   1.00 6.85  ? 4   DC  A N1     1 
ATOM   103 C  C2     . DC  A 1 4  ? 2.255   -3.119  1.477   1.00 6.13  ? 4   DC  A C2     1 
ATOM   104 O  O2     . DC  A 1 4  ? 2.077   -2.186  2.278   1.00 7.07  ? 4   DC  A O2     1 
ATOM   105 N  N3     . DC  A 1 4  ? 2.463   -2.924  0.144   1.00 7.58  ? 4   DC  A N3     1 
ATOM   106 C  C4     . DC  A 1 4  ? 2.678   -3.981  -0.657  1.00 7.39  ? 4   DC  A C4     1 
ATOM   107 N  N4     . DC  A 1 4  ? 2.886   -3.768  -1.952  1.00 8.21  ? 4   DC  A N4     1 
ATOM   108 C  C5     . DC  A 1 4  ? 2.662   -5.316  -0.163  1.00 9.13  ? 4   DC  A C5     1 
ATOM   109 C  C6     . DC  A 1 4  ? 2.416   -5.490  1.127   1.00 9.79  ? 4   DC  A C6     1 
ATOM   110 H  "H5'"  . DC  A 1 4  ? 4.539   -6.429  5.637   1.00 13.95 ? 4   DC  A "H5'"  1 
ATOM   111 H  "H5''" . DC  A 1 4  ? 3.676   -7.741  5.798   1.00 13.95 ? 4   DC  A "H5''" 1 
ATOM   112 H  "H4'"  . DC  A 1 4  ? 2.234   -5.929  5.768   1.00 13.81 ? 4   DC  A "H4'"  1 
ATOM   113 H  "H3'"  . DC  A 1 4  ? 2.043   -7.434  3.351   1.00 14.09 ? 4   DC  A "H3'"  1 
ATOM   114 H  "H2'"  . DC  A 1 4  ? 0.391   -6.056  2.675   1.00 12.51 ? 4   DC  A "H2'"  1 
ATOM   115 H  "H2''" . DC  A 1 4  ? 0.075   -5.571  4.144   1.00 12.51 ? 4   DC  A "H2''" 1 
ATOM   116 H  "H1'"  . DC  A 1 4  ? 1.493   -3.852  3.757   1.00 9.93  ? 4   DC  A "H1'"  1 
ATOM   117 H  H41    . DC  A 1 4  ? 3.025   -4.433  -2.480  1.00 9.85  ? 4   DC  A H41    1 
ATOM   118 H  H42    . DC  A 1 4  ? 2.881   -2.966  -2.262  1.00 9.85  ? 4   DC  A H42    1 
ATOM   119 H  H5     . DC  A 1 4  ? 2.818   -6.040  -0.725  1.00 10.96 ? 4   DC  A H5     1 
ATOM   120 H  H6     . DC  A 1 4  ? 2.384   -6.353  1.472   1.00 11.75 ? 4   DC  A H6     1 
ATOM   121 P  P      . DT  A 1 5  ? 0.175   -9.145  4.260   1.00 12.51 ? 5   DT  A P      1 
ATOM   122 O  OP1    . DT  A 1 5  ? -0.170  -10.043 5.394   1.00 16.98 ? 5   DT  A OP1    1 
ATOM   123 O  OP2    . DT  A 1 5  ? 0.922   -9.655  3.100   1.00 16.24 ? 5   DT  A OP2    1 
ATOM   124 O  "O5'"  . DT  A 1 5  ? -1.153  -8.498  3.683   1.00 11.27 ? 5   DT  A "O5'"  1 
ATOM   125 C  "C5'"  . DT  A 1 5  ? -2.096  -9.302  3.041   1.00 13.43 ? 5   DT  A "C5'"  1 
ATOM   126 C  "C4'"  . DT  A 1 5  ? -3.421  -8.592  2.972   1.00 11.51 ? 5   DT  A "C4'"  1 
ATOM   127 O  "O4'"  . DT  A 1 5  ? -3.934  -8.383  4.311   1.00 12.39 ? 5   DT  A "O4'"  1 
ATOM   128 C  "C3'"  . DT  A 1 5  ? -3.391  -7.213  2.327   1.00 11.65 ? 5   DT  A "C3'"  1 
ATOM   129 O  "O3'"  . DT  A 1 5  ? -4.596  -7.061  1.621   1.00 10.76 ? 5   DT  A "O3'"  1 
ATOM   130 C  "C2'"  . DT  A 1 5  ? -3.271  -6.282  3.530   1.00 12.11 ? 5   DT  A "C2'"  1 
ATOM   131 C  "C1'"  . DT  A 1 5  ? -4.133  -7.009  4.556   1.00 11.67 ? 5   DT  A "C1'"  1 
ATOM   132 N  N1     . DT  A 1 5  ? -3.787  -6.747  5.977   1.00 13.56 ? 5   DT  A N1     1 
ATOM   133 C  C2     . DT  A 1 5  ? -4.641  -5.998  6.754   1.00 15.98 ? 5   DT  A C2     1 
ATOM   134 O  O2     . DT  A 1 5  ? -5.672  -5.507  6.334   1.00 16.50 ? 5   DT  A O2     1 
ATOM   135 N  N3     . DT  A 1 5  ? -4.236  -5.832  8.051   1.00 17.72 ? 5   DT  A N3     1 
ATOM   136 C  C4     . DT  A 1 5  ? -3.091  -6.333  8.638   1.00 18.88 ? 5   DT  A C4     1 
ATOM   137 O  O4     . DT  A 1 5  ? -2.815  -6.126  9.817   1.00 23.71 ? 5   DT  A O4     1 
ATOM   138 C  C5     . DT  A 1 5  ? -2.247  -7.124  7.772   1.00 16.25 ? 5   DT  A C5     1 
ATOM   139 C  C7     . DT  A 1 5  ? -0.977  -7.726  8.296   1.00 18.29 ? 5   DT  A C7     1 
ATOM   140 C  C6     . DT  A 1 5  ? -2.634  -7.296  6.501   1.00 14.21 ? 5   DT  A C6     1 
ATOM   141 H  "H5'"  . DT  A 1 5  ? -2.201  -10.131 3.533   1.00 16.12 ? 5   DT  A "H5'"  1 
ATOM   142 H  "H5''" . DT  A 1 5  ? -1.791  -9.503  2.143   1.00 16.12 ? 5   DT  A "H5''" 1 
ATOM   143 H  "H4'"  . DT  A 1 5  ? -4.043  -9.150  2.480   1.00 13.81 ? 5   DT  A "H4'"  1 
ATOM   144 H  "H3'"  . DT  A 1 5  ? -2.622  -7.076  1.752   1.00 13.98 ? 5   DT  A "H3'"  1 
ATOM   145 H  "H2'"  . DT  A 1 5  ? -2.352  -6.201  3.828   1.00 14.53 ? 5   DT  A "H2'"  1 
ATOM   146 H  "H2''" . DT  A 1 5  ? -3.618  -5.397  3.334   1.00 14.53 ? 5   DT  A "H2''" 1 
ATOM   147 H  "H1'"  . DT  A 1 5  ? -5.059  -6.759  4.413   1.00 14.00 ? 5   DT  A "H1'"  1 
ATOM   148 H  H3     . DT  A 1 5  ? -4.751  -5.364  8.556   1.00 21.26 ? 5   DT  A H3     1 
ATOM   149 H  H71    . DT  A 1 5  ? -0.895  -7.519  9.239   1.00 21.94 ? 5   DT  A H71    1 
ATOM   150 H  H72    . DT  A 1 5  ? -1.008  -8.688  8.169   1.00 21.94 ? 5   DT  A H72    1 
ATOM   151 H  H73    . DT  A 1 5  ? -0.225  -7.352  7.809   1.00 21.94 ? 5   DT  A H73    1 
ATOM   152 H  H6     . DT  A 1 5  ? -2.099  -7.813  5.943   1.00 17.05 ? 5   DT  A H6     1 
ATOM   153 P  P      . DA  A 1 6  ? -4.909  -5.826  0.649   1.00 8.15  ? 6   DA  A P      1 
ATOM   154 O  OP1    . DA  A 1 6  ? -3.691  -5.395  -0.089  1.00 8.14  ? 6   DA  A OP1    1 
ATOM   155 O  OP2    . DA  A 1 6  ? -5.690  -4.856  1.429   1.00 9.97  ? 6   DA  A OP2    1 
ATOM   156 O  "O5'"  . DA  A 1 6  ? -5.858  -6.516  -0.414  1.00 8.62  ? 6   DA  A "O5'"  1 
ATOM   157 C  "C5'"  . DA  A 1 6  ? -6.859  -7.426  0.019   1.00 9.60  ? 6   DA  A "C5'"  1 
ATOM   158 C  "C4'"  . DA  A 1 6  ? -7.779  -7.719  -1.125  1.00 9.36  ? 6   DA  A "C4'"  1 
ATOM   159 O  "O4'"  . DA  A 1 6  ? -8.570  -6.546  -1.382  1.00 7.87  ? 6   DA  A "O4'"  1 
ATOM   160 C  "C3'"  . DA  A 1 6  ? -7.056  -8.044  -2.415  1.00 9.07  ? 6   DA  A "C3'"  1 
ATOM   161 O  "O3'"  . DA  A 1 6  ? -6.991  -9.440  -2.587  1.00 10.57 ? 6   DA  A "O3'"  1 
ATOM   162 C  "C2'"  . DA  A 1 6  ? -7.875  -7.364  -3.499  1.00 10.16 ? 6   DA  A "C2'"  1 
ATOM   163 C  "C1'"  . DA  A 1 6  ? -8.650  -6.290  -2.764  1.00 9.47  ? 6   DA  A "C1'"  1 
ATOM   164 N  N9     . DA  A 1 6  ? -8.205  -4.916  -2.996  1.00 9.86  ? 6   DA  A N9     1 
ATOM   165 C  C8     . DA  A 1 6  ? -7.609  -4.068  -2.096  1.00 8.24  ? 6   DA  A C8     1 
ATOM   166 N  N7     . DA  A 1 6  ? -7.425  -2.851  -2.562  1.00 9.21  ? 6   DA  A N7     1 
ATOM   167 C  C5     . DA  A 1 6  ? -7.960  -2.909  -3.835  1.00 9.23  ? 6   DA  A C5     1 
ATOM   168 C  C6     . DA  A 1 6  ? -8.091  -1.958  -4.856  1.00 9.19  ? 6   DA  A C6     1 
ATOM   169 N  N6     . DA  A 1 6  ? -7.661  -0.701  -4.753  1.00 12.39 ? 6   DA  A N6     1 
ATOM   170 N  N1     . DA  A 1 6  ? -8.658  -2.355  -6.013  1.00 10.61 ? 6   DA  A N1     1 
ATOM   171 C  C2     . DA  A 1 6  ? -9.102  -3.607  -6.118  1.00 12.16 ? 6   DA  A C2     1 
ATOM   172 N  N3     . DA  A 1 6  ? -9.042  -4.584  -5.232  1.00 10.50 ? 6   DA  A N3     1 
ATOM   173 C  C4     . DA  A 1 6  ? -8.459  -4.167  -4.103  1.00 9.11  ? 6   DA  A C4     1 
ATOM   174 H  "H5'"  . DA  A 1 6  ? -7.362  -7.036  0.750   1.00 11.52 ? 6   DA  A "H5'"  1 
ATOM   175 H  "H5''" . DA  A 1 6  ? -6.444  -8.249  0.323   1.00 11.52 ? 6   DA  A "H5''" 1 
ATOM   176 H  "H4'"  . DA  A 1 6  ? -8.377  -8.452  -0.909  1.00 11.23 ? 6   DA  A "H4'"  1 
ATOM   177 H  "H3'"  . DA  A 1 6  ? -6.170  -7.649  -2.401  1.00 10.88 ? 6   DA  A "H3'"  1 
ATOM   178 H  "H2'"  . DA  A 1 6  ? -7.299  -6.973  -4.174  1.00 12.20 ? 6   DA  A "H2'"  1 
ATOM   179 H  "H2''" . DA  A 1 6  ? -8.477  -7.994  -3.925  1.00 12.20 ? 6   DA  A "H2''" 1 
ATOM   180 H  "H1'"  . DA  A 1 6  ? -9.574  -6.376  -3.047  1.00 11.36 ? 6   DA  A "H1'"  1 
ATOM   181 H  H8     . DA  A 1 6  ? -7.359  -4.329  -1.238  1.00 9.89  ? 6   DA  A H8     1 
ATOM   182 H  H61    . DA  A 1 6  ? -7.748  -0.161  -5.416  1.00 14.86 ? 6   DA  A H61    1 
ATOM   183 H  H62    . DA  A 1 6  ? -7.296  -0.431  -4.022  1.00 14.86 ? 6   DA  A H62    1 
ATOM   184 H  H2     . DA  A 1 6  ? -9.511  -3.823  -6.926  1.00 14.59 ? 6   DA  A H2     1 
ATOM   185 P  P      . DI  A 1 7  ? -5.572  -10.181 -2.587  1.00 10.81 ? 7   DI  A P      1 
ATOM   186 O  OP1    . DI  A 1 7  ? -5.867  -11.662 -2.721  1.00 12.74 ? 7   DI  A OP1    1 
ATOM   187 O  OP2    . DI  A 1 7  ? -4.782  -9.808  -1.366  1.00 12.65 ? 7   DI  A OP2    1 
ATOM   188 O  "O5'"  . DI  A 1 7  ? -4.794  -9.606  -3.914  1.00 11.55 ? 7   DI  A "O5'"  1 
ATOM   189 C  "C5'"  . DI  A 1 7  ? -5.379  -9.783  -5.164  1.00 11.99 ? 7   DI  A "C5'"  1 
ATOM   190 C  "C4'"  . DI  A 1 7  ? -4.818  -8.685  -6.093  1.00 12.75 ? 7   DI  A "C4'"  1 
ATOM   191 O  "O4'"  . DI  A 1 7  ? -5.255  -7.547  -5.634  1.00 12.99 ? 7   DI  A "O4'"  1 
ATOM   192 C  "C3'"  . DI  A 1 7  ? -3.230  -8.622  -6.090  1.00 12.68 ? 7   DI  A "C3'"  1 
ATOM   193 O  "O3'"  . DI  A 1 7  ? -2.801  -8.475  -7.393  1.00 14.82 ? 7   DI  A "O3'"  1 
ATOM   194 C  "C2'"  . DI  A 1 7  ? -2.980  -7.406  -5.253  1.00 11.83 ? 7   DI  A "C2'"  1 
ATOM   195 C  "C1'"  . DI  A 1 7  ? -4.005  -6.602  -5.621  1.00 10.62 ? 7   DI  A "C1'"  1 
ATOM   196 N  N9     . DI  A 1 7  ? -4.165  -5.415  -4.829  1.00 10.12 ? 7   DI  A N9     1 
ATOM   197 C  C8     . DI  A 1 7  ? -3.964  -5.289  -3.501  1.00 7.43  ? 7   DI  A C8     1 
ATOM   198 N  N7     . DI  A 1 7  ? -4.152  -3.983  -3.182  1.00 7.88  ? 7   DI  A N7     1 
ATOM   199 C  C5     . DI  A 1 7  ? -4.448  -3.321  -4.299  1.00 7.87  ? 7   DI  A C5     1 
ATOM   200 C  C6     . DI  A 1 7  ? -4.759  -1.859  -4.614  1.00 8.94  ? 7   DI  A C6     1 
ATOM   201 O  O6     . DI  A 1 7  ? -4.756  -0.996  -3.793  1.00 8.19  ? 7   DI  A O6     1 
ATOM   202 N  N1     . DI  A 1 7  ? -5.041  -1.520  -5.969  1.00 9.65  ? 7   DI  A N1     1 
ATOM   203 C  C2     . DI  A 1 7  ? -5.036  -2.502  -7.015  1.00 11.17 ? 7   DI  A C2     1 
ATOM   204 N  N3     . DI  A 1 7  ? -4.747  -3.879  -6.709  1.00 10.74 ? 7   DI  A N3     1 
ATOM   205 C  C4     . DI  A 1 7  ? -4.447  -4.234  -5.310  1.00 10.62 ? 7   DI  A C4     1 
ATOM   206 H  "H5'"  . DI  A 1 7  ? -6.457  -9.689  -5.088  1.00 14.39 ? 7   DI  A "H5'"  1 
ATOM   207 H  "H5''" . DI  A 1 7  ? -5.129  -10.764 -5.556  1.00 14.39 ? 7   DI  A "H5''" 1 
ATOM   208 H  "H4'"  . DI  A 1 7  ? -5.107  -8.849  -7.125  1.00 15.30 ? 7   DI  A "H4'"  1 
ATOM   209 H  "H3'"  . DI  A 1 7  ? -2.739  -9.485  -5.657  1.00 15.21 ? 7   DI  A "H3'"  1 
ATOM   210 H  "H2'"  . DI  A 1 7  ? -3.033  -7.645  -4.195  1.00 14.20 ? 7   DI  A "H2'"  1 
ATOM   211 H  "H2''" . DI  A 1 7  ? -2.022  -6.955  -5.495  1.00 14.20 ? 7   DI  A "H2''" 1 
ATOM   212 H  "H1'"  . DI  A 1 7  ? -3.819  -6.222  -6.620  1.00 12.75 ? 7   DI  A "H1'"  1 
ATOM   213 H  H8     . DI  A 1 7  ? -3.701  -6.085  -2.815  1.00 8.91  ? 7   DI  A H8     1 
ATOM   214 H  H1     . DI  A 1 7  ? -5.248  -0.567  -6.197  1.00 11.58 ? 7   DI  A H1     1 
ATOM   215 P  P      . DC  A 1 8  ? -1.236  -8.378  -7.766  1.00 15.63 ? 8   DC  A P      1 
ATOM   216 O  OP1    . DC  A 1 8  ? -1.146  -8.637  -9.218  1.00 18.71 ? 8   DC  A OP1    1 
ATOM   217 O  OP2    . DC  A 1 8  ? -0.446  -9.153  -6.812  1.00 14.38 ? 8   DC  A OP2    1 
ATOM   218 O  "O5'"  . DC  A 1 8  ? -0.840  -6.848  -7.479  1.00 13.66 ? 8   DC  A "O5'"  1 
ATOM   219 C  "C5'"  . DC  A 1 8  ? -1.358  -5.826  -8.274  1.00 12.44 ? 8   DC  A "C5'"  1 
ATOM   220 C  "C4'"  . DC  A 1 8  ? -1.032  -4.483  -7.665  1.00 11.88 ? 8   DC  A "C4'"  1 
ATOM   221 O  "O4'"  . DC  A 1 8  ? -1.639  -4.386  -6.360  1.00 9.90  ? 8   DC  A "O4'"  1 
ATOM   222 C  "C3'"  . DC  A 1 8  ? 0.438   -4.240  -7.397  1.00 11.97 ? 8   DC  A "C3'"  1 
ATOM   223 O  "O3'"  . DC  A 1 8  ? 1.096   -3.756  -8.564  1.00 12.97 ? 8   DC  A "O3'"  1 
ATOM   224 C  "C2'"  . DC  A 1 8  ? 0.416   -3.202  -6.279  1.00 9.93  ? 8   DC  A "C2'"  1 
ATOM   225 C  "C1'"  . DC  A 1 8  ? -0.940  -3.425  -5.601  1.00 10.01 ? 8   DC  A "C1'"  1 
ATOM   226 N  N1     . DC  A 1 8  ? -0.830  -3.915  -4.217  1.00 10.22 ? 8   DC  A N1     1 
ATOM   227 C  C2     . DC  A 1 8  ? -1.227  -3.090  -3.159  1.00 7.49  ? 8   DC  A C2     1 
ATOM   228 O  O2     . DC  A 1 8  ? -1.686  -1.972  -3.403  1.00 9.03  ? 8   DC  A O2     1 
ATOM   229 N  N3     . DC  A 1 8  ? -1.096  -3.541  -1.897  1.00 7.77  ? 8   DC  A N3     1 
ATOM   230 C  C4     . DC  A 1 8  ? -0.622  -4.763  -1.670  1.00 7.58  ? 8   DC  A C4     1 
ATOM   231 N  N4     . DC  A 1 8  ? -0.529  -5.164  -0.411  1.00 9.36  ? 8   DC  A N4     1 
ATOM   232 C  C5     . DC  A 1 8  ? -0.210  -5.624  -2.735  1.00 8.53  ? 8   DC  A C5     1 
ATOM   233 C  C6     . DC  A 1 8  ? -0.317  -5.157  -3.978  1.00 8.77  ? 8   DC  A C6     1 
ATOM   234 H  "H5'"  . DC  A 1 8  ? -2.320  -5.925  -8.342  1.00 14.93 ? 8   DC  A "H5'"  1 
ATOM   235 H  "H5''" . DC  A 1 8  ? -0.971  -5.880  -9.162  1.00 14.93 ? 8   DC  A "H5''" 1 
ATOM   236 H  "H4'"  . DC  A 1 8  ? -1.381  -3.790  -8.248  1.00 14.25 ? 8   DC  A "H4'"  1 
ATOM   237 H  "H3'"  . DC  A 1 8  ? 0.861   -5.058  -7.092  1.00 14.36 ? 8   DC  A "H3'"  1 
ATOM   238 H  "H2'"  . DC  A 1 8  ? 1.144   -3.347  -5.655  1.00 11.92 ? 8   DC  A "H2'"  1 
ATOM   239 H  "H2''" . DC  A 1 8  ? 0.482   -2.303  -6.637  1.00 11.92 ? 8   DC  A "H2''" 1 
ATOM   240 H  "H1'"  . DC  A 1 8  ? -1.439  -2.593  -5.615  1.00 12.01 ? 8   DC  A "H1'"  1 
ATOM   241 H  H41    . DC  A 1 8  ? -0.227  -5.948  -0.231  1.00 11.23 ? 8   DC  A H41    1 
ATOM   242 H  H42    . DC  A 1 8  ? -0.770  -4.638  0.226   1.00 11.23 ? 8   DC  A H42    1 
ATOM   243 H  H5     . DC  A 1 8  ? 0.121   -6.476  -2.566  1.00 10.24 ? 8   DC  A H5     1 
ATOM   244 H  H6     . DC  A 1 8  ? -0.040  -5.684  -4.693  1.00 10.53 ? 8   DC  A H6     1 
ATOM   245 P  P      . DG  A 1 9  ? 2.399   -4.504  -9.140  1.00 12.55 ? 9   DG  A P      1 
ATOM   246 O  OP1    . DG  A 1 9  ? 1.947   -5.387  -10.231 1.00 15.82 ? 9   DG  A OP1    1 
ATOM   247 O  OP2    . DG  A 1 9  ? 3.151   -5.096  -8.021  1.00 14.29 ? 9   DG  A OP2    1 
ATOM   248 O  "O5'"  . DG  A 1 9  ? 3.261   -3.313  -9.754  1.00 13.68 ? 9   DG  A "O5'"  1 
ATOM   249 C  "C5'"  . DG  A 1 9  ? 2.768   -2.571  -10.850 1.00 13.54 ? 9   DG  A "C5'"  1 
ATOM   250 C  "C4'"  . DG  A 1 9  ? 2.859   -1.085  -10.561 1.00 12.58 ? 9   DG  A "C4'"  1 
ATOM   251 O  "O4'"  . DG  A 1 9  ? 1.991   -0.780  -9.442  1.00 10.77 ? 9   DG  A "O4'"  1 
ATOM   252 C  "C3'"  . DG  A 1 9  ? 4.242   -0.586  -10.146 1.00 12.64 ? 9   DG  A "C3'"  1 
ATOM   253 O  "O3'"  . DG  A 1 9  ? 5.002   -0.140  -11.268 1.00 13.97 ? 9   DG  A "O3'"  1 
ATOM   254 C  "C2'"  . DG  A 1 9  ? 3.924   0.573   -9.226  1.00 11.64 ? 9   DG  A "C2'"  1 
ATOM   255 C  "C1'"  . DG  A 1 9  ? 2.593   0.177   -8.603  1.00 10.93 ? 9   DG  A "C1'"  1 
ATOM   256 N  N9     . DG  A 1 9  ? 2.737   -0.376  -7.260  1.00 7.98  ? 9   DG  A N9     1 
ATOM   257 C  C8     . DG  A 1 9  ? 3.695   -1.260  -6.807  1.00 8.99  ? 9   DG  A C8     1 
ATOM   258 N  N7     . DG  A 1 9  ? 3.583   -1.533  -5.534  1.00 8.47  ? 9   DG  A N7     1 
ATOM   259 C  C5     . DG  A 1 9  ? 2.482   -0.782  -5.122  1.00 7.12  ? 9   DG  A C5     1 
ATOM   260 C  C6     . DG  A 1 9  ? 1.885   -0.664  -3.845  1.00 7.34  ? 9   DG  A C6     1 
ATOM   261 O  O6     . DG  A 1 9  ? 2.226   -1.232  -2.803  1.00 7.84  ? 9   DG  A O6     1 
ATOM   262 N  N1     . DG  A 1 9  ? 0.781   0.198   -3.860  1.00 7.58  ? 9   DG  A N1     1 
ATOM   263 C  C2     . DG  A 1 9  ? 0.339   0.861   -4.977  1.00 7.10  ? 9   DG  A C2     1 
ATOM   264 N  N2     . DG  A 1 9  ? -0.723  1.649   -4.834  1.00 8.22  ? 9   DG  A N2     1 
ATOM   265 N  N3     . DG  A 1 9  ? 0.907   0.768   -6.171  1.00 7.43  ? 9   DG  A N3     1 
ATOM   266 C  C4     . DG  A 1 9  ? 1.960   -0.065  -6.170  1.00 8.12  ? 9   DG  A C4     1 
ATOM   267 H  "H5'"  . DG  A 1 9  ? 1.842   -2.811  -11.012 1.00 16.25 ? 9   DG  A "H5'"  1 
ATOM   268 H  "H5''" . DG  A 1 9  ? 3.291   -2.778  -11.641 1.00 16.25 ? 9   DG  A "H5''" 1 
ATOM   269 H  "H4'"  . DG  A 1 9  ? 2.576   -0.589  -11.344 1.00 15.09 ? 9   DG  A "H4'"  1 
ATOM   270 H  "H3'"  . DG  A 1 9  ? 4.707   -1.298  -9.679  1.00 15.17 ? 9   DG  A "H3'"  1 
ATOM   271 H  "H2'"  . DG  A 1 9  ? 4.609   0.678   -8.547  1.00 13.96 ? 9   DG  A "H2'"  1 
ATOM   272 H  "H2''" . DG  A 1 9  ? 3.843   1.402   -9.723  1.00 13.96 ? 9   DG  A "H2''" 1 
ATOM   273 H  "H1'"  . DG  A 1 9  ? 2.008   0.951   -8.578  1.00 13.11 ? 9   DG  A "H1'"  1 
ATOM   274 H  H8     . DG  A 1 9  ? 4.353   -1.625  -7.353  1.00 10.79 ? 9   DG  A H8     1 
ATOM   275 H  H21    . DG  A 1 9  ? -1.029  2.085   -5.509  1.00 9.87  ? 9   DG  A H21    1 
ATOM   276 H  H22    . DG  A 1 9  ? -1.104  1.721   -4.067  1.00 9.87  ? 9   DG  A H22    1 
ATOM   277 P  P      . DA  A 1 10 ? 6.035   -1.100  -12.026 1.00 15.81 ? 10  DA  A P      1 
ATOM   278 O  OP1    . DA  A 1 10 ? 6.515   -2.146  -11.108 1.00 19.58 ? 10  DA  A OP1    1 
ATOM   279 O  OP2    . DA  A 1 10 ? 7.005   -0.218  -12.715 1.00 17.61 ? 10  DA  A OP2    1 
ATOM   280 O  "O5'"  . DA  A 1 10 ? 5.134   -1.796  -13.138 1.00 15.56 ? 10  DA  A "O5'"  1 
ATOM   281 C  "C5'"  . DA  A 1 10 ? 4.553   -1.007  -14.143 1.00 17.06 ? 10  DA  A "C5'"  1 
ATOM   282 C  "C4'"  . DA  A 1 10 ? 4.193   -1.856  -15.339 1.00 15.98 ? 10  DA  A "C4'"  1 
ATOM   283 O  "O4'"  . DA  A 1 10 ? 3.673   -1.003  -16.392 1.00 14.66 ? 10  DA  A "O4'"  1 
ATOM   284 C  "C3'"  . DA  A 1 10 ? 5.364   -2.611  -15.953 1.00 15.69 ? 10  DA  A "C3'"  1 
ATOM   285 O  "O3'"  . DA  A 1 10 ? 4.940   -3.867  -16.455 1.00 19.00 ? 10  DA  A "O3'"  1 
ATOM   286 C  "C2'"  . DA  A 1 10 ? 5.830   -1.675  -17.056 1.00 14.03 ? 10  DA  A "C2'"  1 
ATOM   287 C  "C1'"  . DA  A 1 10 ? 4.518   -1.062  -17.522 1.00 13.65 ? 10  DA  A "C1'"  1 
ATOM   288 N  N9     . DA  A 1 10 ? 4.652   0.273   -18.091 1.00 12.82 ? 10  DA  A N9     1 
ATOM   289 C  C8     . DA  A 1 10 ? 4.139   0.692   -19.283 1.00 11.49 ? 10  DA  A C8     1 
ATOM   290 N  N7     . DA  A 1 10 ? 4.411   1.939   -19.570 1.00 10.64 ? 10  DA  A N7     1 
ATOM   291 C  C5     . DA  A 1 10 ? 5.161   2.375   -18.499 1.00 11.17 ? 10  DA  A C5     1 
ATOM   292 C  C6     . DA  A 1 10 ? 5.749   3.617   -18.211 1.00 12.16 ? 10  DA  A C6     1 
ATOM   293 N  N6     . DA  A 1 10 ? 5.662   4.677   -19.032 1.00 11.65 ? 10  DA  A N6     1 
ATOM   294 N  N1     . DA  A 1 10 ? 6.426   3.737   -17.048 1.00 14.60 ? 10  DA  A N1     1 
ATOM   295 C  C2     . DA  A 1 10 ? 6.501   2.668   -16.232 1.00 15.06 ? 10  DA  A C2     1 
ATOM   296 N  N3     . DA  A 1 10 ? 5.998   1.445   -16.400 1.00 14.70 ? 10  DA  A N3     1 
ATOM   297 C  C4     . DA  A 1 10 ? 5.320   1.365   -17.565 1.00 12.35 ? 10  DA  A C4     1 
ATOM   298 H  "H5'"  . DA  A 1 10 ? 5.181   -0.319  -14.415 1.00 20.47 ? 10  DA  A "H5'"  1 
ATOM   299 H  "H5''" . DA  A 1 10 ? 3.752   -0.584  -13.797 1.00 20.47 ? 10  DA  A "H5''" 1 
ATOM   300 H  "H4'"  . DA  A 1 10 ? 3.507   -2.494  -15.089 1.00 19.18 ? 10  DA  A "H4'"  1 
ATOM   301 H  "H3'"  . DA  A 1 10 ? 6.070   -2.733  -15.299 1.00 18.83 ? 10  DA  A "H3'"  1 
ATOM   302 H  "HO3'" . DA  A 1 10 ? 5.043   -4.051  -17.269 1.00 22.79 ? 10  DA  A "HO3'" 1 
ATOM   303 H  "H2'"  . DA  A 1 10 ? 6.436   -0.998  -16.716 1.00 16.84 ? 10  DA  A "H2'"  1 
ATOM   304 H  "H2''" . DA  A 1 10 ? 6.269   -2.161  -17.772 1.00 16.84 ? 10  DA  A "H2''" 1 
ATOM   305 H  "H1'"  . DA  A 1 10 ? 4.115   -1.645  -18.185 1.00 16.38 ? 10  DA  A "H1'"  1 
ATOM   306 H  H8     . DA  A 1 10 ? 3.642   0.139   -19.843 1.00 13.79 ? 10  DA  A H8     1 
ATOM   307 H  H61    . DA  A 1 10 ? 6.035   5.421   -18.814 1.00 13.98 ? 10  DA  A H61    1 
ATOM   308 H  H62    . DA  A 1 10 ? 5.234   4.612   -19.774 1.00 13.98 ? 10  DA  A H62    1 
ATOM   309 H  H2     . DA  A 1 10 ? 6.969   2.802   -15.439 1.00 18.07 ? 10  DA  A H2     1 
ATOM   310 O  "O5'"  . DC  B 1 1  ? 6.054   3.409   8.795   1.00 12.55 ? 1   DC  B "O5'"  1 
ATOM   311 C  "C5'"  . DC  B 1 1  ? 7.229   4.065   8.337   1.00 11.63 ? 1   DC  B "C5'"  1 
ATOM   312 C  "C4'"  . DC  B 1 1  ? 7.111   4.466   6.876   1.00 11.60 ? 1   DC  B "C4'"  1 
ATOM   313 O  "O4'"  . DC  B 1 1  ? 6.903   3.283   6.061   1.00 9.01  ? 1   DC  B "O4'"  1 
ATOM   314 C  "C3'"  . DC  B 1 1  ? 5.944   5.382   6.541   1.00 10.21 ? 1   DC  B "C3'"  1 
ATOM   315 O  "O3'"  . DC  B 1 1  ? 6.300   6.226   5.484   1.00 10.34 ? 1   DC  B "O3'"  1 
ATOM   316 C  "C2'"  . DC  B 1 1  ? 4.863   4.398   6.124   1.00 8.73  ? 1   DC  B "C2'"  1 
ATOM   317 C  "C1'"  . DC  B 1 1  ? 5.695   3.409   5.346   1.00 8.80  ? 1   DC  B "C1'"  1 
ATOM   318 N  N1     . DC  B 1 1  ? 5.122   2.063   5.208   1.00 7.65  ? 1   DC  B N1     1 
ATOM   319 C  C2     . DC  B 1 1  ? 4.348   1.769   4.089   1.00 7.12  ? 1   DC  B C2     1 
ATOM   320 O  O2     . DC  B 1 1  ? 4.139   2.663   3.273   1.00 6.93  ? 1   DC  B O2     1 
ATOM   321 N  N3     . DC  B 1 1  ? 3.859   0.513   3.940   1.00 6.74  ? 1   DC  B N3     1 
ATOM   322 C  C4     . DC  B 1 1  ? 4.128   -0.421  4.870   1.00 7.71  ? 1   DC  B C4     1 
ATOM   323 N  N4     . DC  B 1 1  ? 3.639   -1.650  4.700   1.00 7.70  ? 1   DC  B N4     1 
ATOM   324 C  C5     . DC  B 1 1  ? 4.918   -0.127  6.020   1.00 9.82  ? 1   DC  B C5     1 
ATOM   325 C  C6     . DC  B 1 1  ? 5.393   1.110   6.141   1.00 10.06 ? 1   DC  B C6     1 
ATOM   326 H  "H5'"  . DC  B 1 1  ? 7.987   3.469   8.441   1.00 13.96 ? 1   DC  B "H5'"  1 
ATOM   327 H  "H5''" . DC  B 1 1  ? 7.377   4.860   8.873   1.00 13.96 ? 1   DC  B "H5''" 1 
ATOM   328 H  "H4'"  . DC  B 1 1  ? 7.938   4.898   6.610   1.00 13.92 ? 1   DC  B "H4'"  1 
ATOM   329 H  "H3'"  . DC  B 1 1  ? 5.665   5.891   7.318   1.00 12.26 ? 1   DC  B "H3'"  1 
ATOM   330 H  "H2'"  . DC  B 1 1  ? 4.433   3.986   6.890   1.00 10.47 ? 1   DC  B "H2'"  1 
ATOM   331 H  "H2''" . DC  B 1 1  ? 4.186   4.817   5.570   1.00 10.47 ? 1   DC  B "H2''" 1 
ATOM   332 H  "H1'"  . DC  B 1 1  ? 5.843   3.771   4.458   1.00 10.57 ? 1   DC  B "H1'"  1 
ATOM   333 H  H41    . DC  B 1 1  ? 3.799   -2.261  5.282   1.00 9.23  ? 1   DC  B H41    1 
ATOM   334 H  H42    . DC  B 1 1  ? 3.162   -1.829  4.007   1.00 9.23  ? 1   DC  B H42    1 
ATOM   335 H  H5     . DC  B 1 1  ? 5.094   -0.775  6.662   1.00 11.78 ? 1   DC  B H5     1 
ATOM   336 H  H6     . DC  B 1 1  ? 5.920   1.328   6.876   1.00 12.07 ? 1   DC  B H6     1 
ATOM   337 H  "HO5'" . DC  B 1 1  ? 5.470   3.843   9.213   1.00 15.06 ? 1   DC  B "HO5'" 1 
ATOM   338 P  P      . DA  B 1 2  ? 6.663   7.763   5.746   1.00 12.22 ? 2   DA  B P      1 
ATOM   339 O  OP1    . DA  B 1 2  ? 7.903   7.869   6.552   1.00 14.86 ? 2   DA  B OP1    1 
ATOM   340 O  OP2    . DA  B 1 2  ? 5.432   8.439   6.188   1.00 14.26 ? 2   DA  B OP2    1 
ATOM   341 O  "O5'"  . DA  B 1 2  ? 7.032   8.300   4.299   1.00 11.71 ? 2   DA  B "O5'"  1 
ATOM   342 C  "C5'"  . DA  B 1 2  ? 6.075   8.347   3.257   1.00 9.37  ? 2   DA  B "C5'"  1 
ATOM   343 C  "C4'"  . DA  B 1 2  ? 6.706   8.940   2.005   1.00 8.34  ? 2   DA  B "C4'"  1 
ATOM   344 O  "O4'"  . DA  B 1 2  ? 7.839   8.127   1.591   1.00 8.35  ? 2   DA  B "O4'"  1 
ATOM   345 C  "C3'"  . DA  B 1 2  ? 5.810   8.988   0.796   1.00 9.78  ? 2   DA  B "C3'"  1 
ATOM   346 O  "O3'"  . DA  B 1 2  ? 6.214   10.014  -0.071  1.00 8.72  ? 2   DA  B "O3'"  1 
ATOM   347 C  "C2'"  . DA  B 1 2  ? 5.997   7.614   0.177   1.00 7.90  ? 2   DA  B "C2'"  1 
ATOM   348 C  "C1'"  . DA  B 1 2  ? 7.415   7.206   0.602   1.00 8.43  ? 2   DA  B "C1'"  1 
ATOM   349 N  N9     . DA  B 1 2  ? 7.458   5.862   1.163   1.00 7.40  ? 2   DA  B N9     1 
ATOM   350 C  C8     . DA  B 1 2  ? 8.004   5.479   2.356   1.00 7.98  ? 2   DA  B C8     1 
ATOM   351 N  N7     . DA  B 1 2  ? 7.879   4.203   2.607   1.00 7.09  ? 2   DA  B N7     1 
ATOM   352 C  C5     . DA  B 1 2  ? 7.175   3.723   1.515   1.00 6.56  ? 2   DA  B C5     1 
ATOM   353 C  C6     . DA  B 1 2  ? 6.716   2.443   1.187   1.00 6.53  ? 2   DA  B C6     1 
ATOM   354 N  N6     . DA  B 1 2  ? 6.914   1.389   1.978   1.00 7.25  ? 2   DA  B N6     1 
ATOM   355 N  N1     . DA  B 1 2  ? 6.051   2.291   0.025   1.00 7.83  ? 2   DA  B N1     1 
ATOM   356 C  C2     . DA  B 1 2  ? 5.873   3.365   -0.753  1.00 6.24  ? 2   DA  B C2     1 
ATOM   357 N  N3     . DA  B 1 2  ? 6.274   4.616   -0.553  1.00 7.53  ? 2   DA  B N3     1 
ATOM   358 C  C4     . DA  B 1 2  ? 6.914   4.727   0.615   1.00 8.34  ? 2   DA  B C4     1 
ATOM   359 H  "H5'"  . DA  B 1 2  ? 5.324   8.895   3.533   1.00 11.25 ? 2   DA  B "H5'"  1 
ATOM   360 H  "H5''" . DA  B 1 2  ? 5.758   7.450   3.067   1.00 11.25 ? 2   DA  B "H5''" 1 
ATOM   361 H  "H4'"  . DA  B 1 2  ? 7.014   9.836   2.215   1.00 10.00 ? 2   DA  B "H4'"  1 
ATOM   362 H  "H3'"  . DA  B 1 2  ? 4.886   9.113   1.064   1.00 11.74 ? 2   DA  B "H3'"  1 
ATOM   363 H  "H2'"  . DA  B 1 2  ? 5.339   6.987   0.517   1.00 9.49  ? 2   DA  B "H2'"  1 
ATOM   364 H  "H2''" . DA  B 1 2  ? 5.924   7.655   -0.790  1.00 9.49  ? 2   DA  B "H2''" 1 
ATOM   365 H  "H1'"  . DA  B 1 2  ? 8.018   7.276   -0.154  1.00 10.12 ? 2   DA  B "H1'"  1 
ATOM   366 H  H8     . DA  B 1 2  ? 8.425   6.072   2.936   1.00 9.57  ? 2   DA  B H8     1 
ATOM   367 H  H61    . DA  B 1 2  ? 6.617   0.616   1.746   1.00 8.70  ? 2   DA  B H61    1 
ATOM   368 H  H62    . DA  B 1 2  ? 7.338   1.482   2.721   1.00 8.70  ? 2   DA  B H62    1 
ATOM   369 H  H2     . DA  B 1 2  ? 5.404   3.215   -1.541  1.00 7.49  ? 2   DA  B H2     1 
ATOM   370 P  P      . DC  B 1 3  ? 5.238   11.240  -0.353  1.00 10.04 ? 3   DC  B P      1 
ATOM   371 O  OP1    . DC  B 1 3  ? 6.031   12.225  -1.128  1.00 10.10 ? 3   DC  B OP1    1 
ATOM   372 O  OP2    . DC  B 1 3  ? 4.599   11.647  0.902   1.00 11.25 ? 3   DC  B OP2    1 
ATOM   373 O  "O5'"  . DC  B 1 3  ? 4.091   10.632  -1.266  1.00 9.15  ? 3   DC  B "O5'"  1 
ATOM   374 C  "C5'"  . DC  B 1 3  ? 4.379   10.258  -2.587  1.00 9.68  ? 3   DC  B "C5'"  1 
ATOM   375 C  "C4'"  . DC  B 1 3  ? 3.523   9.083   -3.000  1.00 9.22  ? 3   DC  B "C4'"  1 
ATOM   376 O  "O4'"  . DC  B 1 3  ? 3.875   7.953   -2.193  1.00 9.21  ? 3   DC  B "O4'"  1 
ATOM   377 C  "C3'"  . DC  B 1 3  ? 2.027   9.261   -2.790  1.00 8.97  ? 3   DC  B "C3'"  1 
ATOM   378 O  "O3'"  . DC  B 1 3  ? 1.449   9.842   -3.952  1.00 10.86 ? 3   DC  B "O3'"  1 
ATOM   379 C  "C2'"  . DC  B 1 3  ? 1.518   7.842   -2.521  1.00 10.17 ? 3   DC  B "C2'"  1 
ATOM   380 C  "C1'"  . DC  B 1 3  ? 2.762   7.074   -2.090  1.00 9.37  ? 3   DC  B "C1'"  1 
ATOM   381 N  N1     . DC  B 1 3  ? 2.733   6.591   -0.693  1.00 8.90  ? 3   DC  B N1     1 
ATOM   382 C  C2     . DC  B 1 3  ? 2.963   5.240   -0.432  1.00 7.13  ? 3   DC  B C2     1 
ATOM   383 O  O2     . DC  B 1 3  ? 3.110   4.473   -1.381  1.00 8.80  ? 3   DC  B O2     1 
ATOM   384 N  N3     . DC  B 1 3  ? 3.006   4.824   0.851   1.00 7.79  ? 3   DC  B N3     1 
ATOM   385 C  C4     . DC  B 1 3  ? 2.817   5.694   1.847   1.00 7.18  ? 3   DC  B C4     1 
ATOM   386 N  N4     . DC  B 1 3  ? 2.854   5.239   3.103   1.00 8.91  ? 3   DC  B N4     1 
ATOM   387 C  C5     . DC  B 1 3  ? 2.578   7.077   1.594   1.00 8.93  ? 3   DC  B C5     1 
ATOM   388 C  C6     . DC  B 1 3  ? 2.552   7.470   0.323   1.00 8.37  ? 3   DC  B C6     1 
ATOM   389 H  "H5'"  . DC  B 1 3  ? 5.315   10.015  -2.656  1.00 11.62 ? 3   DC  B "H5'"  1 
ATOM   390 H  "H5''" . DC  B 1 3  ? 4.204   11.008  -3.178  1.00 11.62 ? 3   DC  B "H5''" 1 
ATOM   391 H  "H4'"  . DC  B 1 3  ? 3.686   8.888   -3.936  1.00 11.07 ? 3   DC  B "H4'"  1 
ATOM   392 H  "H3'"  . DC  B 1 3  ? 1.856   9.808   -2.008  1.00 10.76 ? 3   DC  B "H3'"  1 
ATOM   393 H  "H2'"  . DC  B 1 3  ? 0.850   7.842   -1.816  1.00 12.21 ? 3   DC  B "H2'"  1 
ATOM   394 H  "H2''" . DC  B 1 3  ? 1.132   7.454   -3.322  1.00 12.21 ? 3   DC  B "H2''" 1 
ATOM   395 H  "H1'"  . DC  B 1 3  ? 2.867   6.329   -2.703  1.00 11.25 ? 3   DC  B "H1'"  1 
ATOM   396 H  H41    . DC  B 1 3  ? 2.735   5.779   3.761   1.00 10.69 ? 3   DC  B H41    1 
ATOM   397 H  H42    . DC  B 1 3  ? 2.999   4.404   3.254   1.00 10.69 ? 3   DC  B H42    1 
ATOM   398 H  H5     . DC  B 1 3  ? 2.446   7.681   2.289   1.00 10.72 ? 3   DC  B H5     1 
ATOM   399 H  H6     . DC  B 1 3  ? 2.407   8.368   0.126   1.00 10.05 ? 3   DC  B H6     1 
ATOM   400 P  P      . DC  B 1 4  ? -0.110  10.224  -4.001  1.00 12.91 ? 4   DC  B P      1 
ATOM   401 O  OP1    . DC  B 1 4  ? -0.305  10.977  -5.269  1.00 15.11 ? 4   DC  B OP1    1 
ATOM   402 O  OP2    . DC  B 1 4  ? -0.510  10.812  -2.717  1.00 14.86 ? 4   DC  B OP2    1 
ATOM   403 O  "O5'"  . DC  B 1 4  ? -0.845  8.809   -4.087  1.00 11.15 ? 4   DC  B "O5'"  1 
ATOM   404 C  "C5'"  . DC  B 1 4  ? -0.696  8.021   -5.242  1.00 9.98  ? 4   DC  B "C5'"  1 
ATOM   405 C  "C4'"  . DC  B 1 4  ? -1.218  6.621   -5.007  1.00 10.63 ? 4   DC  B "C4'"  1 
ATOM   406 O  "O4'"  . DC  B 1 4  ? -0.365  5.923   -4.078  1.00 8.94  ? 4   DC  B "O4'"  1 
ATOM   407 C  "C3'"  . DC  B 1 4  ? -2.582  6.542   -4.380  1.00 9.56  ? 4   DC  B "C3'"  1 
ATOM   408 O  "O3'"  . DC  B 1 4  ? -3.574  6.751   -5.363  1.00 9.93  ? 4   DC  B "O3'"  1 
ATOM   409 C  "C2'"  . DC  B 1 4  ? -2.588  5.131   -3.812  1.00 8.89  ? 4   DC  B "C2'"  1 
ATOM   410 C  "C1'"  . DC  B 1 4  ? -1.093  4.894   -3.467  1.00 8.75  ? 4   DC  B "C1'"  1 
ATOM   411 N  N1     . DC  B 1 4  ? -0.821  4.887   -1.994  1.00 6.75  ? 4   DC  B N1     1 
ATOM   412 C  C2     . DC  B 1 4  ? -0.128  3.807   -1.428  1.00 7.15  ? 4   DC  B C2     1 
ATOM   413 O  O2     . DC  B 1 4  ? 0.329   2.932   -2.163  1.00 7.16  ? 4   DC  B O2     1 
ATOM   414 N  N3     . DC  B 1 4  ? 0.028   3.765   -0.081  1.00 7.12  ? 4   DC  B N3     1 
ATOM   415 C  C4     . DC  B 1 4  ? -0.440  4.763   0.675   1.00 7.58  ? 4   DC  B C4     1 
ATOM   416 N  N4     . DC  B 1 4  ? -0.266  4.686   1.993   1.00 6.85  ? 4   DC  B N4     1 
ATOM   417 C  C5     . DC  B 1 4  ? -1.128  5.875   0.112   1.00 9.35  ? 4   DC  B C5     1 
ATOM   418 C  C6     . DC  B 1 4  ? -1.303  5.893   -1.211  1.00 9.32  ? 4   DC  B C6     1 
ATOM   419 H  "H5'"  . DC  B 1 4  ? 0.243   7.976   -5.481  1.00 11.98 ? 4   DC  B "H5'"  1 
ATOM   420 H  "H5''" . DC  B 1 4  ? -1.188  8.427   -5.973  1.00 11.98 ? 4   DC  B "H5''" 1 
ATOM   421 H  "H4'"  . DC  B 1 4  ? -1.219  6.156   -5.858  1.00 12.75 ? 4   DC  B "H4'"  1 
ATOM   422 H  "H3'"  . DC  B 1 4  ? -2.687  7.187   -3.664  1.00 11.47 ? 4   DC  B "H3'"  1 
ATOM   423 H  "H2'"  . DC  B 1 4  ? -3.145  5.073   -3.021  1.00 10.66 ? 4   DC  B "H2'"  1 
ATOM   424 H  "H2''" . DC  B 1 4  ? -2.903  4.490   -4.468  1.00 10.66 ? 4   DC  B "H2''" 1 
ATOM   425 H  "H1'"  . DC  B 1 4  ? -0.799  4.051   -3.845  1.00 10.50 ? 4   DC  B "H1'"  1 
ATOM   426 H  H41    . DC  B 1 4  ? -0.557  5.315   2.502   1.00 8.22  ? 4   DC  B H41    1 
ATOM   427 H  H42    . DC  B 1 4  ? 0.137   4.008   2.336   1.00 8.22  ? 4   DC  B H42    1 
ATOM   428 H  H5     . DC  B 1 4  ? -1.444  6.566   0.648   1.00 11.21 ? 4   DC  B H5     1 
ATOM   429 H  H6     . DC  B 1 4  ? -1.761  6.601   -1.603  1.00 11.19 ? 4   DC  B H6     1 
ATOM   430 P  P      . DT  B 1 5  ? -5.007  7.327   -4.956  1.00 11.23 ? 5   DT  B P      1 
ATOM   431 O  OP1    . DT  B 1 5  ? -5.756  7.561   -6.215  1.00 14.05 ? 5   DT  B OP1    1 
ATOM   432 O  OP2    . DT  B 1 5  ? -4.843  8.414   -3.981  1.00 13.14 ? 5   DT  B OP2    1 
ATOM   433 O  "O5'"  . DT  B 1 5  ? -5.667  6.079   -4.211  1.00 10.61 ? 5   DT  B "O5'"  1 
ATOM   434 C  "C5'"  . DT  B 1 5  ? -6.765  6.257   -3.373  1.00 12.62 ? 5   DT  B "C5'"  1 
ATOM   435 C  "C4'"  . DT  B 1 5  ? -7.549  4.978   -3.269  1.00 10.54 ? 5   DT  B "C4'"  1 
ATOM   436 O  "O4'"  . DT  B 1 5  ? -8.049  4.613   -4.579  1.00 12.60 ? 5   DT  B "O4'"  1 
ATOM   437 C  "C3'"  . DT  B 1 5  ? -6.780  3.750   -2.792  1.00 9.83  ? 5   DT  B "C3'"  1 
ATOM   438 O  "O3'"  . DT  B 1 5  ? -7.675  2.968   -2.068  1.00 7.69  ? 5   DT  B "O3'"  1 
ATOM   439 C  "C2'"  . DT  B 1 5  ? -6.358  3.084   -4.083  1.00 10.81 ? 5   DT  B "C2'"  1 
ATOM   440 C  "C1'"  . DT  B 1 5  ? -7.595  3.321   -4.923  1.00 12.22 ? 5   DT  B "C1'"  1 
ATOM   441 N  N1     . DT  B 1 5  ? -7.368  3.276   -6.380  1.00 15.10 ? 5   DT  B N1     1 
ATOM   442 C  C2     . DT  B 1 5  ? -7.996  2.308   -7.126  1.00 15.89 ? 5   DT  B C2     1 
ATOM   443 O  O2     . DT  B 1 5  ? -8.722  1.462   -6.642  1.00 15.16 ? 5   DT  B O2     1 
ATOM   444 N  N3     . DT  B 1 5  ? -7.738  2.366   -8.471  1.00 18.14 ? 5   DT  B N3     1 
ATOM   445 C  C4     . DT  B 1 5  ? -6.936  3.281   -9.130  1.00 19.06 ? 5   DT  B C4     1 
ATOM   446 O  O4     . DT  B 1 5  ? -6.757  3.249   -10.348 1.00 22.58 ? 5   DT  B O4     1 
ATOM   447 C  C5     . DT  B 1 5  ? -6.316  4.273   -8.287  1.00 17.59 ? 5   DT  B C5     1 
ATOM   448 C  C7     . DT  B 1 5  ? -5.426  5.317   -8.886  1.00 17.47 ? 5   DT  B C7     1 
ATOM   449 C  C6     . DT  B 1 5  ? -6.560  4.228   -6.968  1.00 15.63 ? 5   DT  B C6     1 
ATOM   450 H  "H5'"  . DT  B 1 5  ? -7.334  6.956   -3.730  1.00 15.15 ? 5   DT  B "H5'"  1 
ATOM   451 H  "H5''" . DT  B 1 5  ? -6.458  6.519   -2.490  1.00 15.15 ? 5   DT  B "H5''" 1 
ATOM   452 H  "H4'"  . DT  B 1 5  ? -8.291  5.131   -2.663  1.00 12.65 ? 5   DT  B "H4'"  1 
ATOM   453 H  "H3'"  . DT  B 1 5  ? -5.989  3.981   -2.281  1.00 11.79 ? 5   DT  B "H3'"  1 
ATOM   454 H  "H2'"  . DT  B 1 5  ? -5.574  3.505   -4.468  1.00 12.98 ? 5   DT  B "H2'"  1 
ATOM   455 H  "H2''" . DT  B 1 5  ? -6.181  2.139   -3.961  1.00 12.98 ? 5   DT  B "H2''" 1 
ATOM   456 H  "H1'"  . DT  B 1 5  ? -8.264  2.657   -4.697  1.00 14.66 ? 5   DT  B "H1'"  1 
ATOM   457 H  H3     . DT  B 1 5  ? -8.117  1.766   -8.959  1.00 21.76 ? 5   DT  B H3     1 
ATOM   458 H  H71    . DT  B 1 5  ? -5.790  6.193   -8.689  1.00 20.96 ? 5   DT  B H71    1 
ATOM   459 H  H72    . DT  B 1 5  ? -4.539  5.233   -8.502  1.00 20.96 ? 5   DT  B H72    1 
ATOM   460 H  H73    . DT  B 1 5  ? -5.385  5.184   -9.846  1.00 20.96 ? 5   DT  B H73    1 
ATOM   461 H  H6     . DT  B 1 5  ? -6.165  4.870   -6.424  1.00 18.76 ? 5   DT  B H6     1 
ATOM   462 P  P      . DA  B 1 6  ? -7.272  1.633   -1.276  1.00 8.05  ? 6   DA  B P      1 
ATOM   463 O  OP1    . DA  B 1 6  ? -6.179  1.942   -0.337  1.00 6.97  ? 6   DA  B OP1    1 
ATOM   464 O  OP2    . DA  B 1 6  ? -7.111  0.493   -2.201  1.00 8.69  ? 6   DA  B OP2    1 
ATOM   465 O  "O5'"  . DA  B 1 6  ? -8.574  1.416   -0.406  1.00 8.05  ? 6   DA  B "O5'"  1 
ATOM   466 C  "C5'"  . DA  B 1 6  ? -9.851  1.553   -0.984  1.00 9.32  ? 6   DA  B "C5'"  1 
ATOM   467 C  "C4'"  . DA  B 1 6  ? -10.906 1.285   0.066   1.00 7.90  ? 6   DA  B "C4'"  1 
ATOM   468 O  "O4'"  . DA  B 1 6  ? -10.975 -0.130  0.323   1.00 8.66  ? 6   DA  B "O4'"  1 
ATOM   469 C  "C3'"  . DA  B 1 6  ? -10.632 1.950   1.409   1.00 8.27  ? 6   DA  B "C3'"  1 
ATOM   470 O  "O3'"  . DA  B 1 6  ? -11.385 3.123   1.525   1.00 8.42  ? 6   DA  B "O3'"  1 
ATOM   471 C  "C2'"  . DA  B 1 6  ? -11.036 0.921   2.450   1.00 9.13  ? 6   DA  B "C2'"  1 
ATOM   472 C  "C1'"  . DA  B 1 6  ? -10.943 -0.389  1.705   1.00 8.91  ? 6   DA  B "C1'"  1 
ATOM   473 N  N9     . DA  B 1 6  ? -9.763  -1.201  1.971   1.00 9.01  ? 6   DA  B N9     1 
ATOM   474 C  C8     . DA  B 1 6  ? -8.830  -1.632  1.063   1.00 8.82  ? 6   DA  B C8     1 
ATOM   475 N  N7     . DA  B 1 6  ? -7.935  -2.446  1.569   1.00 8.34  ? 6   DA  B N7     1 
ATOM   476 C  C5     . DA  B 1 6  ? -8.336  -2.582  2.890   1.00 8.75  ? 6   DA  B C5     1 
ATOM   477 C  C6     . DA  B 1 6  ? -7.811  -3.314  3.971   1.00 9.13  ? 6   DA  B C6     1 
ATOM   478 N  N6     . DA  B 1 6  ? -6.738  -4.104  3.885   1.00 11.42 ? 6   DA  B N6     1 
ATOM   479 N  N1     . DA  B 1 6  ? -8.441  -3.208  5.159   1.00 12.59 ? 6   DA  B N1     1 
ATOM   480 C  C2     . DA  B 1 6  ? -9.524  -2.433  5.251   1.00 13.52 ? 6   DA  B C2     1 
ATOM   481 N  N3     . DA  B 1 6  ? -10.109 -1.706  4.306   1.00 12.17 ? 6   DA  B N3     1 
ATOM   482 C  C4     . DA  B 1 6  ? -9.456  -1.820  3.143   1.00 9.21  ? 6   DA  B C4     1 
ATOM   483 H  "H5'"  . DA  B 1 6  ? -9.948  0.921   -1.713  1.00 11.18 ? 6   DA  B "H5'"  1 
ATOM   484 H  "H5''" . DA  B 1 6  ? -9.958  2.453   -1.330  1.00 11.18 ? 6   DA  B "H5''" 1 
ATOM   485 H  "H4'"  . DA  B 1 6  ? -11.773 1.575   -0.257  1.00 9.48  ? 6   DA  B "H4'"  1 
ATOM   486 H  "H3'"  . DA  B 1 6  ? -9.682  2.126   1.490   1.00 9.92  ? 6   DA  B "H3'"  1 
ATOM   487 H  "H2'"  . DA  B 1 6  ? -10.430 0.935   3.208   1.00 10.95 ? 6   DA  B "H2'"  1 
ATOM   488 H  "H2''" . DA  B 1 6  ? -11.939 1.080   2.765   1.00 10.95 ? 6   DA  B "H2''" 1 
ATOM   489 H  "H1'"  . DA  B 1 6  ? -11.734 -0.890  1.959   1.00 10.70 ? 6   DA  B "H1'"  1 
ATOM   490 H  H8     . DA  B 1 6  ? -8.832  -1.372  0.170   1.00 10.58 ? 6   DA  B H8     1 
ATOM   491 H  H61    . DA  B 1 6  ? -6.464  -4.533  4.578   1.00 13.71 ? 6   DA  B H61    1 
ATOM   492 H  H62    . DA  B 1 6  ? -6.323  -4.185  3.136   1.00 13.71 ? 6   DA  B H62    1 
ATOM   493 H  H2     . DA  B 1 6  ? -9.923  -2.397  6.090   1.00 16.23 ? 6   DA  B H2     1 
ATOM   494 P  P      . DI  B 1 7  ? -10.643 4.531   1.624   1.00 9.52  ? 7   DI  B P      1 
ATOM   495 O  OP1    . DI  B 1 7  ? -11.746 5.547   1.743   1.00 8.44  ? 7   DI  B OP1    1 
ATOM   496 O  OP2    . DI  B 1 7  ? -9.672  4.700   0.488   1.00 10.20 ? 7   DI  B OP2    1 
ATOM   497 O  "O5'"  . DI  B 1 7  ? -9.806  4.429   3.012   1.00 8.51  ? 7   DI  B "O5'"  1 
ATOM   498 C  "C5'"  . DI  B 1 7  ? -10.497 4.278   4.208   1.00 10.50 ? 7   DI  B "C5'"  1 
ATOM   499 C  "C4'"  . DI  B 1 7  ? -9.502  3.696   5.235   1.00 11.62 ? 7   DI  B "C4'"  1 
ATOM   500 O  "O4'"  . DI  B 1 7  ? -9.129  2.519   4.812   1.00 9.61  ? 7   DI  B "O4'"  1 
ATOM   501 C  "C3'"  . DI  B 1 7  ? -8.193  4.582   5.385   1.00 10.04 ? 7   DI  B "C3'"  1 
ATOM   502 O  "O3'"  . DI  B 1 7  ? -7.934  4.721   6.732   1.00 12.56 ? 7   DI  B "O3'"  1 
ATOM   503 C  "C2'"  . DI  B 1 7  ? -7.187  3.736   4.675   1.00 9.23  ? 7   DI  B "C2'"  1 
ATOM   504 C  "C1'"  . DI  B 1 7  ? -7.580  2.471   4.988   1.00 9.08  ? 7   DI  B "C1'"  1 
ATOM   505 N  N9     . DI  B 1 7  ? -6.953  1.440   4.219   1.00 7.89  ? 7   DI  B N9     1 
ATOM   506 C  C8     . DI  B 1 7  ? -6.716  1.486   2.890   1.00 7.04  ? 7   DI  B C8     1 
ATOM   507 N  N7     . DI  B 1 7  ? -6.008  0.380   2.559   1.00 7.99  ? 7   DI  B N7     1 
ATOM   508 C  C5     . DI  B 1 7  ? -5.801  -0.321  3.676   1.00 8.72  ? 7   DI  B C5     1 
ATOM   509 C  C6     . DI  B 1 7  ? -5.086  -1.639  3.993   1.00 9.12  ? 7   DI  B C6     1 
ATOM   510 O  O6     . DI  B 1 7  ? -4.545  -2.327  3.179   1.00 8.32  ? 7   DI  B O6     1 
ATOM   511 N  N1     . DI  B 1 7  ? -5.082  -2.063  5.360   1.00 10.94 ? 7   DI  B N1     1 
ATOM   512 C  C2     . DI  B 1 7  ? -5.712  -1.324  6.412   1.00 12.15 ? 7   DI  B C2     1 
ATOM   513 N  N3     . DI  B 1 7  ? -6.393  -0.097  6.103   1.00 11.91 ? 7   DI  B N3     1 
ATOM   514 C  C4     . DI  B 1 7  ? -6.396  0.360   4.701   1.00 9.24  ? 7   DI  B C4     1 
ATOM   515 H  "H5'"  . DI  B 1 7  ? -11.332 3.599   4.073   1.00 12.60 ? 7   DI  B "H5'"  1 
ATOM   516 H  "H5''" . DI  B 1 7  ? -10.865 5.239   4.550   1.00 12.60 ? 7   DI  B "H5''" 1 
ATOM   517 H  "H4'"  . DI  B 1 7  ? -9.949  3.636   6.221   1.00 13.95 ? 7   DI  B "H4'"  1 
ATOM   518 H  "H3'"  . DI  B 1 7  ? -8.240  5.565   4.932   1.00 12.05 ? 7   DI  B "H3'"  1 
ATOM   519 H  "H2'"  . DI  B 1 7  ? -7.234  3.900   3.603   1.00 11.08 ? 7   DI  B "H2'"  1 
ATOM   520 H  "H2''" . DI  B 1 7  ? -6.186  3.933   5.048   1.00 11.08 ? 7   DI  B "H2''" 1 
ATOM   521 H  "H1'"  . DI  B 1 7  ? -7.309  2.248   6.014   1.00 10.89 ? 7   DI  B "H1'"  1 
ATOM   522 H  H8     . DI  B 1 7  ? -7.035  2.267   2.212   1.00 8.45  ? 7   DI  B H8     1 
ATOM   523 P  P      . DC  B 1 8  ? -6.724  5.640   7.276   1.00 13.73 ? 8   DC  B P      1 
ATOM   524 O  OP1    . DC  B 1 8  ? -6.966  5.816   8.729   1.00 16.75 ? 8   DC  B OP1    1 
ATOM   525 O  OP2    . DC  B 1 8  ? -6.550  6.798   6.399   1.00 14.93 ? 8   DC  B OP2    1 
ATOM   526 O  "O5'"  . DC  B 1 8  ? -5.418  4.719   7.099   1.00 11.66 ? 8   DC  B "O5'"  1 
ATOM   527 C  "C5'"  . DC  B 1 8  ? -5.284  3.549   7.860   1.00 12.65 ? 8   DC  B "C5'"  1 
ATOM   528 C  "C4'"  . DC  B 1 8  ? -4.147  2.683   7.341   1.00 11.55 ? 8   DC  B "C4'"  1 
ATOM   529 O  "O4'"  . DC  B 1 8  ? -4.457  2.199   6.020   1.00 10.76 ? 8   DC  B "O4'"  1 
ATOM   530 C  "C3'"  . DC  B 1 8  ? -2.818  3.382   7.166   1.00 11.00 ? 8   DC  B "C3'"  1 
ATOM   531 O  "O3'"  . DC  B 1 8  ? -2.109  3.422   8.378   1.00 12.78 ? 8   DC  B "O3'"  1 
ATOM   532 C  "C2'"  . DC  B 1 8  ? -2.112  2.504   6.142   1.00 10.50 ? 8   DC  B "C2'"  1 
ATOM   533 C  "C1'"  . DC  B 1 8  ? -3.254  1.865   5.357   1.00 9.61  ? 8   DC  B "C1'"  1 
ATOM   534 N  N1     . DC  B 1 8  ? -3.345  2.352   3.979   1.00 8.42  ? 8   DC  B N1     1 
ATOM   535 C  C2     . DC  B 1 8  ? -3.069  1.490   2.915   1.00 8.68  ? 8   DC  B C2     1 
ATOM   536 O  O2     . DC  B 1 8  ? -2.759  0.310   3.146   1.00 9.14  ? 8   DC  B O2     1 
ATOM   537 N  N3     . DC  B 1 8  ? -3.154  1.972   1.658   1.00 8.17  ? 8   DC  B N3     1 
ATOM   538 C  C4     . DC  B 1 8  ? -3.486  3.250   1.441   1.00 7.91  ? 8   DC  B C4     1 
ATOM   539 N  N4     . DC  B 1 8  ? -3.565  3.670   0.179   1.00 8.41  ? 8   DC  B N4     1 
ATOM   540 C  C5     . DC  B 1 8  ? -3.771  4.140   2.514   1.00 8.42  ? 8   DC  B C5     1 
ATOM   541 C  C6     . DC  B 1 8  ? -3.690  3.657   3.751   1.00 9.20  ? 8   DC  B C6     1 
ATOM   542 H  "H5'"  . DC  B 1 8  ? -6.111  3.046   7.820   1.00 15.18 ? 8   DC  B "H5'"  1 
ATOM   543 H  "H5''" . DC  B 1 8  ? -5.105  3.789   8.784   1.00 15.18 ? 8   DC  B "H5''" 1 
ATOM   544 H  "H4'"  . DC  B 1 8  ? -4.047  1.935   7.952   1.00 13.86 ? 8   DC  B "H4'"  1 
ATOM   545 H  "H3'"  . DC  B 1 8  ? -2.956  4.278   6.823   1.00 13.21 ? 8   DC  B "H3'"  1 
ATOM   546 H  "H2'"  . DC  B 1 8  ? -1.545  3.034   5.561   1.00 12.60 ? 8   DC  B "H2'"  1 
ATOM   547 H  "H2''" . DC  B 1 8  ? -1.571  1.827   6.579   1.00 12.60 ? 8   DC  B "H2''" 1 
ATOM   548 H  "H1'"  . DC  B 1 8  ? -3.148  0.902   5.367   1.00 11.54 ? 8   DC  B "H1'"  1 
ATOM   549 H  H41    . DC  B 1 8  ? -3.777  4.487   0.010   1.00 10.09 ? 8   DC  B H41    1 
ATOM   550 H  H42    . DC  B 1 8  ? -3.405  3.126   -0.467  1.00 10.09 ? 8   DC  B H42    1 
ATOM   551 H  H5     . DC  B 1 8  ? -4.005  5.026   2.357   1.00 10.11 ? 8   DC  B H5     1 
ATOM   552 H  H6     . DC  B 1 8  ? -3.870  4.215   4.473   1.00 11.04 ? 8   DC  B H6     1 
ATOM   553 P  P      . DG  B 1 9  ? -1.607  4.815   8.989   1.00 12.26 ? 9   DG  B P      1 
ATOM   554 O  OP1    . DG  B 1 9  ? -2.588  5.178   10.029  1.00 17.13 ? 9   DG  B OP1    1 
ATOM   555 O  OP2    . DG  B 1 9  ? -1.288  5.784   7.923   1.00 14.37 ? 9   DG  B OP2    1 
ATOM   556 O  "O5'"  . DG  B 1 9  ? -0.231  4.443   9.681   1.00 13.70 ? 9   DG  B "O5'"  1 
ATOM   557 C  "C5'"  . DG  B 1 9  ? -0.193  3.470   10.694  1.00 13.02 ? 9   DG  B "C5'"  1 
ATOM   558 C  "C4'"  . DG  B 1 9  ? 0.987   2.546   10.492  1.00 11.06 ? 9   DG  B "C4'"  1 
ATOM   559 O  "O4'"  . DG  B 1 9  ? 0.723   1.636   9.393   1.00 11.13 ? 9   DG  B "O4'"  1 
ATOM   560 C  "C3'"  . DG  B 1 9  ? 2.275   3.245   10.120  1.00 9.97  ? 9   DG  B "C3'"  1 
ATOM   561 O  "O3'"  . DG  B 1 9  ? 2.960   3.684   11.275  1.00 11.41 ? 9   DG  B "O3'"  1 
ATOM   562 C  "C2'"  . DG  B 1 9  ? 3.025   2.174   9.355   1.00 10.19 ? 9   DG  B "C2'"  1 
ATOM   563 C  "C1'"  . DG  B 1 9  ? 1.903   1.447   8.624   1.00 9.41  ? 9   DG  B "C1'"  1 
ATOM   564 N  N9     . DG  B 1 9  ? 1.645   1.941   7.265   1.00 7.31  ? 9   DG  B N9     1 
ATOM   565 C  C8     . DG  B 1 9  ? 1.744   3.236   6.813   1.00 9.29  ? 9   DG  B C8     1 
ATOM   566 N  N7     . DG  B 1 9  ? 1.430   3.368   5.549   1.00 9.23  ? 9   DG  B N7     1 
ATOM   567 C  C5     . DG  B 1 9  ? 1.101   2.074   5.146   1.00 7.16  ? 9   DG  B C5     1 
ATOM   568 C  C6     . DG  B 1 9  ? 0.672   1.585   3.882   1.00 6.21  ? 9   DG  B C6     1 
ATOM   569 O  O6     . DG  B 1 9  ? 0.527   2.226   2.831   1.00 7.90  ? 9   DG  B O6     1 
ATOM   570 N  N1     . DG  B 1 9  ? 0.450   0.211   3.904   1.00 6.63  ? 9   DG  B N1     1 
ATOM   571 C  C2     . DG  B 1 9  ? 0.592   -0.580  5.021   1.00 7.41  ? 9   DG  B C2     1 
ATOM   572 N  N2     . DG  B 1 9  ? 0.293   -1.868  4.875   1.00 9.40  ? 9   DG  B N2     1 
ATOM   573 N  N3     . DG  B 1 9  ? 0.975   -0.136  6.204   1.00 6.99  ? 9   DG  B N3     1 
ATOM   574 C  C4     . DG  B 1 9  ? 1.218   1.192   6.194   1.00 7.34  ? 9   DG  B C4     1 
ATOM   575 H  "H5'"  . DG  B 1 9  ? -1.013  2.952   10.674  1.00 15.63 ? 9   DG  B "H5'"  1 
ATOM   576 H  "H5''" . DG  B 1 9  ? -0.116  3.906   11.557  1.00 15.63 ? 9   DG  B "H5''" 1 
ATOM   577 H  "H4'"  . DG  B 1 9  ? 1.118   2.026   11.301  1.00 13.27 ? 9   DG  B "H4'"  1 
ATOM   578 H  "H3'"  . DG  B 1 9  ? 2.100   4.004   9.542   1.00 11.96 ? 9   DG  B "H3'"  1 
ATOM   579 H  "H2'"  . DG  B 1 9  ? 3.657   2.563   8.731   1.00 12.23 ? 9   DG  B "H2'"  1 
ATOM   580 H  "H2''" . DG  B 1 9  ? 3.498   1.578   9.955   1.00 12.23 ? 9   DG  B "H2''" 1 
ATOM   581 H  "H1'"  . DG  B 1 9  ? 2.120   0.503   8.584   1.00 11.29 ? 9   DG  B "H1'"  1 
ATOM   582 H  H8     . DG  B 1 9  ? 2.008   3.947   7.351   1.00 11.15 ? 9   DG  B H8     1 
ATOM   583 H  H21    . DG  B 1 9  ? 0.349   -2.403  5.546   1.00 11.28 ? 9   DG  B H21    1 
ATOM   584 H  H22    . DG  B 1 9  ? 0.043   -2.166  4.108   1.00 11.28 ? 9   DG  B H22    1 
ATOM   585 P  P      . DA  B 1 10 ? 3.648   5.134   11.285  1.00 11.39 ? 10  DA  B P      1 
ATOM   586 O  OP1    . DA  B 1 10 ? 2.660   6.124   10.811  1.00 14.83 ? 10  DA  B OP1    1 
ATOM   587 O  OP2    . DA  B 1 10 ? 4.970   5.042   10.618  1.00 14.79 ? 10  DA  B OP2    1 
ATOM   588 O  "O5'"  . DA  B 1 10 ? 3.867   5.440   12.820  1.00 13.94 ? 10  DA  B "O5'"  1 
ATOM   589 C  "C5'"  . DA  B 1 10 ? 4.754   4.680   13.529  1.00 12.61 ? 10  DA  B "C5'"  1 
ATOM   590 C  "C4'"  . DA  B 1 10 ? 4.485   4.783   15.010  1.00 12.20 ? 10  DA  B "C4'"  1 
ATOM   591 O  "O4'"  . DA  B 1 10 ? 3.095   4.433   15.279  1.00 12.65 ? 10  DA  B "O4'"  1 
ATOM   592 C  "C3'"  . DA  B 1 10 ? 5.308   3.816   15.834  1.00 11.42 ? 10  DA  B "C3'"  1 
ATOM   593 O  "O3'"  . DA  B 1 10 ? 5.506   4.278   17.144  1.00 10.41 ? 10  DA  B "O3'"  1 
ATOM   594 C  "C2'"  . DA  B 1 10 ? 4.440   2.581   15.802  1.00 12.31 ? 10  DA  B "C2'"  1 
ATOM   595 C  "C1'"  . DA  B 1 10 ? 3.046   3.182   15.931  1.00 12.25 ? 10  DA  B "C1'"  1 
ATOM   596 N  N9     . DA  B 1 10 ? 2.007   2.355   15.331  1.00 13.04 ? 10  DA  B N9     1 
ATOM   597 C  C8     . DA  B 1 10 ? 1.747   2.165   14.000  1.00 15.80 ? 10  DA  B C8     1 
ATOM   598 N  N7     . DA  B 1 10 ? 0.758   1.324   13.771  1.00 15.85 ? 10  DA  B N7     1 
ATOM   599 C  C5     . DA  B 1 10 ? 0.353   0.936   15.041  1.00 15.11 ? 10  DA  B C5     1 
ATOM   600 C  C6     . DA  B 1 10 ? -0.653  0.057   15.503  1.00 14.95 ? 10  DA  B C6     1 
ATOM   601 N  N6     . DA  B 1 10 ? -1.474  -0.621  14.693  1.00 15.73 ? 10  DA  B N6     1 
ATOM   602 N  N1     . DA  B 1 10 ? -0.782  -0.097  16.835  1.00 12.10 ? 10  DA  B N1     1 
ATOM   603 C  C2     . DA  B 1 10 ? 0.043   0.576   17.647  1.00 12.33 ? 10  DA  B C2     1 
ATOM   604 N  N3     . DA  B 1 10 ? 1.013   1.428   17.331  1.00 10.30 ? 10  DA  B N3     1 
ATOM   605 C  C4     . DA  B 1 10 ? 1.117   1.563   16.007  1.00 13.20 ? 10  DA  B C4     1 
ATOM   606 H  "H5'"  . DA  B 1 10 ? 5.656   4.985   13.344  1.00 15.13 ? 10  DA  B "H5'"  1 
ATOM   607 H  "H5''" . DA  B 1 10 ? 4.672   3.754   13.253  1.00 15.13 ? 10  DA  B "H5''" 1 
ATOM   608 H  "H4'"  . DA  B 1 10 ? 4.636   5.693   15.312  1.00 14.64 ? 10  DA  B "H4'"  1 
ATOM   609 H  "H3'"  . DA  B 1 10 ? 6.169   3.665   15.413  1.00 13.70 ? 10  DA  B "H3'"  1 
ATOM   610 H  "HO3'" . DA  B 1 10 ? 6.274   4.509   17.396  1.00 12.49 ? 10  DA  B "HO3'" 1 
ATOM   611 H  "H2'"  . DA  B 1 10 ? 4.542   2.096   14.968  1.00 14.77 ? 10  DA  B "H2'"  1 
ATOM   612 H  "H2''" . DA  B 1 10 ? 4.641   1.986   16.541  1.00 14.77 ? 10  DA  B "H2''" 1 
ATOM   613 H  "H1'"  . DA  B 1 10 ? 2.830   3.328   16.864  1.00 14.70 ? 10  DA  B "H1'"  1 
ATOM   614 H  H8     . DA  B 1 10 ? 2.222   2.589   13.323  1.00 18.96 ? 10  DA  B H8     1 
ATOM   615 H  H61    . DA  B 1 10 ? -2.070  -1.145  15.025  1.00 18.88 ? 10  DA  B H61    1 
ATOM   616 H  H62    . DA  B 1 10 ? -1.405  -0.533  13.840  1.00 18.88 ? 10  DA  B H62    1 
ATOM   617 H  H2     . DA  B 1 10 ? -0.079  0.426   18.557  1.00 14.80 ? 10  DA  B H2     1 
HETATM 618 C  C1     . MPD C 2 .  ? -12.206 -7.618  4.230   1.00 13.57 ? 101 MPD A C1     1 
HETATM 619 C  C2     . MPD C 2 .  ? -11.186 -6.740  3.512   1.00 11.95 ? 101 MPD A C2     1 
HETATM 620 O  O2     . MPD C 2 .  ? -11.167 -7.027  2.136   1.00 9.28  ? 101 MPD A O2     1 
HETATM 621 C  CM     . MPD C 2 .  ? -11.595 -5.273  3.670   1.00 13.21 ? 101 MPD A CM     1 
HETATM 622 C  C3     . MPD C 2 .  ? -9.797  -6.905  4.145   1.00 13.76 ? 101 MPD A C3     1 
HETATM 623 C  C4     . MPD C 2 .  ? -9.072  -8.197  3.753   1.00 14.80 ? 101 MPD A C4     1 
HETATM 624 O  O4     . MPD C 2 .  ? -9.128  -8.444  2.372   1.00 14.03 ? 101 MPD A O4     1 
HETATM 625 C  C5     . MPD C 2 .  ? -7.600  -8.089  4.163   1.00 14.23 ? 101 MPD A C5     1 
HETATM 626 H  H11    . MPD C 2 .  ? -11.889 -8.653  4.180   1.00 16.28 ? 101 MPD A H11    1 
HETATM 627 H  H12    . MPD C 2 .  ? -13.173 -7.514  3.754   1.00 16.28 ? 101 MPD A H12    1 
HETATM 628 H  H13    . MPD C 2 .  ? -12.280 -7.314  5.266   1.00 16.28 ? 101 MPD A H13    1 
HETATM 629 H  HO2    . MPD C 2 .  ? -12.018 -7.326  1.864   1.00 11.13 ? 101 MPD A HO2    1 
HETATM 630 H  HM1    . MPD C 2 .  ? -11.178 -4.692  2.856   1.00 15.85 ? 101 MPD A HM1    1 
HETATM 631 H  HM2    . MPD C 2 .  ? -12.675 -5.195  3.653   1.00 15.85 ? 101 MPD A HM2    1 
HETATM 632 H  HM3    . MPD C 2 .  ? -11.221 -4.893  4.612   1.00 15.85 ? 101 MPD A HM3    1 
HETATM 633 H  H31    . MPD C 2 .  ? -9.912  -6.895  5.222   1.00 16.51 ? 101 MPD A H31    1 
HETATM 634 H  H32    . MPD C 2 .  ? -9.183  -6.068  3.840   1.00 16.51 ? 101 MPD A H32    1 
HETATM 635 H  H4     . MPD C 2 .  ? -9.566  -9.015  4.264   1.00 17.76 ? 101 MPD A H4     1 
HETATM 636 H  HO4    . MPD C 2 .  ? -9.214  -9.370  2.214   1.00 16.84 ? 101 MPD A HO4    1 
HETATM 637 H  H51    . MPD C 2 .  ? -7.075  -8.985  3.858   1.00 17.08 ? 101 MPD A H51    1 
HETATM 638 H  H52    . MPD C 2 .  ? -7.155  -7.227  3.681   1.00 17.08 ? 101 MPD A H52    1 
HETATM 639 H  H53    . MPD C 2 .  ? -7.532  -7.977  5.238   1.00 17.08 ? 101 MPD A H53    1 
HETATM 640 AG AG     . AG  D 3 .  ? 4.521   0.470   -0.373  1.00 6.99  ? 102 AG  A AG     1 
HETATM 641 AG AG     . AG  E 3 .  ? 1.882   -0.703  -0.499  1.00 6.87  ? 103 AG  A AG     1 
HETATM 642 AG AG     . AG  F 3 .  ? -0.907  -1.794  -0.474  1.00 7.24  ? 104 AG  A AG     1 
HETATM 643 AG AG     . AG  G 3 .  ? -3.808  -3.202  -0.976  1.00 7.55  ? 105 AG  A AG     1 
HETATM 644 AG AG     . AG  H 3 .  ? 2.519   1.913   -1.556  1.00 6.74  ? 106 AG  A AG     1 
HETATM 645 AG AG     . AG  I 3 .  ? -0.265  0.480   -1.867  1.00 6.88  ? 107 AG  A AG     1 
HETATM 646 AG AG     . AG  J 3 .  ? -3.271  -0.650  -1.715  1.00 7.40  ? 108 AG  A AG     1 
HETATM 647 AG AG     . AG  K 3 .  ? -5.946  -1.432  -1.607  1.00 7.83  ? 109 AG  A AG     1 
HETATM 648 AG AG     . AG  L 3 .  ? -1.184  -3.188  2.148   0.35 8.64  ? 110 AG  A AG     1 
HETATM 649 AG AG     . AG  M 3 .  ? 3.336   2.607   1.011   1.00 6.87  ? 101 AG  B AG     1 
HETATM 650 AG AG     . AG  N 3 .  ? 2.934   0.082   1.900   1.00 6.80  ? 102 AG  B AG     1 
HETATM 651 AG AG     . AG  O 3 .  ? -0.106  -0.671  1.864   1.00 7.14  ? 103 AG  B AG     1 
HETATM 652 AG AG     . AG  P 3 .  ? -5.750  -2.558  0.899   1.00 7.78  ? 104 AG  B AG     1 
HETATM 653 AG AG     . AG  Q 3 .  ? 0.775   1.600   0.576   1.00 6.53  ? 105 AG  B AG     1 
HETATM 654 AG AG     . AG  R 3 .  ? -1.913  0.734   0.279   1.00 6.88  ? 106 AG  B AG     1 
HETATM 655 AG AG     . AG  S 3 .  ? -4.957  0.107   0.463   1.00 7.41  ? 107 AG  B AG     1 
HETATM 656 AG AG     . AG  T 3 .  ? -3.113  -1.694  1.290   1.00 7.09  ? 108 AG  B AG     1 
HETATM 657 AG AG     . AG  U 3 .  ? -2.863  1.778   -2.338  0.33 8.00  ? 109 AG  B AG     1 
HETATM 658 AG AG     . AG  V 3 .  ? -3.394  -3.142  5.736   0.57 10.39 ? 110 AG  B AG     1 
HETATM 659 O  O      . HOH W 4 .  ? 7.085   -1.784  -8.934  1.00 21.72 ? 201 HOH A O      1 
HETATM 660 O  O      . HOH W 4 .  ? 6.158   -7.551  0.205   1.00 21.53 ? 202 HOH A O      1 
HETATM 661 O  O      . HOH W 4 .  ? -4.910  -10.815 1.018   1.00 17.90 ? 203 HOH A O      1 
HETATM 662 O  O      . HOH W 4 .  ? -6.733  -13.624 -1.208  1.00 13.44 ? 204 HOH A O      1 
HETATM 663 O  O      . HOH W 4 .  ? 6.530   -4.187  -4.294  1.00 14.77 ? 205 HOH A O      1 
HETATM 664 O  O      . HOH W 4 .  ? 0.702   -12.269 2.551   1.00 20.39 ? 206 HOH A O      1 
HETATM 665 O  O      . HOH W 4 .  ? 4.567   -11.066 6.128   1.00 17.53 ? 207 HOH A O      1 
HETATM 666 O  O      . HOH W 4 .  ? 7.065   6.196   -16.078 1.00 21.30 ? 208 HOH A O      1 
HETATM 667 O  O      . HOH W 4 .  ? 11.687  -0.175  -7.538  1.00 14.18 ? 209 HOH A O      1 
HETATM 668 O  O      . HOH W 4 .  ? 0.443   -10.256 -10.761 1.00 20.55 ? 210 HOH A O      1 
HETATM 669 O  O      . HOH W 4 .  ? 8.348   -6.308  -1.317  1.00 20.27 ? 211 HOH A O      1 
HETATM 670 O  O      . HOH W 4 .  ? 3.792   -7.661  -7.205  1.00 21.16 ? 212 HOH A O      1 
HETATM 671 O  O      . HOH W 4 .  ? -11.116 -6.326  -5.870  1.00 14.06 ? 213 HOH A O      1 
HETATM 672 O  O      . HOH W 4 .  ? -2.924  -7.714  -1.515  1.00 10.39 ? 214 HOH A O      1 
HETATM 673 O  O      . HOH W 4 .  ? -7.809  -1.307  -8.489  1.00 15.12 ? 215 HOH A O      1 
HETATM 674 O  O      . HOH W 4 .  ? 0.032   -7.863  0.241   1.00 16.30 ? 216 HOH A O      1 
HETATM 675 O  O      . HOH W 4 .  ? 4.193   -4.344  -5.339  1.00 17.79 ? 217 HOH A O      1 
HETATM 676 O  O      . HOH W 4 .  ? 3.677   -6.080  -3.484  1.00 17.33 ? 218 HOH A O      1 
HETATM 677 O  O      . HOH W 4 .  ? 13.215  0.106   2.270   1.00 17.09 ? 219 HOH A O      1 
HETATM 678 O  O      A HOH W 4 .  ? 1.398   -2.556  -17.491 0.57 13.08 ? 220 HOH A O      1 
HETATM 679 O  O      B HOH W 4 .  ? 0.134   -2.297  -16.926 0.43 12.26 ? 220 HOH A O      1 
HETATM 680 O  O      . HOH W 4 .  ? -8.650  -11.389 -4.733  1.00 18.88 ? 221 HOH A O      1 
HETATM 681 O  O      . HOH W 4 .  ? 9.913   -9.046  -0.565  1.00 22.50 ? 222 HOH A O      1 
HETATM 682 O  O      . HOH W 4 .  ? 7.639   -0.017  -20.092 1.00 19.43 ? 223 HOH A O      1 
HETATM 683 O  O      . HOH W 4 .  ? 0.496   -0.228  -14.251 1.00 21.81 ? 224 HOH A O      1 
HETATM 684 O  O      . HOH W 4 .  ? 5.698   -7.147  -2.565  1.00 24.35 ? 225 HOH A O      1 
HETATM 685 O  O      . HOH X 4 .  ? -8.148  8.668   6.023   1.00 18.69 ? 201 HOH B O      1 
HETATM 686 O  O      . HOH X 4 .  ? -1.954  12.738  -6.014  1.00 21.13 ? 202 HOH B O      1 
HETATM 687 O  O      . HOH X 4 .  ? 6.884   6.699   11.061  1.00 20.07 ? 203 HOH B O      1 
HETATM 688 O  O      . HOH X 4 .  ? 8.744   7.317   8.987   1.00 20.24 ? 204 HOH B O      1 
HETATM 689 O  O      . HOH X 4 .  ? -8.280  7.705   -7.005  1.00 15.44 ? 205 HOH B O      1 
HETATM 690 O  O      . HOH X 4 .  ? 6.491   0.869   9.430   1.00 21.04 ? 206 HOH B O      1 
HETATM 691 O  O      . HOH X 4 .  ? -7.937  -4.080  7.632   1.00 21.28 ? 207 HOH B O      1 
HETATM 692 O  O      . HOH X 4 .  ? -11.362 7.908   2.936   1.00 18.04 ? 208 HOH B O      1 
HETATM 693 O  O      . HOH X 4 .  ? -4.720  6.820   4.444   1.00 17.72 ? 209 HOH B O      1 
HETATM 694 O  O      . HOH X 4 .  ? -1.629  9.273   -0.819  1.00 18.21 ? 210 HOH B O      1 
HETATM 695 O  O      . HOH X 4 .  ? -8.127  4.259   -12.435 1.00 22.44 ? 211 HOH B O      1 
HETATM 696 O  O      . HOH X 4 .  ? -4.188  8.395   -1.367  1.00 15.96 ? 212 HOH B O      1 
HETATM 697 O  O      . HOH X 4 .  ? 7.845   11.440  -2.966  1.00 14.56 ? 213 HOH B O      1 
HETATM 698 O  O      . HOH X 4 .  ? -7.044  4.263   0.981   1.00 10.88 ? 214 HOH B O      1 
HETATM 699 O  O      . HOH X 4 .  ? -9.072  0.594   -10.033 1.00 24.06 ? 215 HOH B O      1 
HETATM 700 O  O      . HOH X 4 .  ? 7.158   6.433   17.221  1.00 17.25 ? 216 HOH B O      1 
HETATM 701 O  O      . HOH X 4 .  ? -7.697  0.833   8.319   1.00 19.24 ? 217 HOH B O      1 
HETATM 702 O  O      . HOH X 4 .  ? 2.200   10.623  1.721   1.00 21.03 ? 218 HOH B O      1 
HETATM 703 O  O      . HOH X 4 .  ? 5.611   12.033  3.417   1.00 18.11 ? 219 HOH B O      1 
HETATM 704 O  O      . HOH X 4 .  ? -2.092  13.098  -2.598  1.00 21.23 ? 220 HOH B O      1 
HETATM 705 O  O      . HOH X 4 .  ? -0.184  5.664   5.163   1.00 16.82 ? 221 HOH B O      1 
HETATM 706 O  O      . HOH X 4 .  ? -4.893  6.149   -0.343  1.00 13.95 ? 222 HOH B O      1 
HETATM 707 O  O      . HOH X 4 .  ? -5.407  7.682   10.250  1.00 23.59 ? 223 HOH B O      1 
HETATM 708 O  O      . HOH X 4 .  ? -14.055 4.490   3.104   1.00 17.65 ? 224 HOH B O      1 
HETATM 709 O  O      . HOH X 4 .  ? -0.924  7.153   3.329   1.00 17.15 ? 225 HOH B O      1 
HETATM 710 O  O      . HOH X 4 .  ? 1.743   6.323   8.012   1.00 16.17 ? 226 HOH B O      1 
HETATM 711 O  O      . HOH X 4 .  ? 2.325   -1.993  8.107   1.00 18.44 ? 227 HOH B O      1 
HETATM 712 O  O      . HOH X 4 .  ? 2.788   7.263   5.391   1.00 15.11 ? 228 HOH B O      1 
HETATM 713 O  O      . HOH X 4 .  ? -0.836  -0.318  11.672  1.00 23.69 ? 229 HOH B O      1 
HETATM 714 O  O      . HOH X 4 .  ? -0.910  -4.477  6.545   1.00 19.05 ? 230 HOH B O      1 
HETATM 715 O  O      A HOH X 4 .  ? 0.892   7.204   15.062  0.50 15.32 ? 231 HOH B O      1 
HETATM 716 O  O      B HOH X 4 .  ? -0.383  7.868   15.623  0.50 14.34 ? 231 HOH B O      1 
HETATM 717 O  O      . HOH X 4 .  ? -6.449  6.612   2.167   1.00 17.72 ? 232 HOH B O      1 
# 
loop_
_pdbx_poly_seq_scheme.asym_id 
_pdbx_poly_seq_scheme.entity_id 
_pdbx_poly_seq_scheme.seq_id 
_pdbx_poly_seq_scheme.mon_id 
_pdbx_poly_seq_scheme.ndb_seq_num 
_pdbx_poly_seq_scheme.pdb_seq_num 
_pdbx_poly_seq_scheme.auth_seq_num 
_pdbx_poly_seq_scheme.pdb_mon_id 
_pdbx_poly_seq_scheme.auth_mon_id 
_pdbx_poly_seq_scheme.pdb_strand_id 
_pdbx_poly_seq_scheme.pdb_ins_code 
_pdbx_poly_seq_scheme.hetero 
A 1 1  DC 1  1  1  DC DC A . n 
A 1 2  DA 2  2  2  DA DA A . n 
A 1 3  DC 3  3  3  DC DC A . n 
A 1 4  DC 4  4  4  DC DC A . n 
A 1 5  DT 5  5  5  DT DT A . n 
A 1 6  DA 6  6  6  DA DA A . n 
A 1 7  DI 7  7  7  DI DI A . n 
A 1 8  DC 8  8  8  DC DC A . n 
A 1 9  DG 9  9  9  DG DG A . n 
A 1 10 DA 10 10 10 DA DA A . n 
B 1 1  DC 1  1  1  DC DC B . n 
B 1 2  DA 2  2  2  DA DA B . n 
B 1 3  DC 3  3  3  DC DC B . n 
B 1 4  DC 4  4  4  DC DC B . n 
B 1 5  DT 5  5  5  DT DT B . n 
B 1 6  DA 6  6  6  DA DA B . n 
B 1 7  DI 7  7  7  DI DI B . n 
B 1 8  DC 8  8  8  DC DC B . n 
B 1 9  DG 9  9  9  DG DG B . n 
B 1 10 DA 10 10 10 DA DA B . n 
# 
_pdbx_contact_author.id                 2 
_pdbx_contact_author.email              j.kondo@sophia.ac.jp 
_pdbx_contact_author.name_first         Jiro 
_pdbx_contact_author.name_last          Kondo 
_pdbx_contact_author.name_mi            ? 
_pdbx_contact_author.role               'principal investigator/group leader' 
_pdbx_contact_author.identifier_ORCID   0000-0002-5682-3685 
# 
loop_
_pdbx_nonpoly_scheme.asym_id 
_pdbx_nonpoly_scheme.entity_id 
_pdbx_nonpoly_scheme.mon_id 
_pdbx_nonpoly_scheme.ndb_seq_num 
_pdbx_nonpoly_scheme.pdb_seq_num 
_pdbx_nonpoly_scheme.auth_seq_num 
_pdbx_nonpoly_scheme.pdb_mon_id 
_pdbx_nonpoly_scheme.auth_mon_id 
_pdbx_nonpoly_scheme.pdb_strand_id 
_pdbx_nonpoly_scheme.pdb_ins_code 
C 2 MPD 1  101 101 MPD MPD A . 
D 3 AG  1  102 101 AG  AG  A . 
E 3 AG  1  103 102 AG  AG  A . 
F 3 AG  1  104 103 AG  AG  A . 
G 3 AG  1  105 104 AG  AG  A . 
H 3 AG  1  106 105 AG  AG  A . 
I 3 AG  1  107 106 AG  AG  A . 
J 3 AG  1  108 107 AG  AG  A . 
K 3 AG  1  109 108 AG  AG  A . 
L 3 AG  1  110 109 AG  AG  A . 
M 3 AG  1  101 110 AG  AG  B . 
N 3 AG  1  102 111 AG  AG  B . 
O 3 AG  1  103 112 AG  AG  B . 
P 3 AG  1  104 113 AG  AG  B . 
Q 3 AG  1  105 114 AG  AG  B . 
R 3 AG  1  106 115 AG  AG  B . 
S 3 AG  1  107 116 AG  AG  B . 
T 3 AG  1  108 117 AG  AG  B . 
U 3 AG  1  109 118 AG  AG  B . 
V 3 AG  1  110 119 AG  AG  B . 
W 4 HOH 1  201 67  HOH HOH A . 
W 4 HOH 2  202 59  HOH HOH A . 
W 4 HOH 3  203 36  HOH HOH A . 
W 4 HOH 4  204 4   HOH HOH A . 
W 4 HOH 5  205 19  HOH HOH A . 
W 4 HOH 6  206 55  HOH HOH A . 
W 4 HOH 7  207 28  HOH HOH A . 
W 4 HOH 8  208 40  HOH HOH A . 
W 4 HOH 9  209 11  HOH HOH A . 
W 4 HOH 10 210 27  HOH HOH A . 
W 4 HOH 11 211 57  HOH HOH A . 
W 4 HOH 12 212 66  HOH HOH A . 
W 4 HOH 13 213 6   HOH HOH A . 
W 4 HOH 14 214 2   HOH HOH A . 
W 4 HOH 15 215 10  HOH HOH A . 
W 4 HOH 16 216 13  HOH HOH A . 
W 4 HOH 17 217 24  HOH HOH A . 
W 4 HOH 18 218 23  HOH HOH A . 
W 4 HOH 19 219 33  HOH HOH A . 
W 4 HOH 20 220 22  HOH HOH A . 
W 4 HOH 21 221 51  HOH HOH A . 
W 4 HOH 22 222 58  HOH HOH A . 
W 4 HOH 23 223 42  HOH HOH A . 
W 4 HOH 24 224 49  HOH HOH A . 
W 4 HOH 25 225 60  HOH HOH A . 
X 4 HOH 1  201 35  HOH HOH B . 
X 4 HOH 2  202 29  HOH HOH B . 
X 4 HOH 3  203 48  HOH HOH B . 
X 4 HOH 4  204 47  HOH HOH B . 
X 4 HOH 5  205 9   HOH HOH B . 
X 4 HOH 6  206 54  HOH HOH B . 
X 4 HOH 7  207 30  HOH HOH B . 
X 4 HOH 8  208 18  HOH HOH B . 
X 4 HOH 9  209 39  HOH HOH B . 
X 4 HOH 10 210 32  HOH HOH B . 
X 4 HOH 11 211 63  HOH HOH B . 
X 4 HOH 12 212 17  HOH HOH B . 
X 4 HOH 13 213 5   HOH HOH B . 
X 4 HOH 14 214 3   HOH HOH B . 
X 4 HOH 15 215 61  HOH HOH B . 
X 4 HOH 16 216 14  HOH HOH B . 
X 4 HOH 17 217 26  HOH HOH B . 
X 4 HOH 18 218 65  HOH HOH B . 
X 4 HOH 19 219 37  HOH HOH B . 
X 4 HOH 20 220 50  HOH HOH B . 
X 4 HOH 21 221 16  HOH HOH B . 
X 4 HOH 22 222 8   HOH HOH B . 
X 4 HOH 23 223 56  HOH HOH B . 
X 4 HOH 24 224 20  HOH HOH B . 
X 4 HOH 25 225 21  HOH HOH B . 
X 4 HOH 26 226 15  HOH HOH B . 
X 4 HOH 27 227 25  HOH HOH B . 
X 4 HOH 28 228 12  HOH HOH B . 
X 4 HOH 29 229 64  HOH HOH B . 
X 4 HOH 30 230 38  HOH HOH B . 
X 4 HOH 31 231 62  HOH HOH B . 
X 4 HOH 32 232 34  HOH HOH B . 
# 
_pdbx_struct_assembly.id                   1 
_pdbx_struct_assembly.details              author_and_software_defined_assembly 
_pdbx_struct_assembly.method_details       PISA 
_pdbx_struct_assembly.oligomeric_details   dimeric 
_pdbx_struct_assembly.oligomeric_count     2 
# 
_pdbx_struct_assembly_gen.assembly_id       1 
_pdbx_struct_assembly_gen.oper_expression   1 
_pdbx_struct_assembly_gen.asym_id_list      A,B,C,D,E,F,G,H,I,J,K,L,M,N,O,P,Q,R,S,T,U,V,W,X 
# 
loop_
_pdbx_struct_assembly_prop.biol_id 
_pdbx_struct_assembly_prop.type 
_pdbx_struct_assembly_prop.value 
_pdbx_struct_assembly_prop.details 
1 'ABSA (A^2)' 3460 ? 
1 MORE         -114 ? 
1 'SSA (A^2)'  3000 ? 
# 
_pdbx_struct_oper_list.id                   1 
_pdbx_struct_oper_list.type                 'identity operation' 
_pdbx_struct_oper_list.name                 1_555 
_pdbx_struct_oper_list.symmetry_operation   x,y,z 
_pdbx_struct_oper_list.matrix[1][1]         1.0000000000 
_pdbx_struct_oper_list.matrix[1][2]         0.0000000000 
_pdbx_struct_oper_list.matrix[1][3]         0.0000000000 
_pdbx_struct_oper_list.vector[1]            0.0000000000 
_pdbx_struct_oper_list.matrix[2][1]         0.0000000000 
_pdbx_struct_oper_list.matrix[2][2]         1.0000000000 
_pdbx_struct_oper_list.matrix[2][3]         0.0000000000 
_pdbx_struct_oper_list.vector[2]            0.0000000000 
_pdbx_struct_oper_list.matrix[3][1]         0.0000000000 
_pdbx_struct_oper_list.matrix[3][2]         0.0000000000 
_pdbx_struct_oper_list.matrix[3][3]         1.0000000000 
_pdbx_struct_oper_list.vector[3]            0.0000000000 
# 
loop_
_pdbx_struct_conn_angle.id 
_pdbx_struct_conn_angle.ptnr1_label_atom_id 
_pdbx_struct_conn_angle.ptnr1_label_alt_id 
_pdbx_struct_conn_angle.ptnr1_label_asym_id 
_pdbx_struct_conn_angle.ptnr1_label_comp_id 
_pdbx_struct_conn_angle.ptnr1_label_seq_id 
_pdbx_struct_conn_angle.ptnr1_auth_atom_id 
_pdbx_struct_conn_angle.ptnr1_auth_asym_id 
_pdbx_struct_conn_angle.ptnr1_auth_comp_id 
_pdbx_struct_conn_angle.ptnr1_auth_seq_id 
_pdbx_struct_conn_angle.ptnr1_PDB_ins_code 
_pdbx_struct_conn_angle.ptnr1_symmetry 
_pdbx_struct_conn_angle.ptnr2_label_atom_id 
_pdbx_struct_conn_angle.ptnr2_label_alt_id 
_pdbx_struct_conn_angle.ptnr2_label_asym_id 
_pdbx_struct_conn_angle.ptnr2_label_comp_id 
_pdbx_struct_conn_angle.ptnr2_label_seq_id 
_pdbx_struct_conn_angle.ptnr2_auth_atom_id 
_pdbx_struct_conn_angle.ptnr2_auth_asym_id 
_pdbx_struct_conn_angle.ptnr2_auth_comp_id 
_pdbx_struct_conn_angle.ptnr2_auth_seq_id 
_pdbx_struct_conn_angle.ptnr2_PDB_ins_code 
_pdbx_struct_conn_angle.ptnr2_symmetry 
_pdbx_struct_conn_angle.ptnr3_label_atom_id 
_pdbx_struct_conn_angle.ptnr3_label_alt_id 
_pdbx_struct_conn_angle.ptnr3_label_asym_id 
_pdbx_struct_conn_angle.ptnr3_label_comp_id 
_pdbx_struct_conn_angle.ptnr3_label_seq_id 
_pdbx_struct_conn_angle.ptnr3_auth_atom_id 
_pdbx_struct_conn_angle.ptnr3_auth_asym_id 
_pdbx_struct_conn_angle.ptnr3_auth_comp_id 
_pdbx_struct_conn_angle.ptnr3_auth_seq_id 
_pdbx_struct_conn_angle.ptnr3_PDB_ins_code 
_pdbx_struct_conn_angle.ptnr3_symmetry 
_pdbx_struct_conn_angle.value 
_pdbx_struct_conn_angle.value_esd 
1  O2  ? A DC 1 ? A DC 1 ? 1_555 AG ? D AG . ? A AG 102 ? 1_555 N3  ? A DC 3 ? A DC 3 ? 1_555 92.2  ? 
2  O2  ? A DC 1 ? A DC 1 ? 1_555 AG ? D AG . ? A AG 102 ? 1_555 N1  ? B DA 2 ? B DA 2 ? 1_555 84.3  ? 
3  N3  ? A DC 3 ? A DC 3 ? 1_555 AG ? D AG . ? A AG 102 ? 1_555 N1  ? B DA 2 ? B DA 2 ? 1_555 112.7 ? 
4  N3  ? A DC 1 ? A DC 1 ? 1_555 AG ? H AG . ? A AG 106 ? 1_555 O2  ? B DC 3 ? B DC 3 ? 1_555 82.1  ? 
5  N3  ? A DC 1 ? A DC 1 ? 1_555 AG ? H AG . ? A AG 106 ? 1_555 O2  ? B DC 4 ? B DC 4 ? 1_555 99.3  ? 
6  O2  ? B DC 3 ? B DC 3 ? 1_555 AG ? H AG . ? A AG 106 ? 1_555 O2  ? B DC 4 ? B DC 4 ? 1_555 79.4  ? 
7  N3  ? A DC 4 ? A DC 4 ? 1_555 AG ? E AG . ? A AG 103 ? 1_555 O6  ? A DG 9 ? A DG 9 ? 1_555 91.1  ? 
8  O2  ? A DC 4 ? A DC 4 ? 1_555 AG ? N AG . ? B AG 102 ? 1_555 N3  ? B DC 1 ? B DC 1 ? 1_555 100.3 ? 
9  O2  ? A DC 4 ? A DC 4 ? 1_555 AG ? O AG . ? B AG 103 ? 1_555 N1  ? B DG 9 ? B DG 9 ? 1_555 83.3  ? 
10 OP1 ? A DA 6 ? A DA 6 ? 1_555 AG ? G AG . ? A AG 105 ? 1_555 N7  ? A DI 7 ? A DI 7 ? 1_555 92.9  ? 
11 N7  ? A DA 6 ? A DA 6 ? 1_555 AG ? K AG . ? A AG 109 ? 1_555 O6  ? A DI 7 ? A DI 7 ? 1_555 92.9  ? 
12 N7  ? A DA 6 ? A DA 6 ? 1_555 AG ? K AG . ? A AG 109 ? 1_555 OP2 ? B DA 6 ? B DA 6 ? 1_555 94.8  ? 
13 O6  ? A DI 7 ? A DI 7 ? 1_555 AG ? K AG . ? A AG 109 ? 1_555 OP2 ? B DA 6 ? B DA 6 ? 1_555 82.7  ? 
14 OP2 ? A DA 6 ? A DA 6 ? 1_555 AG ? P AG . ? B AG 104 ? 1_555 N7  ? B DA 6 ? B DA 6 ? 1_555 90.3  ? 
15 OP2 ? A DA 6 ? A DA 6 ? 1_555 AG ? P AG . ? B AG 104 ? 1_555 O6  ? B DI 7 ? B DI 7 ? 1_555 82.9  ? 
16 N7  ? B DA 6 ? B DA 6 ? 1_555 AG ? P AG . ? B AG 104 ? 1_555 O6  ? B DI 7 ? B DI 7 ? 1_555 100.5 ? 
17 O6  ? A DI 7 ? A DI 7 ? 1_555 AG ? J AG . ? A AG 108 ? 1_555 O2  ? A DC 8 ? A DC 8 ? 1_555 76.4  ? 
18 N1  ? A DG 9 ? A DG 9 ? 1_555 AG ? I AG . ? A AG 107 ? 1_555 O2  ? B DC 4 ? B DC 4 ? 1_555 84.8  ? 
19 O2  ? B DC 1 ? B DC 1 ? 1_555 AG ? M AG . ? B AG 101 ? 1_555 N3  ? B DC 3 ? B DC 3 ? 1_555 95.3  ? 
20 N3  ? B DC 4 ? B DC 4 ? 1_555 AG ? Q AG . ? B AG 105 ? 1_555 O6  ? B DG 9 ? B DG 9 ? 1_555 89.4  ? 
21 OP1 ? B DA 6 ? B DA 6 ? 1_555 AG ? S AG . ? B AG 107 ? 1_555 N7  ? B DI 7 ? B DI 7 ? 1_555 88.9  ? 
# 
loop_
_pdbx_audit_revision_history.ordinal 
_pdbx_audit_revision_history.data_content_type 
_pdbx_audit_revision_history.major_revision 
_pdbx_audit_revision_history.minor_revision 
_pdbx_audit_revision_history.revision_date 
1 'Structure model' 1 0 2022-07-13 
2 'Structure model' 1 1 2022-10-05 
3 'Structure model' 1 2 2023-11-29 
# 
_pdbx_audit_revision_details.ordinal             1 
_pdbx_audit_revision_details.revision_ordinal    1 
_pdbx_audit_revision_details.data_content_type   'Structure model' 
_pdbx_audit_revision_details.provider            repository 
_pdbx_audit_revision_details.type                'Initial release' 
_pdbx_audit_revision_details.description         ? 
_pdbx_audit_revision_details.details             ? 
# 
loop_
_pdbx_audit_revision_group.ordinal 
_pdbx_audit_revision_group.revision_ordinal 
_pdbx_audit_revision_group.data_content_type 
_pdbx_audit_revision_group.group 
1 2 'Structure model' 'Database references'    
2 3 'Structure model' 'Data collection'        
3 3 'Structure model' 'Refinement description' 
# 
loop_
_pdbx_audit_revision_category.ordinal 
_pdbx_audit_revision_category.revision_ordinal 
_pdbx_audit_revision_category.data_content_type 
_pdbx_audit_revision_category.category 
1 2 'Structure model' citation                      
2 2 'Structure model' citation_author               
3 3 'Structure model' chem_comp_atom                
4 3 'Structure model' chem_comp_bond                
5 3 'Structure model' pdbx_initial_refinement_model 
# 
loop_
_pdbx_audit_revision_item.ordinal 
_pdbx_audit_revision_item.revision_ordinal 
_pdbx_audit_revision_item.data_content_type 
_pdbx_audit_revision_item.item 
1 2 'Structure model' '_citation.country'                 
2 2 'Structure model' '_citation.journal_abbrev'          
3 2 'Structure model' '_citation.journal_volume'          
4 2 'Structure model' '_citation.page_first'              
5 2 'Structure model' '_citation.page_last'               
6 2 'Structure model' '_citation.pdbx_database_id_DOI'    
7 2 'Structure model' '_citation.pdbx_database_id_PubMed' 
8 2 'Structure model' '_citation_author.identifier_ORCID' 
# 
loop_
_software.citation_id 
_software.classification 
_software.compiler_name 
_software.compiler_version 
_software.contact_author 
_software.contact_author_email 
_software.date 
_software.description 
_software.dependencies 
_software.hardware 
_software.language 
_software.location 
_software.mods 
_software.name 
_software.os 
_software.os_version 
_software.type 
_software.version 
_software.pdbx_ordinal 
? 'data scaling'    ? ? ? ? ? ? ? ? ? ? ? XSCALE      ? ? ? .      1 
? refinement        ? ? ? ? ? ? ? ? ? ? ? PHENIX      ? ? ? 1.17.1 2 
? 'data extraction' ? ? ? ? ? ? ? ? ? ? ? PDB_EXTRACT ? ? ? 3.27   3 
? phasing           ? ? ? ? ? ? ? ? ? ? ? PHASER      ? ? ? .      4 
? 'data reduction'  ? ? ? ? ? ? ? ? ? ? ? XDS         ? ? ? .      5 
# 
_pdbx_entry_details.entry_id                 7XLV 
_pdbx_entry_details.has_ligand_of_interest   Y 
_pdbx_entry_details.compound_details         ? 
_pdbx_entry_details.source_details           ? 
_pdbx_entry_details.nonpolymer_details       ? 
_pdbx_entry_details.sequence_details         ? 
# 
loop_
_pdbx_validate_rmsd_bond.id 
_pdbx_validate_rmsd_bond.PDB_model_num 
_pdbx_validate_rmsd_bond.auth_atom_id_1 
_pdbx_validate_rmsd_bond.auth_asym_id_1 
_pdbx_validate_rmsd_bond.auth_comp_id_1 
_pdbx_validate_rmsd_bond.auth_seq_id_1 
_pdbx_validate_rmsd_bond.PDB_ins_code_1 
_pdbx_validate_rmsd_bond.label_alt_id_1 
_pdbx_validate_rmsd_bond.auth_atom_id_2 
_pdbx_validate_rmsd_bond.auth_asym_id_2 
_pdbx_validate_rmsd_bond.auth_comp_id_2 
_pdbx_validate_rmsd_bond.auth_seq_id_2 
_pdbx_validate_rmsd_bond.PDB_ins_code_2 
_pdbx_validate_rmsd_bond.label_alt_id_2 
_pdbx_validate_rmsd_bond.bond_value 
_pdbx_validate_rmsd_bond.bond_target_value 
_pdbx_validate_rmsd_bond.bond_deviation 
_pdbx_validate_rmsd_bond.bond_standard_deviation 
_pdbx_validate_rmsd_bond.linker_flag 
1 1 "C2'" A DI 7 ? ? "C1'" A DI 7 ? ? 1.353 1.524 -0.171 0.020 N 
2 1 "O4'" A DI 7 ? ? "C1'" A DI 7 ? ? 1.567 1.410 0.157  0.020 N 
3 1 C5    A DI 7 ? ? C6    A DI 7 ? ? 1.528 1.390 0.138  0.020 N 
4 1 "C2'" B DI 7 ? ? "C1'" B DI 7 ? ? 1.361 1.524 -0.163 0.020 N 
5 1 "O4'" B DI 7 ? ? "C1'" B DI 7 ? ? 1.560 1.410 0.150  0.020 N 
6 1 C5    B DI 7 ? ? C6    B DI 7 ? ? 1.532 1.390 0.142  0.020 N 
# 
_pdbx_validate_rmsd_angle.id                         1 
_pdbx_validate_rmsd_angle.PDB_model_num              1 
_pdbx_validate_rmsd_angle.auth_atom_id_1             "O4'" 
_pdbx_validate_rmsd_angle.auth_asym_id_1             A 
_pdbx_validate_rmsd_angle.auth_comp_id_1             DC 
_pdbx_validate_rmsd_angle.auth_seq_id_1              4 
_pdbx_validate_rmsd_angle.PDB_ins_code_1             ? 
_pdbx_validate_rmsd_angle.label_alt_id_1             ? 
_pdbx_validate_rmsd_angle.auth_atom_id_2             "C1'" 
_pdbx_validate_rmsd_angle.auth_asym_id_2             A 
_pdbx_validate_rmsd_angle.auth_comp_id_2             DC 
_pdbx_validate_rmsd_angle.auth_seq_id_2              4 
_pdbx_validate_rmsd_angle.PDB_ins_code_2             ? 
_pdbx_validate_rmsd_angle.label_alt_id_2             ? 
_pdbx_validate_rmsd_angle.auth_atom_id_3             N1 
_pdbx_validate_rmsd_angle.auth_asym_id_3             A 
_pdbx_validate_rmsd_angle.auth_comp_id_3             DC 
_pdbx_validate_rmsd_angle.auth_seq_id_3              4 
_pdbx_validate_rmsd_angle.PDB_ins_code_3             ? 
_pdbx_validate_rmsd_angle.label_alt_id_3             ? 
_pdbx_validate_rmsd_angle.angle_value                111.21 
_pdbx_validate_rmsd_angle.angle_target_value         108.30 
_pdbx_validate_rmsd_angle.angle_deviation            2.91 
_pdbx_validate_rmsd_angle.angle_standard_deviation   0.30 
_pdbx_validate_rmsd_angle.linker_flag                N 
# 
loop_
_chem_comp_atom.comp_id 
_chem_comp_atom.atom_id 
_chem_comp_atom.type_symbol 
_chem_comp_atom.pdbx_aromatic_flag 
_chem_comp_atom.pdbx_stereo_config 
_chem_comp_atom.pdbx_ordinal 
AG  AG     AG N N 1   
DA  OP3    O  N N 2   
DA  P      P  N N 3   
DA  OP1    O  N N 4   
DA  OP2    O  N N 5   
DA  "O5'"  O  N N 6   
DA  "C5'"  C  N N 7   
DA  "C4'"  C  N R 8   
DA  "O4'"  O  N N 9   
DA  "C3'"  C  N S 10  
DA  "O3'"  O  N N 11  
DA  "C2'"  C  N N 12  
DA  "C1'"  C  N R 13  
DA  N9     N  Y N 14  
DA  C8     C  Y N 15  
DA  N7     N  Y N 16  
DA  C5     C  Y N 17  
DA  C6     C  Y N 18  
DA  N6     N  N N 19  
DA  N1     N  Y N 20  
DA  C2     C  Y N 21  
DA  N3     N  Y N 22  
DA  C4     C  Y N 23  
DA  HOP3   H  N N 24  
DA  HOP2   H  N N 25  
DA  "H5'"  H  N N 26  
DA  "H5''" H  N N 27  
DA  "H4'"  H  N N 28  
DA  "H3'"  H  N N 29  
DA  "HO3'" H  N N 30  
DA  "H2'"  H  N N 31  
DA  "H2''" H  N N 32  
DA  "H1'"  H  N N 33  
DA  H8     H  N N 34  
DA  H61    H  N N 35  
DA  H62    H  N N 36  
DA  H2     H  N N 37  
DC  OP3    O  N N 38  
DC  P      P  N N 39  
DC  OP1    O  N N 40  
DC  OP2    O  N N 41  
DC  "O5'"  O  N N 42  
DC  "C5'"  C  N N 43  
DC  "C4'"  C  N R 44  
DC  "O4'"  O  N N 45  
DC  "C3'"  C  N S 46  
DC  "O3'"  O  N N 47  
DC  "C2'"  C  N N 48  
DC  "C1'"  C  N R 49  
DC  N1     N  N N 50  
DC  C2     C  N N 51  
DC  O2     O  N N 52  
DC  N3     N  N N 53  
DC  C4     C  N N 54  
DC  N4     N  N N 55  
DC  C5     C  N N 56  
DC  C6     C  N N 57  
DC  HOP3   H  N N 58  
DC  HOP2   H  N N 59  
DC  "H5'"  H  N N 60  
DC  "H5''" H  N N 61  
DC  "H4'"  H  N N 62  
DC  "H3'"  H  N N 63  
DC  "HO3'" H  N N 64  
DC  "H2'"  H  N N 65  
DC  "H2''" H  N N 66  
DC  "H1'"  H  N N 67  
DC  H41    H  N N 68  
DC  H42    H  N N 69  
DC  H5     H  N N 70  
DC  H6     H  N N 71  
DG  OP3    O  N N 72  
DG  P      P  N N 73  
DG  OP1    O  N N 74  
DG  OP2    O  N N 75  
DG  "O5'"  O  N N 76  
DG  "C5'"  C  N N 77  
DG  "C4'"  C  N R 78  
DG  "O4'"  O  N N 79  
DG  "C3'"  C  N S 80  
DG  "O3'"  O  N N 81  
DG  "C2'"  C  N N 82  
DG  "C1'"  C  N R 83  
DG  N9     N  Y N 84  
DG  C8     C  Y N 85  
DG  N7     N  Y N 86  
DG  C5     C  Y N 87  
DG  C6     C  N N 88  
DG  O6     O  N N 89  
DG  N1     N  N N 90  
DG  C2     C  N N 91  
DG  N2     N  N N 92  
DG  N3     N  N N 93  
DG  C4     C  Y N 94  
DG  HOP3   H  N N 95  
DG  HOP2   H  N N 96  
DG  "H5'"  H  N N 97  
DG  "H5''" H  N N 98  
DG  "H4'"  H  N N 99  
DG  "H3'"  H  N N 100 
DG  "HO3'" H  N N 101 
DG  "H2'"  H  N N 102 
DG  "H2''" H  N N 103 
DG  "H1'"  H  N N 104 
DG  H8     H  N N 105 
DG  H1     H  N N 106 
DG  H21    H  N N 107 
DG  H22    H  N N 108 
DI  OP3    O  N N 109 
DI  P      P  N N 110 
DI  OP1    O  N N 111 
DI  OP2    O  N N 112 
DI  "O5'"  O  N N 113 
DI  "C5'"  C  N N 114 
DI  "C4'"  C  N R 115 
DI  "O4'"  O  N N 116 
DI  "C3'"  C  N S 117 
DI  "O3'"  O  N N 118 
DI  "C2'"  C  N N 119 
DI  "C1'"  C  N R 120 
DI  N9     N  Y N 121 
DI  C8     C  Y N 122 
DI  N7     N  Y N 123 
DI  C5     C  Y N 124 
DI  C6     C  N N 125 
DI  O6     O  N N 126 
DI  N1     N  N N 127 
DI  C2     C  N N 128 
DI  N3     N  N N 129 
DI  C4     C  Y N 130 
DI  HOP3   H  N N 131 
DI  HOP2   H  N N 132 
DI  "H5'"  H  N N 133 
DI  "H5''" H  N N 134 
DI  "H4'"  H  N N 135 
DI  "H3'"  H  N N 136 
DI  "HO3'" H  N N 137 
DI  "H2'"  H  N N 138 
DI  "H2''" H  N N 139 
DI  "H1'"  H  N N 140 
DI  H8     H  N N 141 
DI  H1     H  N N 142 
DI  H2     H  N N 143 
DT  OP3    O  N N 144 
DT  P      P  N N 145 
DT  OP1    O  N N 146 
DT  OP2    O  N N 147 
DT  "O5'"  O  N N 148 
DT  "C5'"  C  N N 149 
DT  "C4'"  C  N R 150 
DT  "O4'"  O  N N 151 
DT  "C3'"  C  N S 152 
DT  "O3'"  O  N N 153 
DT  "C2'"  C  N N 154 
DT  "C1'"  C  N R 155 
DT  N1     N  N N 156 
DT  C2     C  N N 157 
DT  O2     O  N N 158 
DT  N3     N  N N 159 
DT  C4     C  N N 160 
DT  O4     O  N N 161 
DT  C5     C  N N 162 
DT  C7     C  N N 163 
DT  C6     C  N N 164 
DT  HOP3   H  N N 165 
DT  HOP2   H  N N 166 
DT  "H5'"  H  N N 167 
DT  "H5''" H  N N 168 
DT  "H4'"  H  N N 169 
DT  "H3'"  H  N N 170 
DT  "HO3'" H  N N 171 
DT  "H2'"  H  N N 172 
DT  "H2''" H  N N 173 
DT  "H1'"  H  N N 174 
DT  H3     H  N N 175 
DT  H71    H  N N 176 
DT  H72    H  N N 177 
DT  H73    H  N N 178 
DT  H6     H  N N 179 
HOH O      O  N N 180 
HOH H1     H  N N 181 
HOH H2     H  N N 182 
MPD C1     C  N N 183 
MPD C2     C  N N 184 
MPD O2     O  N N 185 
MPD CM     C  N N 186 
MPD C3     C  N N 187 
MPD C4     C  N S 188 
MPD O4     O  N N 189 
MPD C5     C  N N 190 
MPD H11    H  N N 191 
MPD H12    H  N N 192 
MPD H13    H  N N 193 
MPD HO2    H  N N 194 
MPD HM1    H  N N 195 
MPD HM2    H  N N 196 
MPD HM3    H  N N 197 
MPD H31    H  N N 198 
MPD H32    H  N N 199 
MPD H4     H  N N 200 
MPD HO4    H  N N 201 
MPD H51    H  N N 202 
MPD H52    H  N N 203 
MPD H53    H  N N 204 
# 
loop_
_chem_comp_bond.comp_id 
_chem_comp_bond.atom_id_1 
_chem_comp_bond.atom_id_2 
_chem_comp_bond.value_order 
_chem_comp_bond.pdbx_aromatic_flag 
_chem_comp_bond.pdbx_stereo_config 
_chem_comp_bond.pdbx_ordinal 
DA  OP3   P      sing N N 1   
DA  OP3   HOP3   sing N N 2   
DA  P     OP1    doub N N 3   
DA  P     OP2    sing N N 4   
DA  P     "O5'"  sing N N 5   
DA  OP2   HOP2   sing N N 6   
DA  "O5'" "C5'"  sing N N 7   
DA  "C5'" "C4'"  sing N N 8   
DA  "C5'" "H5'"  sing N N 9   
DA  "C5'" "H5''" sing N N 10  
DA  "C4'" "O4'"  sing N N 11  
DA  "C4'" "C3'"  sing N N 12  
DA  "C4'" "H4'"  sing N N 13  
DA  "O4'" "C1'"  sing N N 14  
DA  "C3'" "O3'"  sing N N 15  
DA  "C3'" "C2'"  sing N N 16  
DA  "C3'" "H3'"  sing N N 17  
DA  "O3'" "HO3'" sing N N 18  
DA  "C2'" "C1'"  sing N N 19  
DA  "C2'" "H2'"  sing N N 20  
DA  "C2'" "H2''" sing N N 21  
DA  "C1'" N9     sing N N 22  
DA  "C1'" "H1'"  sing N N 23  
DA  N9    C8     sing Y N 24  
DA  N9    C4     sing Y N 25  
DA  C8    N7     doub Y N 26  
DA  C8    H8     sing N N 27  
DA  N7    C5     sing Y N 28  
DA  C5    C6     sing Y N 29  
DA  C5    C4     doub Y N 30  
DA  C6    N6     sing N N 31  
DA  C6    N1     doub Y N 32  
DA  N6    H61    sing N N 33  
DA  N6    H62    sing N N 34  
DA  N1    C2     sing Y N 35  
DA  C2    N3     doub Y N 36  
DA  C2    H2     sing N N 37  
DA  N3    C4     sing Y N 38  
DC  OP3   P      sing N N 39  
DC  OP3   HOP3   sing N N 40  
DC  P     OP1    doub N N 41  
DC  P     OP2    sing N N 42  
DC  P     "O5'"  sing N N 43  
DC  OP2   HOP2   sing N N 44  
DC  "O5'" "C5'"  sing N N 45  
DC  "C5'" "C4'"  sing N N 46  
DC  "C5'" "H5'"  sing N N 47  
DC  "C5'" "H5''" sing N N 48  
DC  "C4'" "O4'"  sing N N 49  
DC  "C4'" "C3'"  sing N N 50  
DC  "C4'" "H4'"  sing N N 51  
DC  "O4'" "C1'"  sing N N 52  
DC  "C3'" "O3'"  sing N N 53  
DC  "C3'" "C2'"  sing N N 54  
DC  "C3'" "H3'"  sing N N 55  
DC  "O3'" "HO3'" sing N N 56  
DC  "C2'" "C1'"  sing N N 57  
DC  "C2'" "H2'"  sing N N 58  
DC  "C2'" "H2''" sing N N 59  
DC  "C1'" N1     sing N N 60  
DC  "C1'" "H1'"  sing N N 61  
DC  N1    C2     sing N N 62  
DC  N1    C6     sing N N 63  
DC  C2    O2     doub N N 64  
DC  C2    N3     sing N N 65  
DC  N3    C4     doub N N 66  
DC  C4    N4     sing N N 67  
DC  C4    C5     sing N N 68  
DC  N4    H41    sing N N 69  
DC  N4    H42    sing N N 70  
DC  C5    C6     doub N N 71  
DC  C5    H5     sing N N 72  
DC  C6    H6     sing N N 73  
DG  OP3   P      sing N N 74  
DG  OP3   HOP3   sing N N 75  
DG  P     OP1    doub N N 76  
DG  P     OP2    sing N N 77  
DG  P     "O5'"  sing N N 78  
DG  OP2   HOP2   sing N N 79  
DG  "O5'" "C5'"  sing N N 80  
DG  "C5'" "C4'"  sing N N 81  
DG  "C5'" "H5'"  sing N N 82  
DG  "C5'" "H5''" sing N N 83  
DG  "C4'" "O4'"  sing N N 84  
DG  "C4'" "C3'"  sing N N 85  
DG  "C4'" "H4'"  sing N N 86  
DG  "O4'" "C1'"  sing N N 87  
DG  "C3'" "O3'"  sing N N 88  
DG  "C3'" "C2'"  sing N N 89  
DG  "C3'" "H3'"  sing N N 90  
DG  "O3'" "HO3'" sing N N 91  
DG  "C2'" "C1'"  sing N N 92  
DG  "C2'" "H2'"  sing N N 93  
DG  "C2'" "H2''" sing N N 94  
DG  "C1'" N9     sing N N 95  
DG  "C1'" "H1'"  sing N N 96  
DG  N9    C8     sing Y N 97  
DG  N9    C4     sing Y N 98  
DG  C8    N7     doub Y N 99  
DG  C8    H8     sing N N 100 
DG  N7    C5     sing Y N 101 
DG  C5    C6     sing N N 102 
DG  C5    C4     doub Y N 103 
DG  C6    O6     doub N N 104 
DG  C6    N1     sing N N 105 
DG  N1    C2     sing N N 106 
DG  N1    H1     sing N N 107 
DG  C2    N2     sing N N 108 
DG  C2    N3     doub N N 109 
DG  N2    H21    sing N N 110 
DG  N2    H22    sing N N 111 
DG  N3    C4     sing N N 112 
DI  OP3   P      sing N N 113 
DI  OP3   HOP3   sing N N 114 
DI  P     OP1    doub N N 115 
DI  P     OP2    sing N N 116 
DI  P     "O5'"  sing N N 117 
DI  OP2   HOP2   sing N N 118 
DI  "O5'" "C5'"  sing N N 119 
DI  "C5'" "C4'"  sing N N 120 
DI  "C5'" "H5'"  sing N N 121 
DI  "C5'" "H5''" sing N N 122 
DI  "C4'" "O4'"  sing N N 123 
DI  "C4'" "C3'"  sing N N 124 
DI  "C4'" "H4'"  sing N N 125 
DI  "O4'" "C1'"  sing N N 126 
DI  "C3'" "O3'"  sing N N 127 
DI  "C3'" "C2'"  sing N N 128 
DI  "C3'" "H3'"  sing N N 129 
DI  "O3'" "HO3'" sing N N 130 
DI  "C2'" "C1'"  sing N N 131 
DI  "C2'" "H2'"  sing N N 132 
DI  "C2'" "H2''" sing N N 133 
DI  "C1'" N9     sing N N 134 
DI  "C1'" "H1'"  sing N N 135 
DI  N9    C8     sing Y N 136 
DI  N9    C4     sing Y N 137 
DI  C8    N7     doub Y N 138 
DI  C8    H8     sing N N 139 
DI  N7    C5     sing Y N 140 
DI  C5    C6     sing N N 141 
DI  C5    C4     doub Y N 142 
DI  C6    O6     doub N N 143 
DI  C6    N1     sing N N 144 
DI  N1    C2     sing N N 145 
DI  N1    H1     sing N N 146 
DI  C2    N3     doub N N 147 
DI  C2    H2     sing N N 148 
DI  N3    C4     sing N N 149 
DT  OP3   P      sing N N 150 
DT  OP3   HOP3   sing N N 151 
DT  P     OP1    doub N N 152 
DT  P     OP2    sing N N 153 
DT  P     "O5'"  sing N N 154 
DT  OP2   HOP2   sing N N 155 
DT  "O5'" "C5'"  sing N N 156 
DT  "C5'" "C4'"  sing N N 157 
DT  "C5'" "H5'"  sing N N 158 
DT  "C5'" "H5''" sing N N 159 
DT  "C4'" "O4'"  sing N N 160 
DT  "C4'" "C3'"  sing N N 161 
DT  "C4'" "H4'"  sing N N 162 
DT  "O4'" "C1'"  sing N N 163 
DT  "C3'" "O3'"  sing N N 164 
DT  "C3'" "C2'"  sing N N 165 
DT  "C3'" "H3'"  sing N N 166 
DT  "O3'" "HO3'" sing N N 167 
DT  "C2'" "C1'"  sing N N 168 
DT  "C2'" "H2'"  sing N N 169 
DT  "C2'" "H2''" sing N N 170 
DT  "C1'" N1     sing N N 171 
DT  "C1'" "H1'"  sing N N 172 
DT  N1    C2     sing N N 173 
DT  N1    C6     sing N N 174 
DT  C2    O2     doub N N 175 
DT  C2    N3     sing N N 176 
DT  N3    C4     sing N N 177 
DT  N3    H3     sing N N 178 
DT  C4    O4     doub N N 179 
DT  C4    C5     sing N N 180 
DT  C5    C7     sing N N 181 
DT  C5    C6     doub N N 182 
DT  C7    H71    sing N N 183 
DT  C7    H72    sing N N 184 
DT  C7    H73    sing N N 185 
DT  C6    H6     sing N N 186 
HOH O     H1     sing N N 187 
HOH O     H2     sing N N 188 
MPD C1    C2     sing N N 189 
MPD C1    H11    sing N N 190 
MPD C1    H12    sing N N 191 
MPD C1    H13    sing N N 192 
MPD C2    O2     sing N N 193 
MPD C2    CM     sing N N 194 
MPD C2    C3     sing N N 195 
MPD O2    HO2    sing N N 196 
MPD CM    HM1    sing N N 197 
MPD CM    HM2    sing N N 198 
MPD CM    HM3    sing N N 199 
MPD C3    C4     sing N N 200 
MPD C3    H31    sing N N 201 
MPD C3    H32    sing N N 202 
MPD C4    O4     sing N N 203 
MPD C4    C5     sing N N 204 
MPD C4    H4     sing N N 205 
MPD O4    HO4    sing N N 206 
MPD C5    H51    sing N N 207 
MPD C5    H52    sing N N 208 
MPD C5    H53    sing N N 209 
# 
_ndb_struct_conf_na.entry_id   7XLV 
_ndb_struct_conf_na.feature    'double helix' 
# 
loop_
_ndb_struct_na_base_pair.model_number 
_ndb_struct_na_base_pair.i_label_asym_id 
_ndb_struct_na_base_pair.i_label_comp_id 
_ndb_struct_na_base_pair.i_label_seq_id 
_ndb_struct_na_base_pair.i_symmetry 
_ndb_struct_na_base_pair.j_label_asym_id 
_ndb_struct_na_base_pair.j_label_comp_id 
_ndb_struct_na_base_pair.j_label_seq_id 
_ndb_struct_na_base_pair.j_symmetry 
_ndb_struct_na_base_pair.shear 
_ndb_struct_na_base_pair.stretch 
_ndb_struct_na_base_pair.stagger 
_ndb_struct_na_base_pair.buckle 
_ndb_struct_na_base_pair.propeller 
_ndb_struct_na_base_pair.opening 
_ndb_struct_na_base_pair.pair_number 
_ndb_struct_na_base_pair.pair_name 
_ndb_struct_na_base_pair.i_auth_asym_id 
_ndb_struct_na_base_pair.i_auth_seq_id 
_ndb_struct_na_base_pair.i_PDB_ins_code 
_ndb_struct_na_base_pair.j_auth_asym_id 
_ndb_struct_na_base_pair.j_auth_seq_id 
_ndb_struct_na_base_pair.j_PDB_ins_code 
_ndb_struct_na_base_pair.hbond_type_28 
_ndb_struct_na_base_pair.hbond_type_12 
1 A DC 1 1_555 B DC 4 1_555 -1.333 3.276  -0.165 -20.336 -34.168 86.966   1 A_DC1:DC4_B A 1 ? B 4 ? ? ? 
1 B DC 1 1_555 B DC 3 1_555 1.512  -3.092 0.719  -36.427 19.586  -86.171  2 B_DC1:DC3_B B 1 ? B 3 ? ? ? 
1 A DC 3 1_555 B DA 2 1_555 1.243  -1.879 0.630  22.603  28.658  -124.369 3 A_DC3:DA2_B A 3 ? B 2 ? ? ? 
1 A DT 5 1_555 B DA 6 1_555 3.358  -3.932 0.649  -27.785 -10.989 -72.587  4 A_DT5:DA6_B A 5 ? B 6 ? ? ? 
1 A DA 6 1_555 B DT 5 1_555 -3.016 3.611  0.664  23.459  25.585  73.507   5 A_DA6:DT5_B A 6 ? B 5 ? ? ? 
# 
loop_
_ndb_struct_na_base_pair_step.model_number 
_ndb_struct_na_base_pair_step.i_label_asym_id_1 
_ndb_struct_na_base_pair_step.i_label_comp_id_1 
_ndb_struct_na_base_pair_step.i_label_seq_id_1 
_ndb_struct_na_base_pair_step.i_symmetry_1 
_ndb_struct_na_base_pair_step.j_label_asym_id_1 
_ndb_struct_na_base_pair_step.j_label_comp_id_1 
_ndb_struct_na_base_pair_step.j_label_seq_id_1 
_ndb_struct_na_base_pair_step.j_symmetry_1 
_ndb_struct_na_base_pair_step.i_label_asym_id_2 
_ndb_struct_na_base_pair_step.i_label_comp_id_2 
_ndb_struct_na_base_pair_step.i_label_seq_id_2 
_ndb_struct_na_base_pair_step.i_symmetry_2 
_ndb_struct_na_base_pair_step.j_label_asym_id_2 
_ndb_struct_na_base_pair_step.j_label_comp_id_2 
_ndb_struct_na_base_pair_step.j_label_seq_id_2 
_ndb_struct_na_base_pair_step.j_symmetry_2 
_ndb_struct_na_base_pair_step.shift 
_ndb_struct_na_base_pair_step.slide 
_ndb_struct_na_base_pair_step.rise 
_ndb_struct_na_base_pair_step.tilt 
_ndb_struct_na_base_pair_step.roll 
_ndb_struct_na_base_pair_step.twist 
_ndb_struct_na_base_pair_step.x_displacement 
_ndb_struct_na_base_pair_step.y_displacement 
_ndb_struct_na_base_pair_step.helical_rise 
_ndb_struct_na_base_pair_step.inclination 
_ndb_struct_na_base_pair_step.tip 
_ndb_struct_na_base_pair_step.helical_twist 
_ndb_struct_na_base_pair_step.step_number 
_ndb_struct_na_base_pair_step.step_name 
_ndb_struct_na_base_pair_step.i_auth_asym_id_1 
_ndb_struct_na_base_pair_step.i_auth_seq_id_1 
_ndb_struct_na_base_pair_step.i_PDB_ins_code_1 
_ndb_struct_na_base_pair_step.j_auth_asym_id_1 
_ndb_struct_na_base_pair_step.j_auth_seq_id_1 
_ndb_struct_na_base_pair_step.j_PDB_ins_code_1 
_ndb_struct_na_base_pair_step.i_auth_asym_id_2 
_ndb_struct_na_base_pair_step.i_auth_seq_id_2 
_ndb_struct_na_base_pair_step.i_PDB_ins_code_2 
_ndb_struct_na_base_pair_step.j_auth_asym_id_2 
_ndb_struct_na_base_pair_step.j_auth_seq_id_2 
_ndb_struct_na_base_pair_step.j_PDB_ins_code_2 
1 A DC 1 1_555 B DC 4 1_555 B DC 1 1_555 B DC 3 1_555 1.529  -2.587 -0.771 -31.889 40.312 -101.330 1.617 0.964  0.270  -25.012 
-19.785 -110.339 1 AB_DC1DC1:DC3DC4_BB A 1 ? B 4 ? B 1 ? B 3 ? 
1 B DC 1 1_555 B DC 3 1_555 A DC 3 1_555 B DA 2 1_555 -0.912 -1.730 -3.183 1.670   4.753  -71.284  1.636 -0.835 -3.059 -4.073  
1.431   -71.439  2 BA_DC1DC3:DA2DC3_BB B 1 ? B 3 ? A 3 ? B 2 ? 
# 
_pdbx_audit_support.funding_organization   'Danish Council for Independent Research' 
_pdbx_audit_support.country                Denmark 
_pdbx_audit_support.grant_number           0136-00024B 
_pdbx_audit_support.ordinal                1 
# 
_pdbx_entity_instance_feature.ordinal        1 
_pdbx_entity_instance_feature.comp_id        AG 
_pdbx_entity_instance_feature.asym_id        ? 
_pdbx_entity_instance_feature.seq_num        ? 
_pdbx_entity_instance_feature.auth_comp_id   AG 
_pdbx_entity_instance_feature.auth_asym_id   ? 
_pdbx_entity_instance_feature.auth_seq_num   ? 
_pdbx_entity_instance_feature.feature_type   'SUBJECT OF INVESTIGATION' 
_pdbx_entity_instance_feature.details        ? 
# 
loop_
_pdbx_entity_nonpoly.entity_id 
_pdbx_entity_nonpoly.name 
_pdbx_entity_nonpoly.comp_id 
2 '(4S)-2-METHYL-2,4-PENTANEDIOL' MPD 
3 'SILVER ION'                    AG  
4 water                           HOH 
# 
_pdbx_initial_refinement_model.id               1 
_pdbx_initial_refinement_model.entity_id_list   ? 
_pdbx_initial_refinement_model.type             'experimental model' 
_pdbx_initial_refinement_model.source_name      PDB 
_pdbx_initial_refinement_model.accession_code   6JR4 
_pdbx_initial_refinement_model.details          ? 
# 
_pdbx_struct_assembly_auth_evidence.id                     1 
_pdbx_struct_assembly_auth_evidence.assembly_id            1 
_pdbx_struct_assembly_auth_evidence.experimental_support   none 
_pdbx_struct_assembly_auth_evidence.details                ? 
# 
